data_2I6P
# 
_entry.id   2I6P 
# 
_audit_conform.dict_name       mmcif_pdbx.dic 
_audit_conform.dict_version    5.380 
_audit_conform.dict_location   http://mmcif.pdb.org/dictionaries/ascii/mmcif_pdbx.dic 
# 
loop_
_database_2.database_id 
_database_2.database_code 
_database_2.pdbx_database_accession 
_database_2.pdbx_DOI 
PDB   2I6P         pdb_00002i6p 10.2210/pdb2i6p/pdb 
RCSB  RCSB039205   ?            ?                   
WWPDB D_1000039205 ?            ?                   
# 
loop_
_pdbx_database_related.db_name 
_pdbx_database_related.db_id 
_pdbx_database_related.details 
_pdbx_database_related.content_type 
PDB 2DXP 'the same protein with phosphopeptides A-(p)Y-R'     unspecified 
PDB 2I6I 'the same protein'                                   unspecified 
PDB 2I6J 'the same protein with phosphate ion'                unspecified 
PDB 2I6M 'the same protein with Tungstate'                    unspecified 
PDB 2I6O 'the same protein with phosphopeptides N-G-(p)Y-K-N' unspecified 
# 
_pdbx_database_status.status_code                     REL 
_pdbx_database_status.entry_id                        2I6P 
_pdbx_database_status.recvd_initial_deposition_date   2006-08-29 
_pdbx_database_status.deposit_site                    RCSB 
_pdbx_database_status.process_site                    PDBJ 
_pdbx_database_status.status_code_sf                  REL 
_pdbx_database_status.status_code_mr                  ? 
_pdbx_database_status.SG_entry                        ? 
_pdbx_database_status.pdb_format_compatible           Y 
_pdbx_database_status.status_code_cs                  ? 
_pdbx_database_status.status_code_nmr_data            ? 
_pdbx_database_status.methods_development_category    ? 
# 
loop_
_audit_author.name 
_audit_author.pdbx_ordinal 
'Chu, H.M.'    1 
'Wang, A.H.J.' 2 
# 
_citation.id                        primary 
_citation.title                     
;Enzyme-substrate interactions revealed by the crystal structures of the archaeal Sulfolobus PTP-fold phosphatase and its phosphopeptide complexes
;
_citation.journal_abbrev            Proteins 
_citation.journal_volume            66 
_citation.page_first                996 
_citation.page_last                 1003 
_citation.year                      2006 
_citation.journal_id_ASTM           PSFGEY 
_citation.country                   US 
_citation.journal_id_ISSN           0887-3585 
_citation.journal_id_CSD            0867 
_citation.book_publisher            ? 
_citation.pdbx_database_id_PubMed   17173287 
_citation.pdbx_database_id_DOI      10.1002/prot.21262 
# 
loop_
_citation_author.citation_id 
_citation_author.name 
_citation_author.ordinal 
_citation_author.identifier_ORCID 
primary 'Chu, H.M.'    1 ? 
primary 'Wang, A.H.J.' 2 ? 
# 
_cell.entry_id           2I6P 
_cell.length_a           34.200 
_cell.length_b           57.652 
_cell.length_c           42.517 
_cell.angle_alpha        90.00 
_cell.angle_beta         92.87 
_cell.angle_gamma        90.00 
_cell.Z_PDB              2 
_cell.pdbx_unique_axis   ? 
_cell.length_a_esd       ? 
_cell.length_b_esd       ? 
_cell.length_c_esd       ? 
_cell.angle_alpha_esd    ? 
_cell.angle_beta_esd     ? 
_cell.angle_gamma_esd    ? 
# 
_symmetry.entry_id                         2I6P 
_symmetry.space_group_name_H-M             'P 1 21 1' 
_symmetry.pdbx_full_space_group_name_H-M   ? 
_symmetry.cell_setting                     ? 
_symmetry.Int_Tables_number                4 
_symmetry.space_group_name_Hall            ? 
# 
loop_
_entity.id 
_entity.type 
_entity.src_method 
_entity.pdbx_description 
_entity.formula_weight 
_entity.pdbx_number_of_molecules 
_entity.pdbx_ec 
_entity.pdbx_mutation 
_entity.pdbx_fragment 
_entity.details 
1 polymer     man 'Sulfolobus solfataricus protein tyrosine phosphatase' 18417.100 1  3.1.3.48 C96S ? ? 
2 non-polymer syn '4-NITROPHENYL PHOSPHATE'                              219.089   1  ?        ?    ? ? 
3 water       nat water                                                  18.015    32 ?        ?    ? ? 
# 
_entity_name_com.entity_id   1 
_entity_name_com.name        SsoPTP 
# 
_entity_poly.entity_id                      1 
_entity_poly.type                           'polypeptide(L)' 
_entity_poly.nstd_linkage                   no 
_entity_poly.nstd_monomer                   no 
_entity_poly.pdbx_seq_one_letter_code       
;MYWVRRKTIGGSGLPYTENEILEWRKEGVKRVLVLPEDWEIEESWGDKDYYLSILKKNGLQPLHIPIPDGGVPSDSQFLT
IMKWLLSEKEGNLVHSVGGIGRTGTILASYLILTEGLEVESAIDEVRLVRPGAVQTYEQEMFLLRVEGMRKSWLKNIYSN
S
;
_entity_poly.pdbx_seq_one_letter_code_can   
;MYWVRRKTIGGSGLPYTENEILEWRKEGVKRVLVLPEDWEIEESWGDKDYYLSILKKNGLQPLHIPIPDGGVPSDSQFLT
IMKWLLSEKEGNLVHSVGGIGRTGTILASYLILTEGLEVESAIDEVRLVRPGAVQTYEQEMFLLRVEGMRKSWLKNIYSN
S
;
_entity_poly.pdbx_strand_id                 A 
_entity_poly.pdbx_target_identifier         ? 
# 
loop_
_entity_poly_seq.entity_id 
_entity_poly_seq.num 
_entity_poly_seq.mon_id 
_entity_poly_seq.hetero 
1 1   MET n 
1 2   TYR n 
1 3   TRP n 
1 4   VAL n 
1 5   ARG n 
1 6   ARG n 
1 7   LYS n 
1 8   THR n 
1 9   ILE n 
1 10  GLY n 
1 11  GLY n 
1 12  SER n 
1 13  GLY n 
1 14  LEU n 
1 15  PRO n 
1 16  TYR n 
1 17  THR n 
1 18  GLU n 
1 19  ASN n 
1 20  GLU n 
1 21  ILE n 
1 22  LEU n 
1 23  GLU n 
1 24  TRP n 
1 25  ARG n 
1 26  LYS n 
1 27  GLU n 
1 28  GLY n 
1 29  VAL n 
1 30  LYS n 
1 31  ARG n 
1 32  VAL n 
1 33  LEU n 
1 34  VAL n 
1 35  LEU n 
1 36  PRO n 
1 37  GLU n 
1 38  ASP n 
1 39  TRP n 
1 40  GLU n 
1 41  ILE n 
1 42  GLU n 
1 43  GLU n 
1 44  SER n 
1 45  TRP n 
1 46  GLY n 
1 47  ASP n 
1 48  LYS n 
1 49  ASP n 
1 50  TYR n 
1 51  TYR n 
1 52  LEU n 
1 53  SER n 
1 54  ILE n 
1 55  LEU n 
1 56  LYS n 
1 57  LYS n 
1 58  ASN n 
1 59  GLY n 
1 60  LEU n 
1 61  GLN n 
1 62  PRO n 
1 63  LEU n 
1 64  HIS n 
1 65  ILE n 
1 66  PRO n 
1 67  ILE n 
1 68  PRO n 
1 69  ASP n 
1 70  GLY n 
1 71  GLY n 
1 72  VAL n 
1 73  PRO n 
1 74  SER n 
1 75  ASP n 
1 76  SER n 
1 77  GLN n 
1 78  PHE n 
1 79  LEU n 
1 80  THR n 
1 81  ILE n 
1 82  MET n 
1 83  LYS n 
1 84  TRP n 
1 85  LEU n 
1 86  LEU n 
1 87  SER n 
1 88  GLU n 
1 89  LYS n 
1 90  GLU n 
1 91  GLY n 
1 92  ASN n 
1 93  LEU n 
1 94  VAL n 
1 95  HIS n 
1 96  SER n 
1 97  VAL n 
1 98  GLY n 
1 99  GLY n 
1 100 ILE n 
1 101 GLY n 
1 102 ARG n 
1 103 THR n 
1 104 GLY n 
1 105 THR n 
1 106 ILE n 
1 107 LEU n 
1 108 ALA n 
1 109 SER n 
1 110 TYR n 
1 111 LEU n 
1 112 ILE n 
1 113 LEU n 
1 114 THR n 
1 115 GLU n 
1 116 GLY n 
1 117 LEU n 
1 118 GLU n 
1 119 VAL n 
1 120 GLU n 
1 121 SER n 
1 122 ALA n 
1 123 ILE n 
1 124 ASP n 
1 125 GLU n 
1 126 VAL n 
1 127 ARG n 
1 128 LEU n 
1 129 VAL n 
1 130 ARG n 
1 131 PRO n 
1 132 GLY n 
1 133 ALA n 
1 134 VAL n 
1 135 GLN n 
1 136 THR n 
1 137 TYR n 
1 138 GLU n 
1 139 GLN n 
1 140 GLU n 
1 141 MET n 
1 142 PHE n 
1 143 LEU n 
1 144 LEU n 
1 145 ARG n 
1 146 VAL n 
1 147 GLU n 
1 148 GLY n 
1 149 MET n 
1 150 ARG n 
1 151 LYS n 
1 152 SER n 
1 153 TRP n 
1 154 LEU n 
1 155 LYS n 
1 156 ASN n 
1 157 ILE n 
1 158 TYR n 
1 159 SER n 
1 160 ASN n 
1 161 SER n 
# 
_entity_src_gen.entity_id                          1 
_entity_src_gen.pdbx_src_id                        1 
_entity_src_gen.pdbx_alt_source_flag               sample 
_entity_src_gen.pdbx_seq_type                      ? 
_entity_src_gen.pdbx_beg_seq_num                   ? 
_entity_src_gen.pdbx_end_seq_num                   ? 
_entity_src_gen.gene_src_common_name               ? 
_entity_src_gen.gene_src_genus                     Sulfolobus 
_entity_src_gen.pdbx_gene_src_gene                 ? 
_entity_src_gen.gene_src_species                   ? 
_entity_src_gen.gene_src_strain                    ? 
_entity_src_gen.gene_src_tissue                    ? 
_entity_src_gen.gene_src_tissue_fraction           ? 
_entity_src_gen.gene_src_details                   ? 
_entity_src_gen.pdbx_gene_src_fragment             ? 
_entity_src_gen.pdbx_gene_src_scientific_name      'Sulfolobus solfataricus' 
_entity_src_gen.pdbx_gene_src_ncbi_taxonomy_id     2287 
_entity_src_gen.pdbx_gene_src_variant              ? 
_entity_src_gen.pdbx_gene_src_cell_line            ? 
_entity_src_gen.pdbx_gene_src_atcc                 ? 
_entity_src_gen.pdbx_gene_src_organ                ? 
_entity_src_gen.pdbx_gene_src_organelle            ? 
_entity_src_gen.pdbx_gene_src_cell                 ? 
_entity_src_gen.pdbx_gene_src_cellular_location    ? 
_entity_src_gen.host_org_common_name               ? 
_entity_src_gen.pdbx_host_org_scientific_name      'Escherichia coli BL21' 
_entity_src_gen.pdbx_host_org_ncbi_taxonomy_id     511693 
_entity_src_gen.host_org_genus                     Escherichia 
_entity_src_gen.pdbx_host_org_gene                 ? 
_entity_src_gen.pdbx_host_org_organ                ? 
_entity_src_gen.host_org_species                   'Escherichia coli' 
_entity_src_gen.pdbx_host_org_tissue               ? 
_entity_src_gen.pdbx_host_org_tissue_fraction      ? 
_entity_src_gen.pdbx_host_org_strain               BL21 
_entity_src_gen.pdbx_host_org_variant              ? 
_entity_src_gen.pdbx_host_org_cell_line            ? 
_entity_src_gen.pdbx_host_org_atcc                 ? 
_entity_src_gen.pdbx_host_org_culture_collection   ? 
_entity_src_gen.pdbx_host_org_cell                 ? 
_entity_src_gen.pdbx_host_org_organelle            ? 
_entity_src_gen.pdbx_host_org_cellular_location    ? 
_entity_src_gen.pdbx_host_org_vector_type          plasmid 
_entity_src_gen.pdbx_host_org_vector               ? 
_entity_src_gen.host_org_details                   ? 
_entity_src_gen.expression_system_id               ? 
_entity_src_gen.plasmid_name                       pET21 
_entity_src_gen.plasmid_details                    ? 
_entity_src_gen.pdbx_description                   ? 
# 
_struct_ref.id                         1 
_struct_ref.db_name                    UNP 
_struct_ref.db_code                    Q97VZ7_SULSO 
_struct_ref.pdbx_db_accession          Q97VZ7 
_struct_ref.entity_id                  1 
_struct_ref.pdbx_seq_one_letter_code   
;MYWVRRKTIGGSGLPYTENEILEWRKEGVKRVLVLPEDWEIEESWGDKDYYLSILKKNGLQPLHIPIPDGGVPSDSQFLT
IMKWLLSEKEGNLVHCVGGIGRTGTILASYLILTEGLEVESAIDEVRLVRPGAVQTYEQEMFLLRVEGMRKSWLKNIYSN
S
;
_struct_ref.pdbx_align_begin           1 
_struct_ref.pdbx_db_isoform            ? 
# 
_struct_ref_seq.align_id                      1 
_struct_ref_seq.ref_id                        1 
_struct_ref_seq.pdbx_PDB_id_code              2I6P 
_struct_ref_seq.pdbx_strand_id                A 
_struct_ref_seq.seq_align_beg                 1 
_struct_ref_seq.pdbx_seq_align_beg_ins_code   ? 
_struct_ref_seq.seq_align_end                 161 
_struct_ref_seq.pdbx_seq_align_end_ins_code   ? 
_struct_ref_seq.pdbx_db_accession             Q97VZ7 
_struct_ref_seq.db_align_beg                  1 
_struct_ref_seq.pdbx_db_align_beg_ins_code    ? 
_struct_ref_seq.db_align_end                  161 
_struct_ref_seq.pdbx_db_align_end_ins_code    ? 
_struct_ref_seq.pdbx_auth_seq_align_beg       1 
_struct_ref_seq.pdbx_auth_seq_align_end       161 
# 
_struct_ref_seq_dif.align_id                     1 
_struct_ref_seq_dif.pdbx_pdb_id_code             2I6P 
_struct_ref_seq_dif.mon_id                       SER 
_struct_ref_seq_dif.pdbx_pdb_strand_id           A 
_struct_ref_seq_dif.seq_num                      96 
_struct_ref_seq_dif.pdbx_pdb_ins_code            ? 
_struct_ref_seq_dif.pdbx_seq_db_name             UNP 
_struct_ref_seq_dif.pdbx_seq_db_accession_code   Q97VZ7 
_struct_ref_seq_dif.db_mon_id                    CYS 
_struct_ref_seq_dif.pdbx_seq_db_seq_num          96 
_struct_ref_seq_dif.details                      'engineered mutation' 
_struct_ref_seq_dif.pdbx_auth_seq_num            96 
_struct_ref_seq_dif.pdbx_ordinal                 1 
# 
loop_
_chem_comp.id 
_chem_comp.type 
_chem_comp.mon_nstd_flag 
_chem_comp.name 
_chem_comp.pdbx_synonyms 
_chem_comp.formula 
_chem_comp.formula_weight 
4NP non-polymer         . '4-NITROPHENYL PHOSPHATE' ? 'C6 H6 N O6 P'   219.089 
ALA 'L-peptide linking' y ALANINE                   ? 'C3 H7 N O2'     89.093  
ARG 'L-peptide linking' y ARGININE                  ? 'C6 H15 N4 O2 1' 175.209 
ASN 'L-peptide linking' y ASPARAGINE                ? 'C4 H8 N2 O3'    132.118 
ASP 'L-peptide linking' y 'ASPARTIC ACID'           ? 'C4 H7 N O4'     133.103 
CYS 'L-peptide linking' y CYSTEINE                  ? 'C3 H7 N O2 S'   121.158 
GLN 'L-peptide linking' y GLUTAMINE                 ? 'C5 H10 N2 O3'   146.144 
GLU 'L-peptide linking' y 'GLUTAMIC ACID'           ? 'C5 H9 N O4'     147.129 
GLY 'peptide linking'   y GLYCINE                   ? 'C2 H5 N O2'     75.067  
HIS 'L-peptide linking' y HISTIDINE                 ? 'C6 H10 N3 O2 1' 156.162 
HOH non-polymer         . WATER                     ? 'H2 O'           18.015  
ILE 'L-peptide linking' y ISOLEUCINE                ? 'C6 H13 N O2'    131.173 
LEU 'L-peptide linking' y LEUCINE                   ? 'C6 H13 N O2'    131.173 
LYS 'L-peptide linking' y LYSINE                    ? 'C6 H15 N2 O2 1' 147.195 
MET 'L-peptide linking' y METHIONINE                ? 'C5 H11 N O2 S'  149.211 
PHE 'L-peptide linking' y PHENYLALANINE             ? 'C9 H11 N O2'    165.189 
PRO 'L-peptide linking' y PROLINE                   ? 'C5 H9 N O2'     115.130 
SER 'L-peptide linking' y SERINE                    ? 'C3 H7 N O3'     105.093 
THR 'L-peptide linking' y THREONINE                 ? 'C4 H9 N O3'     119.119 
TRP 'L-peptide linking' y TRYPTOPHAN                ? 'C11 H12 N2 O2'  204.225 
TYR 'L-peptide linking' y TYROSINE                  ? 'C9 H11 N O3'    181.189 
VAL 'L-peptide linking' y VALINE                    ? 'C5 H11 N O2'    117.146 
# 
_exptl.entry_id          2I6P 
_exptl.method            'X-RAY DIFFRACTION' 
_exptl.crystals_number   1 
# 
_exptl_crystal.id                    1 
_exptl_crystal.density_meas          ? 
_exptl_crystal.density_Matthews      2.27 
_exptl_crystal.density_percent_sol   45.87 
_exptl_crystal.description           ? 
_exptl_crystal.F_000                 ? 
_exptl_crystal.preparation           ? 
# 
_exptl_crystal_grow.crystal_id      1 
_exptl_crystal_grow.method          'VAPOR DIFFUSION, HANGING DROP' 
_exptl_crystal_grow.temp            298 
_exptl_crystal_grow.temp_details    ? 
_exptl_crystal_grow.pH              7.5 
_exptl_crystal_grow.pdbx_details    'pH 7.5, VAPOR DIFFUSION, HANGING DROP, temperature 298K' 
_exptl_crystal_grow.pdbx_pH_range   . 
# 
_diffrn.id                     1 
_diffrn.ambient_temp           298 
_diffrn.ambient_temp_details   ? 
_diffrn.crystal_id             1 
# 
_diffrn_detector.diffrn_id              1 
_diffrn_detector.detector               'IMAGE PLATE' 
_diffrn_detector.type                   'RIGAKU RAXIS IV' 
_diffrn_detector.pdbx_collection_date   2006-08-01 
_diffrn_detector.details                ? 
# 
_diffrn_radiation.diffrn_id                        1 
_diffrn_radiation.wavelength_id                    1 
_diffrn_radiation.pdbx_monochromatic_or_laue_m_l   M 
_diffrn_radiation.monochromator                    ? 
_diffrn_radiation.pdbx_diffrn_protocol             'SINGLE WAVELENGTH' 
_diffrn_radiation.pdbx_scattering_type             x-ray 
# 
_diffrn_radiation_wavelength.id           1 
_diffrn_radiation_wavelength.wavelength   . 
_diffrn_radiation_wavelength.wt           1.0 
# 
_diffrn_source.diffrn_id                   1 
_diffrn_source.source                      'ROTATING ANODE' 
_diffrn_source.type                        RIGAKU 
_diffrn_source.pdbx_synchrotron_site       ? 
_diffrn_source.pdbx_synchrotron_beamline   ? 
_diffrn_source.pdbx_wavelength             ? 
_diffrn_source.pdbx_wavelength_list        ? 
# 
_reflns.entry_id                     2I6P 
_reflns.observed_criterion_sigma_F   2.0 
_reflns.observed_criterion_sigma_I   ? 
_reflns.d_resolution_high            2.5 
_reflns.d_resolution_low             50 
_reflns.number_all                   5786 
_reflns.number_obs                   4664 
_reflns.percent_possible_obs         80.6 
_reflns.pdbx_Rmerge_I_obs            0.077 
_reflns.pdbx_Rsym_value              0.062 
_reflns.pdbx_netI_over_sigmaI        17.6 
_reflns.B_iso_Wilson_estimate        ? 
_reflns.pdbx_redundancy              2.8 
_reflns.R_free_details               ? 
_reflns.limit_h_max                  ? 
_reflns.limit_h_min                  ? 
_reflns.limit_k_max                  ? 
_reflns.limit_k_min                  ? 
_reflns.limit_l_max                  ? 
_reflns.limit_l_min                  ? 
_reflns.observed_criterion_F_max     ? 
_reflns.observed_criterion_F_min     ? 
_reflns.pdbx_chi_squared             ? 
_reflns.pdbx_scaling_rejects         ? 
_reflns.pdbx_diffrn_id               1 
_reflns.pdbx_ordinal                 1 
# 
_reflns_shell.d_res_high             2.5 
_reflns_shell.d_res_low              2.59 
_reflns_shell.percent_possible_all   91.7 
_reflns_shell.Rmerge_I_obs           0.319 
_reflns_shell.pdbx_Rsym_value        0.279 
_reflns_shell.meanI_over_sigI_obs    2.77 
_reflns_shell.pdbx_redundancy        2.5 
_reflns_shell.percent_possible_obs   ? 
_reflns_shell.number_unique_all      517 
_reflns_shell.number_measured_all    ? 
_reflns_shell.number_measured_obs    ? 
_reflns_shell.number_unique_obs      ? 
_reflns_shell.pdbx_chi_squared       ? 
_reflns_shell.pdbx_diffrn_id         ? 
_reflns_shell.pdbx_ordinal           1 
# 
_refine.entry_id                                 2I6P 
_refine.ls_d_res_high                            2.5 
_refine.ls_d_res_low                             30 
_refine.pdbx_ls_sigma_F                          2.0 
_refine.pdbx_ls_sigma_I                          ? 
_refine.ls_number_reflns_all                     5786 
_refine.ls_number_reflns_obs                     4664 
_refine.ls_number_reflns_R_free                  ? 
_refine.ls_percent_reflns_obs                    80.6 
_refine.ls_R_factor_all                          ? 
_refine.ls_R_factor_obs                          ? 
_refine.ls_R_factor_R_work                       0.224 
_refine.ls_R_factor_R_free                       0.284 
_refine.ls_redundancy_reflns_obs                 ? 
_refine.pdbx_data_cutoff_high_absF               ? 
_refine.pdbx_data_cutoff_low_absF                ? 
_refine.ls_number_parameters                     ? 
_refine.ls_number_restraints                     ? 
_refine.ls_percent_reflns_R_free                 ? 
_refine.ls_R_factor_R_free_error                 ? 
_refine.ls_R_factor_R_free_error_details         ? 
_refine.pdbx_method_to_determine_struct          'MOLECULAR REPLACEMENT' 
_refine.pdbx_starting_model                      1OHE 
_refine.pdbx_ls_cross_valid_method               ? 
_refine.pdbx_R_Free_selection_details            ? 
_refine.pdbx_stereochem_target_val_spec_case     ? 
_refine.pdbx_stereochemistry_target_values       ? 
_refine.solvent_model_details                    ? 
_refine.solvent_model_param_bsol                 ? 
_refine.solvent_model_param_ksol                 ? 
_refine.occupancy_max                            ? 
_refine.occupancy_min                            ? 
_refine.pdbx_isotropic_thermal_model             ? 
_refine.B_iso_mean                               ? 
_refine.aniso_B[1][1]                            ? 
_refine.aniso_B[1][2]                            ? 
_refine.aniso_B[1][3]                            ? 
_refine.aniso_B[2][2]                            ? 
_refine.aniso_B[2][3]                            ? 
_refine.aniso_B[3][3]                            ? 
_refine.details                                  ? 
_refine.B_iso_min                                ? 
_refine.B_iso_max                                ? 
_refine.correlation_coeff_Fo_to_Fc               ? 
_refine.correlation_coeff_Fo_to_Fc_free          ? 
_refine.pdbx_solvent_vdw_probe_radii             ? 
_refine.pdbx_solvent_ion_probe_radii             ? 
_refine.pdbx_solvent_shrinkage_radii             ? 
_refine.overall_SU_R_Cruickshank_DPI             ? 
_refine.overall_SU_R_free                        ? 
_refine.overall_SU_ML                            ? 
_refine.overall_SU_B                             ? 
_refine.pdbx_overall_ESU_R_Free                  ? 
_refine.pdbx_data_cutoff_high_rms_absF           ? 
_refine.pdbx_overall_ESU_R                       ? 
_refine.ls_wR_factor_R_free                      ? 
_refine.ls_wR_factor_R_work                      ? 
_refine.overall_FOM_free_R_set                   ? 
_refine.overall_FOM_work_R_set                   ? 
_refine.pdbx_refine_id                           'X-RAY DIFFRACTION' 
_refine.pdbx_diffrn_id                           1 
_refine.pdbx_TLS_residual_ADP_flag               ? 
_refine.pdbx_overall_phase_error                 ? 
_refine.pdbx_overall_SU_R_free_Cruickshank_DPI   ? 
_refine.pdbx_overall_SU_R_Blow_DPI               ? 
_refine.pdbx_overall_SU_R_free_Blow_DPI          ? 
# 
_refine_hist.pdbx_refine_id                   'X-RAY DIFFRACTION' 
_refine_hist.cycle_id                         LAST 
_refine_hist.pdbx_number_atoms_protein        1283 
_refine_hist.pdbx_number_atoms_nucleic_acid   0 
_refine_hist.pdbx_number_atoms_ligand         14 
_refine_hist.number_atoms_solvent             32 
_refine_hist.number_atoms_total               1329 
_refine_hist.d_res_high                       2.5 
_refine_hist.d_res_low                        30 
# 
loop_
_refine_ls_restr.type 
_refine_ls_restr.dev_ideal 
_refine_ls_restr.dev_ideal_target 
_refine_ls_restr.weight 
_refine_ls_restr.number 
_refine_ls_restr.pdbx_refine_id 
_refine_ls_restr.pdbx_restraint_function 
c_angle_deg 1.3447 ? ? ? 'X-RAY DIFFRACTION' ? 
c_bond_d    0.0072 ? ? ? 'X-RAY DIFFRACTION' ? 
# 
_struct.entry_id                  2I6P 
_struct.title                     'Crystal structure of the complex of the archaeal sulfolobus PTP-fold phosphatase with pNPP' 
_struct.pdbx_model_details        ? 
_struct.pdbx_CASP_flag            ? 
_struct.pdbx_model_type_details   ? 
# 
_struct_keywords.entry_id        2I6P 
_struct_keywords.pdbx_keywords   HYDROLASE 
_struct_keywords.text            'PTP domain, tyrosine phosphatase, Hydrolase' 
# 
loop_
_struct_asym.id 
_struct_asym.pdbx_blank_PDB_chainid_flag 
_struct_asym.pdbx_modified 
_struct_asym.entity_id 
_struct_asym.details 
A N N 1 ? 
B N N 2 ? 
C N N 3 ? 
# 
loop_
_struct_conf.conf_type_id 
_struct_conf.id 
_struct_conf.pdbx_PDB_helix_id 
_struct_conf.beg_label_comp_id 
_struct_conf.beg_label_asym_id 
_struct_conf.beg_label_seq_id 
_struct_conf.pdbx_beg_PDB_ins_code 
_struct_conf.end_label_comp_id 
_struct_conf.end_label_asym_id 
_struct_conf.end_label_seq_id 
_struct_conf.pdbx_end_PDB_ins_code 
_struct_conf.beg_auth_comp_id 
_struct_conf.beg_auth_asym_id 
_struct_conf.beg_auth_seq_id 
_struct_conf.end_auth_comp_id 
_struct_conf.end_auth_asym_id 
_struct_conf.end_auth_seq_id 
_struct_conf.pdbx_PDB_helix_class 
_struct_conf.details 
_struct_conf.pdbx_PDB_helix_length 
HELX_P HELX_P1 1 THR A 17  ? GLY A 28  ? THR A 17  GLY A 28  1 ? 12 
HELX_P HELX_P2 2 GLU A 37  ? GLY A 46  ? GLU A 37  GLY A 46  1 ? 10 
HELX_P HELX_P3 3 ASP A 47  ? ASN A 58  ? ASP A 47  ASN A 58  1 ? 12 
HELX_P HELX_P4 4 SER A 74  ? LEU A 86  ? SER A 74  LEU A 86  1 ? 13 
HELX_P HELX_P5 5 GLY A 101 ? GLU A 115 ? GLY A 101 GLU A 115 1 ? 15 
HELX_P HELX_P6 6 GLU A 118 ? ARG A 130 ? GLU A 118 ARG A 130 1 ? 13 
HELX_P HELX_P7 7 THR A 136 ? GLY A 148 ? THR A 136 GLY A 148 1 ? 13 
HELX_P HELX_P8 8 MET A 149 ? TYR A 158 ? MET A 149 TYR A 158 1 ? 10 
# 
_struct_conf_type.id          HELX_P 
_struct_conf_type.criteria    ? 
_struct_conf_type.reference   ? 
# 
_struct_sheet.id               A 
_struct_sheet.type             ? 
_struct_sheet.number_strands   5 
_struct_sheet.details          ? 
# 
loop_
_struct_sheet_order.sheet_id 
_struct_sheet_order.range_id_1 
_struct_sheet_order.range_id_2 
_struct_sheet_order.offset 
_struct_sheet_order.sense 
A 1 2 ? anti-parallel 
A 2 3 ? parallel      
A 3 4 ? parallel      
A 4 5 ? parallel      
# 
loop_
_struct_sheet_range.sheet_id 
_struct_sheet_range.id 
_struct_sheet_range.beg_label_comp_id 
_struct_sheet_range.beg_label_asym_id 
_struct_sheet_range.beg_label_seq_id 
_struct_sheet_range.pdbx_beg_PDB_ins_code 
_struct_sheet_range.end_label_comp_id 
_struct_sheet_range.end_label_asym_id 
_struct_sheet_range.end_label_seq_id 
_struct_sheet_range.pdbx_end_PDB_ins_code 
_struct_sheet_range.beg_auth_comp_id 
_struct_sheet_range.beg_auth_asym_id 
_struct_sheet_range.beg_auth_seq_id 
_struct_sheet_range.end_auth_comp_id 
_struct_sheet_range.end_auth_asym_id 
_struct_sheet_range.end_auth_seq_id 
A 1 TYR A 2  ? ARG A 5  ? TYR A 2  ARG A 5  
A 2 ILE A 9  ? SER A 12 ? ILE A 9  SER A 12 
A 3 ASN A 92 ? HIS A 95 ? ASN A 92 HIS A 95 
A 4 ARG A 31 ? VAL A 34 ? ARG A 31 VAL A 34 
A 5 GLN A 61 ? HIS A 64 ? GLN A 61 HIS A 64 
# 
loop_
_pdbx_struct_sheet_hbond.sheet_id 
_pdbx_struct_sheet_hbond.range_id_1 
_pdbx_struct_sheet_hbond.range_id_2 
_pdbx_struct_sheet_hbond.range_1_label_atom_id 
_pdbx_struct_sheet_hbond.range_1_label_comp_id 
_pdbx_struct_sheet_hbond.range_1_label_asym_id 
_pdbx_struct_sheet_hbond.range_1_label_seq_id 
_pdbx_struct_sheet_hbond.range_1_PDB_ins_code 
_pdbx_struct_sheet_hbond.range_1_auth_atom_id 
_pdbx_struct_sheet_hbond.range_1_auth_comp_id 
_pdbx_struct_sheet_hbond.range_1_auth_asym_id 
_pdbx_struct_sheet_hbond.range_1_auth_seq_id 
_pdbx_struct_sheet_hbond.range_2_label_atom_id 
_pdbx_struct_sheet_hbond.range_2_label_comp_id 
_pdbx_struct_sheet_hbond.range_2_label_asym_id 
_pdbx_struct_sheet_hbond.range_2_label_seq_id 
_pdbx_struct_sheet_hbond.range_2_PDB_ins_code 
_pdbx_struct_sheet_hbond.range_2_auth_atom_id 
_pdbx_struct_sheet_hbond.range_2_auth_comp_id 
_pdbx_struct_sheet_hbond.range_2_auth_asym_id 
_pdbx_struct_sheet_hbond.range_2_auth_seq_id 
A 1 2 N TYR A 2  ? N TYR A 2  O GLY A 11 ? O GLY A 11 
A 2 3 N GLY A 10 ? N GLY A 10 O VAL A 94 ? O VAL A 94 
A 3 4 O LEU A 93 ? O LEU A 93 N LEU A 33 ? N LEU A 33 
A 4 5 N VAL A 32 ? N VAL A 32 O LEU A 63 ? O LEU A 63 
# 
_struct_site.id                   AC1 
_struct_site.pdbx_evidence_code   Software 
_struct_site.pdbx_auth_asym_id    A 
_struct_site.pdbx_auth_comp_id    4NP 
_struct_site.pdbx_auth_seq_id     401 
_struct_site.pdbx_auth_ins_code   ? 
_struct_site.pdbx_num_residues    10 
_struct_site.details              'BINDING SITE FOR RESIDUE 4NP A 401' 
# 
loop_
_struct_site_gen.id 
_struct_site_gen.site_id 
_struct_site_gen.pdbx_num_res 
_struct_site_gen.label_comp_id 
_struct_site_gen.label_asym_id 
_struct_site_gen.label_seq_id 
_struct_site_gen.pdbx_auth_ins_code 
_struct_site_gen.auth_comp_id 
_struct_site_gen.auth_asym_id 
_struct_site_gen.auth_seq_id 
_struct_site_gen.label_atom_id 
_struct_site_gen.label_alt_id 
_struct_site_gen.symmetry 
_struct_site_gen.details 
1  AC1 10 ASP A 69  ? ASP A 69   . ? 1_555 ? 
2  AC1 10 SER A 96  ? SER A 96   . ? 1_555 ? 
3  AC1 10 VAL A 97  ? VAL A 97   . ? 1_555 ? 
4  AC1 10 GLY A 98  ? GLY A 98   . ? 1_555 ? 
5  AC1 10 GLY A 99  ? GLY A 99   . ? 1_555 ? 
6  AC1 10 ILE A 100 ? ILE A 100  . ? 1_555 ? 
7  AC1 10 GLY A 101 ? GLY A 101  . ? 1_555 ? 
8  AC1 10 ARG A 102 ? ARG A 102  . ? 1_555 ? 
9  AC1 10 GLN A 135 ? GLN A 135  . ? 1_555 ? 
10 AC1 10 HOH C .   ? HOH A 5203 . ? 1_555 ? 
# 
_atom_sites.entry_id                    2I6P 
_atom_sites.fract_transf_matrix[1][1]   0.02594492 
_atom_sites.fract_transf_matrix[1][2]   -0.00497654 
_atom_sites.fract_transf_matrix[1][3]   0.01261832 
_atom_sites.fract_transf_matrix[2][1]   0.00527494 
_atom_sites.fract_transf_matrix[2][2]   -0.00847099 
_atom_sites.fract_transf_matrix[2][3]   -0.01418684 
_atom_sites.fract_transf_matrix[3][1]   0.00926605 
_atom_sites.fract_transf_matrix[3][2]   0.01993104 
_atom_sites.fract_transf_matrix[3][3]   -0.00845556 
_atom_sites.fract_transf_vector[1]      0.333652 
_atom_sites.fract_transf_vector[2]      0.008657 
_atom_sites.fract_transf_vector[3]      0.247669 
# 
loop_
_atom_type.symbol 
C 
N 
O 
P 
S 
# 
loop_
_atom_site.group_PDB 
_atom_site.id 
_atom_site.type_symbol 
_atom_site.label_atom_id 
_atom_site.label_alt_id 
_atom_site.label_comp_id 
_atom_site.label_asym_id 
_atom_site.label_entity_id 
_atom_site.label_seq_id 
_atom_site.pdbx_PDB_ins_code 
_atom_site.Cartn_x 
_atom_site.Cartn_y 
_atom_site.Cartn_z 
_atom_site.occupancy 
_atom_site.B_iso_or_equiv 
_atom_site.pdbx_formal_charge 
_atom_site.auth_seq_id 
_atom_site.auth_comp_id 
_atom_site.auth_asym_id 
_atom_site.auth_atom_id 
_atom_site.pdbx_PDB_model_num 
ATOM   1    N N   . MET A 1 1   ? 0.992   12.794  -4.178  1.00 36.03  ? 1    MET A N   1 
ATOM   2    C CA  . MET A 1 1   ? 0.178   11.559  -3.959  1.00 45.09  ? 1    MET A CA  1 
ATOM   3    C C   . MET A 1 1   ? -0.533  11.123  -5.246  1.00 43.29  ? 1    MET A C   1 
ATOM   4    O O   . MET A 1 1   ? -0.884  11.953  -6.080  1.00 37.50  ? 1    MET A O   1 
ATOM   5    C CB  . MET A 1 1   ? -0.858  11.810  -2.873  1.00 45.49  ? 1    MET A CB  1 
ATOM   6    C CG  . MET A 1 1   ? -1.637  10.575  -2.486  1.00 48.98  ? 1    MET A CG  1 
ATOM   7    S SD  . MET A 1 1   ? -3.408  10.881  -2.438  1.00 55.19  ? 1    MET A SD  1 
ATOM   8    C CE  . MET A 1 1   ? -3.791  10.673  -4.146  1.00 19.66  ? 1    MET A CE  1 
ATOM   9    N N   . TYR A 1 2   ? -0.760  9.824   -5.408  1.00 38.91  ? 2    TYR A N   1 
ATOM   10   C CA  . TYR A 1 2   ? -1.406  9.353   -6.623  1.00 31.32  ? 2    TYR A CA  1 
ATOM   11   C C   . TYR A 1 2   ? -2.481  8.327   -6.420  1.00 32.30  ? 2    TYR A C   1 
ATOM   12   O O   . TYR A 1 2   ? -2.448  7.519   -5.488  1.00 30.40  ? 2    TYR A O   1 
ATOM   13   C CB  . TYR A 1 2   ? -0.392  8.741   -7.590  1.00 26.38  ? 2    TYR A CB  1 
ATOM   14   C CG  . TYR A 1 2   ? 0.337   7.555   -6.999  1.00 29.87  ? 2    TYR A CG  1 
ATOM   15   C CD1 . TYR A 1 2   ? 1.581   7.723   -6.360  1.00 23.03  ? 2    TYR A CD1 1 
ATOM   16   C CD2 . TYR A 1 2   ? -0.245  6.274   -7.003  1.00 28.77  ? 2    TYR A CD2 1 
ATOM   17   C CE1 . TYR A 1 2   ? 2.228   6.649   -5.734  1.00 12.98  ? 2    TYR A CE1 1 
ATOM   18   C CE2 . TYR A 1 2   ? 0.396   5.188   -6.374  1.00 30.86  ? 2    TYR A CE2 1 
ATOM   19   C CZ  . TYR A 1 2   ? 1.638   5.387   -5.739  1.00 23.52  ? 2    TYR A CZ  1 
ATOM   20   O OH  . TYR A 1 2   ? 2.280   4.336   -5.120  1.00 24.07  ? 2    TYR A OH  1 
ATOM   21   N N   . TRP A 1 3   ? -3.427  8.351   -7.346  1.00 31.26  ? 3    TRP A N   1 
ATOM   22   C CA  . TRP A 1 3   ? -4.519  7.408   -7.335  1.00 25.26  ? 3    TRP A CA  1 
ATOM   23   C C   . TRP A 1 3   ? -4.226  6.397   -8.427  1.00 21.75  ? 3    TRP A C   1 
ATOM   24   O O   . TRP A 1 3   ? -3.758  6.766   -9.494  1.00 18.85  ? 3    TRP A O   1 
ATOM   25   C CB  . TRP A 1 3   ? -5.830  8.141   -7.615  1.00 30.52  ? 3    TRP A CB  1 
ATOM   26   C CG  . TRP A 1 3   ? -6.402  8.758   -6.373  1.00 20.99  ? 3    TRP A CG  1 
ATOM   27   C CD1 . TRP A 1 3   ? -6.523  10.100  -6.074  1.00 14.66  ? 3    TRP A CD1 1 
ATOM   28   C CD2 . TRP A 1 3   ? -6.940  8.045   -5.247  1.00 9.81   ? 3    TRP A CD2 1 
ATOM   29   N NE1 . TRP A 1 3   ? -7.105  10.253  -4.828  1.00 20.33  ? 3    TRP A NE1 1 
ATOM   30   C CE2 . TRP A 1 3   ? -7.370  9.011   -4.304  1.00 12.35  ? 3    TRP A CE2 1 
ATOM   31   C CE3 . TRP A 1 3   ? -7.104  6.679   -4.949  1.00 18.70  ? 3    TRP A CE3 1 
ATOM   32   C CZ2 . TRP A 1 3   ? -7.949  8.655   -3.090  1.00 11.42  ? 3    TRP A CZ2 1 
ATOM   33   C CZ3 . TRP A 1 3   ? -7.682  6.326   -3.741  1.00 18.99  ? 3    TRP A CZ3 1 
ATOM   34   C CH2 . TRP A 1 3   ? -8.098  7.311   -2.826  1.00 18.14  ? 3    TRP A CH2 1 
ATOM   35   N N   . VAL A 1 4   ? -4.440  5.121   -8.128  1.00 23.22  ? 4    VAL A N   1 
ATOM   36   C CA  . VAL A 1 4   ? -4.259  4.049   -9.102  1.00 32.68  ? 4    VAL A CA  1 
ATOM   37   C C   . VAL A 1 4   ? -5.662  3.943   -9.701  1.00 31.96  ? 4    VAL A C   1 
ATOM   38   O O   . VAL A 1 4   ? -5.842  4.046   -10.904 1.00 41.21  ? 4    VAL A O   1 
ATOM   39   C CB  . VAL A 1 4   ? -3.861  2.712   -8.426  1.00 39.58  ? 4    VAL A CB  1 
ATOM   40   C CG1 . VAL A 1 4   ? -3.717  1.624   -9.474  1.00 44.37  ? 4    VAL A CG1 1 
ATOM   41   C CG2 . VAL A 1 4   ? -2.555  2.877   -7.678  1.00 49.67  ? 4    VAL A CG2 1 
ATOM   42   N N   . ARG A 1 5   ? -6.649  3.750   -8.833  1.00 31.00  ? 5    ARG A N   1 
ATOM   43   C CA  . ARG A 1 5   ? -8.053  3.705   -9.228  1.00 37.26  ? 5    ARG A CA  1 
ATOM   44   C C   . ARG A 1 5   ? -8.643  4.901   -8.482  1.00 36.55  ? 5    ARG A C   1 
ATOM   45   O O   . ARG A 1 5   ? -8.556  4.984   -7.246  1.00 37.17  ? 5    ARG A O   1 
ATOM   46   C CB  . ARG A 1 5   ? -8.725  2.405   -8.776  1.00 45.94  ? 5    ARG A CB  1 
ATOM   47   C CG  . ARG A 1 5   ? -8.130  1.136   -9.375  1.00 49.90  ? 5    ARG A CG  1 
ATOM   48   C CD  . ARG A 1 5   ? -7.949  1.237   -10.885 1.00 49.68  ? 5    ARG A CD  1 
ATOM   49   N NE  . ARG A 1 5   ? -7.415  0.002   -11.456 1.00 43.49  ? 5    ARG A NE  1 
ATOM   50   C CZ  . ARG A 1 5   ? -6.627  -0.046  -12.523 1.00 44.10  ? 5    ARG A CZ  1 
ATOM   51   N NH1 . ARG A 1 5   ? -6.274  1.073   -13.137 1.00 33.72  ? 5    ARG A NH1 1 
ATOM   52   N NH2 . ARG A 1 5   ? -6.185  -1.208  -12.981 1.00 45.77  ? 5    ARG A NH2 1 
ATOM   53   N N   . ARG A 1 6   ? -9.230  5.835   -9.223  1.00 37.14  ? 6    ARG A N   1 
ATOM   54   C CA  . ARG A 1 6   ? -9.754  7.027   -8.584  1.00 38.88  ? 6    ARG A CA  1 
ATOM   55   C C   . ARG A 1 6   ? -10.686 6.822   -7.401  1.00 48.02  ? 6    ARG A C   1 
ATOM   56   O O   . ARG A 1 6   ? -11.856 6.448   -7.545  1.00 49.53  ? 6    ARG A O   1 
ATOM   57   C CB  . ARG A 1 6   ? -10.387 7.954   -9.610  1.00 26.89  ? 6    ARG A CB  1 
ATOM   58   C CG  . ARG A 1 6   ? -9.359  8.630   -10.494 1.00 24.91  ? 6    ARG A CG  1 
ATOM   59   C CD  . ARG A 1 6   ? -9.959  9.761   -11.304 1.00 31.00  ? 6    ARG A CD  1 
ATOM   60   N NE  . ARG A 1 6   ? -9.635  11.068  -10.733 1.00 43.29  ? 6    ARG A NE  1 
ATOM   61   C CZ  . ARG A 1 6   ? -10.510 11.876  -10.134 1.00 47.90  ? 6    ARG A CZ  1 
ATOM   62   N NH1 . ARG A 1 6   ? -11.794 11.528  -10.015 1.00 35.98  ? 6    ARG A NH1 1 
ATOM   63   N NH2 . ARG A 1 6   ? -10.101 13.044  -9.651  1.00 54.66  ? 6    ARG A NH2 1 
ATOM   64   N N   . LYS A 1 7   ? -10.093 7.072   -6.230  1.00 50.36  ? 7    LYS A N   1 
ATOM   65   C CA  . LYS A 1 7   ? -10.698 7.011   -4.907  1.00 45.25  ? 7    LYS A CA  1 
ATOM   66   C C   . LYS A 1 7   ? -10.981 5.645   -4.288  1.00 51.49  ? 7    LYS A C   1 
ATOM   67   O O   . LYS A 1 7   ? -11.707 5.554   -3.297  1.00 66.69  ? 7    LYS A O   1 
ATOM   68   C CB  . LYS A 1 7   ? -11.947 7.877   -4.891  1.00 33.79  ? 7    LYS A CB  1 
ATOM   69   C CG  . LYS A 1 7   ? -11.714 9.239   -5.542  1.00 23.36  ? 7    LYS A CG  1 
ATOM   70   C CD  . LYS A 1 7   ? -10.959 10.257  -4.684  1.00 11.46  ? 7    LYS A CD  1 
ATOM   71   C CE  . LYS A 1 7   ? -10.627 11.505  -5.518  1.00 12.11  ? 7    LYS A CE  1 
ATOM   72   N NZ  . LYS A 1 7   ? -10.002 11.076  -6.812  1.00 34.20  ? 7    LYS A NZ  1 
ATOM   73   N N   . THR A 1 8   ? -10.413 4.583   -4.853  1.00 52.15  ? 8    THR A N   1 
ATOM   74   C CA  . THR A 1 8   ? -10.605 3.253   -4.275  1.00 51.00  ? 8    THR A CA  1 
ATOM   75   C C   . THR A 1 8   ? -9.267  2.803   -3.681  1.00 42.13  ? 8    THR A C   1 
ATOM   76   O O   . THR A 1 8   ? -9.213  2.271   -2.561  1.00 30.99  ? 8    THR A O   1 
ATOM   77   C CB  . THR A 1 8   ? -11.063 2.220   -5.323  1.00 54.89  ? 8    THR A CB  1 
ATOM   78   O OG1 . THR A 1 8   ? -9.984  1.940   -6.226  1.00 51.46  ? 8    THR A OG1 1 
ATOM   79   C CG2 . THR A 1 8   ? -12.273 2.751   -6.097  1.00 63.75  ? 8    THR A CG2 1 
ATOM   80   N N   . ILE A 1 9   ? -8.192  3.032   -4.439  1.00 39.59  ? 9    ILE A N   1 
ATOM   81   C CA  . ILE A 1 9   ? -6.851  2.688   -3.991  1.00 38.67  ? 9    ILE A CA  1 
ATOM   82   C C   . ILE A 1 9   ? -5.752  3.517   -4.682  1.00 38.34  ? 9    ILE A C   1 
ATOM   83   O O   . ILE A 1 9   ? -5.630  3.548   -5.910  1.00 39.04  ? 9    ILE A O   1 
ATOM   84   C CB  . ILE A 1 9   ? -6.573  1.161   -4.163  1.00 34.42  ? 9    ILE A CB  1 
ATOM   85   C CG1 . ILE A 1 9   ? -5.433  0.754   -3.236  1.00 34.07  ? 9    ILE A CG1 1 
ATOM   86   C CG2 . ILE A 1 9   ? -6.215  0.814   -5.621  1.00 26.08  ? 9    ILE A CG2 1 
ATOM   87   C CD1 . ILE A 1 9   ? -5.138  -0.729  -3.254  1.00 50.63  ? 9    ILE A CD1 1 
ATOM   88   N N   . GLY A 1 10  ? -4.958  4.205   -3.876  1.00 27.66  ? 10   GLY A N   1 
ATOM   89   C CA  . GLY A 1 10  ? -3.884  5.009   -4.429  1.00 22.38  ? 10   GLY A CA  1 
ATOM   90   C C   . GLY A 1 10  ? -2.695  4.949   -3.491  1.00 26.36  ? 10   GLY A C   1 
ATOM   91   O O   . GLY A 1 10  ? -2.734  4.279   -2.458  1.00 18.40  ? 10   GLY A O   1 
ATOM   92   N N   . GLY A 1 11  ? -1.629  5.656   -3.824  1.00 21.09  ? 11   GLY A N   1 
ATOM   93   C CA  . GLY A 1 11  ? -0.478  5.594   -2.952  1.00 15.96  ? 11   GLY A CA  1 
ATOM   94   C C   . GLY A 1 11  ? 0.438   6.784   -3.017  1.00 27.67  ? 11   GLY A C   1 
ATOM   95   O O   . GLY A 1 11  ? 0.254   7.684   -3.844  1.00 21.35  ? 11   GLY A O   1 
ATOM   96   N N   . SER A 1 12  ? 1.427   6.779   -2.123  1.00 33.09  ? 12   SER A N   1 
ATOM   97   C CA  . SER A 1 12  ? 2.426   7.833   -2.060  1.00 34.62  ? 12   SER A CA  1 
ATOM   98   C C   . SER A 1 12  ? 3.569   7.423   -1.120  1.00 29.36  ? 12   SER A C   1 
ATOM   99   O O   . SER A 1 12  ? 3.592   6.305   -0.577  1.00 19.70  ? 12   SER A O   1 
ATOM   100  C CB  . SER A 1 12  ? 1.790   9.128   -1.564  1.00 32.32  ? 12   SER A CB  1 
ATOM   101  O OG  . SER A 1 12  ? 1.429   9.017   -0.194  1.00 36.76  ? 12   SER A OG  1 
ATOM   102  N N   . GLY A 1 13  ? 4.529   8.324   -0.950  1.00 25.73  ? 13   GLY A N   1 
ATOM   103  C CA  . GLY A 1 13  ? 5.623   8.034   -0.060  1.00 35.80  ? 13   GLY A CA  1 
ATOM   104  C C   . GLY A 1 13  ? 5.202   8.359   1.362   1.00 43.41  ? 13   GLY A C   1 
ATOM   105  O O   . GLY A 1 13  ? 4.012   8.350   1.701   1.00 43.93  ? 13   GLY A O   1 
ATOM   106  N N   . LEU A 1 14  ? 6.191   8.646   2.194   1.00 47.02  ? 14   LEU A N   1 
ATOM   107  C CA  . LEU A 1 14  ? 5.959   8.990   3.577   1.00 39.36  ? 14   LEU A CA  1 
ATOM   108  C C   . LEU A 1 14  ? 5.900   10.512  3.661   1.00 33.09  ? 14   LEU A C   1 
ATOM   109  O O   . LEU A 1 14  ? 6.832   11.197  3.231   1.00 26.84  ? 14   LEU A O   1 
ATOM   110  C CB  . LEU A 1 14  ? 7.102   8.437   4.434   1.00 38.53  ? 14   LEU A CB  1 
ATOM   111  C CG  . LEU A 1 14  ? 7.491   9.132   5.748   1.00 37.50  ? 14   LEU A CG  1 
ATOM   112  C CD1 . LEU A 1 14  ? 6.341   9.132   6.717   1.00 20.53  ? 14   LEU A CD1 1 
ATOM   113  C CD2 . LEU A 1 14  ? 8.679   8.407   6.348   1.00 40.15  ? 14   LEU A CD2 1 
ATOM   114  N N   . PRO A 1 15  ? 4.795   11.058  4.209   1.00 28.15  ? 15   PRO A N   1 
ATOM   115  C CA  . PRO A 1 15  ? 4.609   12.505  4.355   1.00 23.98  ? 15   PRO A CA  1 
ATOM   116  C C   . PRO A 1 15  ? 5.579   13.040  5.407   1.00 27.89  ? 15   PRO A C   1 
ATOM   117  O O   . PRO A 1 15  ? 6.043   12.287  6.258   1.00 25.06  ? 15   PRO A O   1 
ATOM   118  C CB  . PRO A 1 15  ? 3.147   12.615  4.789   1.00 24.44  ? 15   PRO A CB  1 
ATOM   119  C CG  . PRO A 1 15  ? 2.968   11.370  5.633   1.00 25.94  ? 15   PRO A CG  1 
ATOM   120  C CD  . PRO A 1 15  ? 3.665   10.314  4.804   1.00 24.53  ? 15   PRO A CD  1 
ATOM   121  N N   . TYR A 1 16  ? 5.887   14.331  5.355   1.00 29.74  ? 16   TYR A N   1 
ATOM   122  C CA  . TYR A 1 16  ? 6.830   14.912  6.304   1.00 38.20  ? 16   TYR A CA  1 
ATOM   123  C C   . TYR A 1 16  ? 6.115   15.843  7.290   1.00 48.69  ? 16   TYR A C   1 
ATOM   124  O O   . TYR A 1 16  ? 6.431   15.856  8.474   1.00 53.35  ? 16   TYR A O   1 
ATOM   125  C CB  . TYR A 1 16  ? 7.926   15.656  5.526   1.00 29.78  ? 16   TYR A CB  1 
ATOM   126  C CG  . TYR A 1 16  ? 9.100   16.159  6.343   1.00 33.71  ? 16   TYR A CG  1 
ATOM   127  C CD1 . TYR A 1 16  ? 9.358   17.534  6.460   1.00 35.28  ? 16   TYR A CD1 1 
ATOM   128  C CD2 . TYR A 1 16  ? 9.969   15.268  6.980   1.00 37.52  ? 16   TYR A CD2 1 
ATOM   129  C CE1 . TYR A 1 16  ? 10.452  18.010  7.189   1.00 31.64  ? 16   TYR A CE1 1 
ATOM   130  C CE2 . TYR A 1 16  ? 11.079  15.732  7.720   1.00 31.59  ? 16   TYR A CE2 1 
ATOM   131  C CZ  . TYR A 1 16  ? 11.314  17.105  7.815   1.00 28.50  ? 16   TYR A CZ  1 
ATOM   132  O OH  . TYR A 1 16  ? 12.425  17.565  8.501   1.00 44.62  ? 16   TYR A OH  1 
ATOM   133  N N   . THR A 1 17  ? 5.141   16.605  6.801   1.00 48.92  ? 17   THR A N   1 
ATOM   134  C CA  . THR A 1 17  ? 4.385   17.522  7.652   1.00 41.75  ? 17   THR A CA  1 
ATOM   135  C C   . THR A 1 17  ? 2.888   17.196  7.637   1.00 47.95  ? 17   THR A C   1 
ATOM   136  O O   . THR A 1 17  ? 2.374   16.626  6.675   1.00 62.73  ? 17   THR A O   1 
ATOM   137  C CB  . THR A 1 17  ? 4.580   19.005  7.210   1.00 33.46  ? 17   THR A CB  1 
ATOM   138  O OG1 . THR A 1 17  ? 3.858   19.253  5.991   1.00 38.67  ? 17   THR A OG1 1 
ATOM   139  C CG2 . THR A 1 17  ? 6.065   19.310  7.006   1.00 29.76  ? 17   THR A CG2 1 
ATOM   140  N N   . GLU A 1 18  ? 2.204   17.573  8.715   1.00 54.00  ? 18   GLU A N   1 
ATOM   141  C CA  . GLU A 1 18  ? 0.767   17.344  8.877   1.00 53.75  ? 18   GLU A CA  1 
ATOM   142  C C   . GLU A 1 18  ? -0.032  17.730  7.637   1.00 47.38  ? 18   GLU A C   1 
ATOM   143  O O   . GLU A 1 18  ? -0.919  16.980  7.211   1.00 45.61  ? 18   GLU A O   1 
ATOM   144  C CB  . GLU A 1 18  ? 0.248   18.137  10.080  1.00 61.86  ? 18   GLU A CB  1 
ATOM   145  C CG  . GLU A 1 18  ? -1.240  17.979  10.383  1.00 68.58  ? 18   GLU A CG  1 
ATOM   146  C CD  . GLU A 1 18  ? -1.524  17.012  11.531  1.00 74.26  ? 18   GLU A CD  1 
ATOM   147  O OE1 . GLU A 1 18  ? -0.913  17.169  12.617  1.00 75.40  ? 18   GLU A OE1 1 
ATOM   148  O OE2 . GLU A 1 18  ? -2.369  16.104  11.348  1.00 75.98  ? 18   GLU A OE2 1 
ATOM   149  N N   . ASN A 1 19  ? 0.276   18.892  7.060   1.00 38.95  ? 19   ASN A N   1 
ATOM   150  C CA  . ASN A 1 19  ? -0.429  19.366  5.865   1.00 47.81  ? 19   ASN A CA  1 
ATOM   151  C C   . ASN A 1 19  ? -0.576  18.252  4.830   1.00 52.65  ? 19   ASN A C   1 
ATOM   152  O O   . ASN A 1 19  ? -1.683  17.948  4.388   1.00 45.39  ? 19   ASN A O   1 
ATOM   153  C CB  . ASN A 1 19  ? 0.305   20.567  5.253   1.00 57.02  ? 19   ASN A CB  1 
ATOM   154  C CG  . ASN A 1 19  ? -0.186  21.900  5.811   1.00 67.83  ? 19   ASN A CG  1 
ATOM   155  O OD1 . ASN A 1 19  ? -0.515  22.009  6.991   1.00 80.68  ? 19   ASN A OD1 1 
ATOM   156  N ND2 . ASN A 1 19  ? -0.225  22.924  4.961   1.00 65.39  ? 19   ASN A ND2 1 
ATOM   157  N N   . GLU A 1 20  ? 0.548   17.643  4.464   1.00 49.06  ? 20   GLU A N   1 
ATOM   158  C CA  . GLU A 1 20  ? 0.571   16.552  3.500   1.00 40.11  ? 20   GLU A CA  1 
ATOM   159  C C   . GLU A 1 20  ? -0.459  15.476  3.856   1.00 33.97  ? 20   GLU A C   1 
ATOM   160  O O   . GLU A 1 20  ? -1.023  14.831  2.969   1.00 43.29  ? 20   GLU A O   1 
ATOM   161  C CB  . GLU A 1 20  ? 1.982   15.957  3.451   1.00 44.78  ? 20   GLU A CB  1 
ATOM   162  C CG  . GLU A 1 20  ? 3.037   16.966  2.973   1.00 49.26  ? 20   GLU A CG  1 
ATOM   163  C CD  . GLU A 1 20  ? 4.461   16.477  3.144   1.00 54.33  ? 20   GLU A CD  1 
ATOM   164  O OE1 . GLU A 1 20  ? 4.729   15.304  2.814   1.00 53.61  ? 20   GLU A OE1 1 
ATOM   165  O OE2 . GLU A 1 20  ? 5.316   17.270  3.599   1.00 58.16  ? 20   GLU A OE2 1 
ATOM   166  N N   . ILE A 1 21  ? -0.710  15.281  5.153   1.00 31.41  ? 21   ILE A N   1 
ATOM   167  C CA  . ILE A 1 21  ? -1.698  14.293  5.565   1.00 36.64  ? 21   ILE A CA  1 
ATOM   168  C C   . ILE A 1 21  ? -3.115  14.834  5.316   1.00 48.17  ? 21   ILE A C   1 
ATOM   169  O O   . ILE A 1 21  ? -4.047  14.073  5.050   1.00 45.38  ? 21   ILE A O   1 
ATOM   170  C CB  . ILE A 1 21  ? -1.545  13.913  7.054   1.00 32.56  ? 21   ILE A CB  1 
ATOM   171  C CG1 . ILE A 1 21  ? -0.167  13.270  7.283   1.00 27.31  ? 21   ILE A CG1 1 
ATOM   172  C CG2 . ILE A 1 21  ? -2.679  12.961  7.468   1.00 30.05  ? 21   ILE A CG2 1 
ATOM   173  C CD1 . ILE A 1 21  ? -0.002  12.559  8.623   1.00 50.63  ? 21   ILE A CD1 1 
ATOM   174  N N   . LEU A 1 22  ? -3.266  16.153  5.398   1.00 54.02  ? 22   LEU A N   1 
ATOM   175  C CA  . LEU A 1 22  ? -4.554  16.784  5.158   1.00 64.72  ? 22   LEU A CA  1 
ATOM   176  C C   . LEU A 1 22  ? -4.738  16.908  3.654   1.00 66.90  ? 22   LEU A C   1 
ATOM   177  O O   . LEU A 1 22  ? -5.834  17.180  3.156   1.00 52.21  ? 22   LEU A O   1 
ATOM   178  C CB  . LEU A 1 22  ? -4.610  18.149  5.850   1.00 70.12  ? 22   LEU A CB  1 
ATOM   179  C CG  . LEU A 1 22  ? -4.906  18.023  7.355   1.00 71.36  ? 22   LEU A CG  1 
ATOM   180  C CD1 . LEU A 1 22  ? -4.404  19.247  8.113   1.00 72.84  ? 22   LEU A CD1 1 
ATOM   181  C CD2 . LEU A 1 22  ? -6.408  17.819  7.561   1.00 60.44  ? 22   LEU A CD2 1 
ATOM   182  N N   . GLU A 1 23  ? -3.642  16.702  2.931   1.00 69.25  ? 23   GLU A N   1 
ATOM   183  C CA  . GLU A 1 23  ? -3.679  16.733  1.481   1.00 66.71  ? 23   GLU A CA  1 
ATOM   184  C C   . GLU A 1 23  ? -4.384  15.436  1.101   1.00 59.44  ? 23   GLU A C   1 
ATOM   185  O O   . GLU A 1 23  ? -5.210  15.404  0.198   1.00 52.22  ? 23   GLU A O   1 
ATOM   186  C CB  . GLU A 1 23  ? -2.266  16.738  0.902   1.00 68.72  ? 23   GLU A CB  1 
ATOM   187  C CG  . GLU A 1 23  ? -1.494  18.024  1.087   1.00 76.94  ? 23   GLU A CG  1 
ATOM   188  C CD  . GLU A 1 23  ? -2.071  19.166  0.277   1.00 85.02  ? 23   GLU A CD  1 
ATOM   189  O OE1 . GLU A 1 23  ? -1.305  20.094  -0.070  1.00 88.60  ? 23   GLU A OE1 1 
ATOM   190  O OE2 . GLU A 1 23  ? -3.291  19.139  -0.005  1.00 94.57  ? 23   GLU A OE2 1 
ATOM   191  N N   . TRP A 1 24  ? -4.049  14.366  1.816   1.00 50.04  ? 24   TRP A N   1 
ATOM   192  C CA  . TRP A 1 24  ? -4.657  13.072  1.572   1.00 53.49  ? 24   TRP A CA  1 
ATOM   193  C C   . TRP A 1 24  ? -6.141  13.186  1.870   1.00 60.97  ? 24   TRP A C   1 
ATOM   194  O O   . TRP A 1 24  ? -6.989  12.917  1.021   1.00 75.65  ? 24   TRP A O   1 
ATOM   195  C CB  . TRP A 1 24  ? -4.050  12.009  2.491   1.00 52.70  ? 24   TRP A CB  1 
ATOM   196  C CG  . TRP A 1 24  ? -2.566  11.802  2.343   1.00 53.13  ? 24   TRP A CG  1 
ATOM   197  C CD1 . TRP A 1 24  ? -1.746  12.328  1.385   1.00 54.19  ? 24   TRP A CD1 1 
ATOM   198  C CD2 . TRP A 1 24  ? -1.729  11.015  3.196   1.00 50.89  ? 24   TRP A CD2 1 
ATOM   199  N NE1 . TRP A 1 24  ? -0.451  11.919  1.590   1.00 54.86  ? 24   TRP A NE1 1 
ATOM   200  C CE2 . TRP A 1 24  ? -0.413  11.112  2.697   1.00 53.72  ? 24   TRP A CE2 1 
ATOM   201  C CE3 . TRP A 1 24  ? -1.966  10.236  4.337   1.00 44.62  ? 24   TRP A CE3 1 
ATOM   202  C CZ2 . TRP A 1 24  ? 0.665   10.460  3.301   1.00 50.77  ? 24   TRP A CZ2 1 
ATOM   203  C CZ3 . TRP A 1 24  ? -0.899  9.589   4.937   1.00 44.86  ? 24   TRP A CZ3 1 
ATOM   204  C CH2 . TRP A 1 24  ? 0.402   9.707   4.417   1.00 47.11  ? 24   TRP A CH2 1 
ATOM   205  N N   . ARG A 1 25  ? -6.440  13.593  3.098   1.00 62.42  ? 25   ARG A N   1 
ATOM   206  C CA  . ARG A 1 25  ? -7.809  13.748  3.549   1.00 60.20  ? 25   ARG A CA  1 
ATOM   207  C C   . ARG A 1 25  ? -8.619  14.529  2.521   1.00 52.93  ? 25   ARG A C   1 
ATOM   208  O O   . ARG A 1 25  ? -9.751  14.163  2.205   1.00 56.43  ? 25   ARG A O   1 
ATOM   209  C CB  . ARG A 1 25  ? -7.819  14.467  4.899   1.00 69.60  ? 25   ARG A CB  1 
ATOM   210  C CG  . ARG A 1 25  ? -9.193  14.579  5.548   1.00 78.27  ? 25   ARG A CG  1 
ATOM   211  C CD  . ARG A 1 25  ? -9.091  15.214  6.935   1.00 84.07  ? 25   ARG A CD  1 
ATOM   212  N NE  . ARG A 1 25  ? -10.368 15.246  7.644   1.00 85.79  ? 25   ARG A NE  1 
ATOM   213  C CZ  . ARG A 1 25  ? -10.501 15.601  8.920   1.00 84.81  ? 25   ARG A CZ  1 
ATOM   214  N NH1 . ARG A 1 25  ? -11.699 15.605  9.493   1.00 80.03  ? 25   ARG A NH1 1 
ATOM   215  N NH2 . ARG A 1 25  ? -9.429  15.946  9.626   1.00 84.36  ? 25   ARG A NH2 1 
ATOM   216  N N   . LYS A 1 26  ? -8.020  15.595  1.993   1.00 48.63  ? 26   LYS A N   1 
ATOM   217  C CA  . LYS A 1 26  ? -8.673  16.446  1.007   1.00 57.11  ? 26   LYS A CA  1 
ATOM   218  C C   . LYS A 1 26  ? -8.833  15.818  -0.374  1.00 61.37  ? 26   LYS A C   1 
ATOM   219  O O   . LYS A 1 26  ? -9.834  16.053  -1.051  1.00 79.04  ? 26   LYS A O   1 
ATOM   220  C CB  . LYS A 1 26  ? -7.924  17.776  0.874   1.00 67.60  ? 26   LYS A CB  1 
ATOM   221  C CG  . LYS A 1 26  ? -8.214  18.770  1.990   1.00 77.64  ? 26   LYS A CG  1 
ATOM   222  C CD  . LYS A 1 26  ? -7.465  20.091  1.793   1.00 83.75  ? 26   LYS A CD  1 
ATOM   223  C CE  . LYS A 1 26  ? -7.985  20.902  0.600   1.00 84.16  ? 26   LYS A CE  1 
ATOM   224  N NZ  . LYS A 1 26  ? -7.724  20.276  -0.734  1.00 68.97  ? 26   LYS A NZ  1 
ATOM   225  N N   . GLU A 1 27  ? -7.854  15.031  -0.802  1.00 57.55  ? 27   GLU A N   1 
ATOM   226  C CA  . GLU A 1 27  ? -7.946  14.391  -2.111  1.00 49.76  ? 27   GLU A CA  1 
ATOM   227  C C   . GLU A 1 27  ? -8.883  13.188  -2.035  1.00 42.21  ? 27   GLU A C   1 
ATOM   228  O O   . GLU A 1 27  ? -9.160  12.550  -3.051  1.00 45.73  ? 27   GLU A O   1 
ATOM   229  C CB  . GLU A 1 27  ? -6.560  13.959  -2.613  1.00 50.38  ? 27   GLU A CB  1 
ATOM   230  C CG  . GLU A 1 27  ? -6.181  14.538  -3.977  1.00 52.52  ? 27   GLU A CG  1 
ATOM   231  C CD  . GLU A 1 27  ? -6.124  13.490  -5.094  1.00 61.07  ? 27   GLU A CD  1 
ATOM   232  O OE1 . GLU A 1 27  ? -7.148  12.827  -5.363  1.00 75.56  ? 27   GLU A OE1 1 
ATOM   233  O OE2 . GLU A 1 27  ? -5.049  13.332  -5.714  1.00 72.76  ? 27   GLU A OE2 1 
ATOM   234  N N   . GLY A 1 28  ? -9.364  12.882  -0.827  1.00 31.58  ? 28   GLY A N   1 
ATOM   235  C CA  . GLY A 1 28  ? -10.294 11.776  -0.667  1.00 25.42  ? 28   GLY A CA  1 
ATOM   236  C C   . GLY A 1 28  ? -9.908  10.566  0.176   1.00 26.66  ? 28   GLY A C   1 
ATOM   237  O O   . GLY A 1 28  ? -10.692 9.627   0.296   1.00 33.23  ? 28   GLY A O   1 
ATOM   238  N N   . VAL A 1 29  ? -8.720  10.567  0.767   1.00 32.10  ? 29   VAL A N   1 
ATOM   239  C CA  . VAL A 1 29  ? -8.306  9.424   1.584   1.00 40.27  ? 29   VAL A CA  1 
ATOM   240  C C   . VAL A 1 29  ? -9.196  9.258   2.822   1.00 41.43  ? 29   VAL A C   1 
ATOM   241  O O   . VAL A 1 29  ? -9.719  10.239  3.363   1.00 49.23  ? 29   VAL A O   1 
ATOM   242  C CB  . VAL A 1 29  ? -6.819  9.561   2.017   1.00 41.81  ? 29   VAL A CB  1 
ATOM   243  C CG1 . VAL A 1 29  ? -6.425  8.415   2.955   1.00 35.38  ? 29   VAL A CG1 1 
ATOM   244  C CG2 . VAL A 1 29  ? -5.928  9.563   0.779   1.00 27.50  ? 29   VAL A CG2 1 
ATOM   245  N N   . LYS A 1 30  ? -9.388  8.010   3.249   1.00 42.57  ? 30   LYS A N   1 
ATOM   246  C CA  . LYS A 1 30  ? -10.209 7.718   4.423   1.00 45.32  ? 30   LYS A CA  1 
ATOM   247  C C   . LYS A 1 30  ? -9.438  6.788   5.351   1.00 49.32  ? 30   LYS A C   1 
ATOM   248  O O   . LYS A 1 30  ? -9.428  6.981   6.567   1.00 45.70  ? 30   LYS A O   1 
ATOM   249  C CB  . LYS A 1 30  ? -11.544 7.056   4.031   1.00 46.43  ? 30   LYS A CB  1 
ATOM   250  C CG  . LYS A 1 30  ? -12.406 7.832   3.018   1.00 45.09  ? 30   LYS A CG  1 
ATOM   251  C CD  . LYS A 1 30  ? -12.764 9.242   3.477   1.00 41.68  ? 30   LYS A CD  1 
ATOM   252  C CE  . LYS A 1 30  ? -13.564 9.985   2.392   1.00 43.37  ? 30   LYS A CE  1 
ATOM   253  N NZ  . LYS A 1 30  ? -13.873 11.428  2.680   1.00 50.50  ? 30   LYS A NZ  1 
ATOM   254  N N   . ARG A 1 31  ? -8.790  5.784   4.768   1.00 50.24  ? 31   ARG A N   1 
ATOM   255  C CA  . ARG A 1 31  ? -8.014  4.825   5.552   1.00 46.16  ? 31   ARG A CA  1 
ATOM   256  C C   . ARG A 1 31  ? -6.564  4.870   5.079   1.00 49.62  ? 31   ARG A C   1 
ATOM   257  O O   . ARG A 1 31  ? -6.259  5.521   4.077   1.00 51.90  ? 31   ARG A O   1 
ATOM   258  C CB  . ARG A 1 31  ? -8.578  3.412   5.367   1.00 43.56  ? 31   ARG A CB  1 
ATOM   259  C CG  . ARG A 1 31  ? -10.091 3.309   5.542   1.00 40.06  ? 31   ARG A CG  1 
ATOM   260  C CD  . ARG A 1 31  ? -10.595 2.019   4.929   1.00 32.90  ? 31   ARG A CD  1 
ATOM   261  N NE  . ARG A 1 31  ? -10.299 0.864   5.771   1.00 28.21  ? 31   ARG A NE  1 
ATOM   262  C CZ  . ARG A 1 31  ? -10.092 -0.362  5.308   1.00 31.91  ? 31   ARG A CZ  1 
ATOM   263  N NH1 . ARG A 1 31  ? -10.139 -0.593  4.004   1.00 47.05  ? 31   ARG A NH1 1 
ATOM   264  N NH2 . ARG A 1 31  ? -9.852  -1.358  6.150   1.00 35.34  ? 31   ARG A NH2 1 
ATOM   265  N N   . VAL A 1 32  ? -5.674  4.184   5.796   1.00 48.78  ? 32   VAL A N   1 
ATOM   266  C CA  . VAL A 1 32  ? -4.254  4.156   5.429   1.00 47.45  ? 32   VAL A CA  1 
ATOM   267  C C   . VAL A 1 32  ? -3.506  2.916   5.902   1.00 52.14  ? 32   VAL A C   1 
ATOM   268  O O   . VAL A 1 32  ? -3.516  2.582   7.087   1.00 46.26  ? 32   VAL A O   1 
ATOM   269  C CB  . VAL A 1 32  ? -3.465  5.371   6.010   1.00 39.32  ? 32   VAL A CB  1 
ATOM   270  C CG1 . VAL A 1 32  ? -1.977  5.185   5.764   1.00 44.21  ? 32   VAL A CG1 1 
ATOM   271  C CG2 . VAL A 1 32  ? -3.929  6.671   5.387   1.00 20.62  ? 32   VAL A CG2 1 
ATOM   272  N N   . LEU A 1 33  ? -2.849  2.235   4.972   1.00 52.69  ? 33   LEU A N   1 
ATOM   273  C CA  . LEU A 1 33  ? -2.040  1.085   5.341   1.00 46.36  ? 33   LEU A CA  1 
ATOM   274  C C   . LEU A 1 33  ? -0.610  1.622   5.351   1.00 48.33  ? 33   LEU A C   1 
ATOM   275  O O   . LEU A 1 33  ? -0.022  1.847   4.292   1.00 38.04  ? 33   LEU A O   1 
ATOM   276  C CB  . LEU A 1 33  ? -2.176  -0.039  4.322   1.00 35.00  ? 33   LEU A CB  1 
ATOM   277  C CG  . LEU A 1 33  ? -1.164  -1.163  4.576   1.00 35.73  ? 33   LEU A CG  1 
ATOM   278  C CD1 . LEU A 1 33  ? -1.447  -1.851  5.916   1.00 32.80  ? 33   LEU A CD1 1 
ATOM   279  C CD2 . LEU A 1 33  ? -1.222  -2.157  3.437   1.00 46.48  ? 33   LEU A CD2 1 
ATOM   280  N N   . VAL A 1 34  ? -0.075  1.863   6.550   1.00 50.23  ? 34   VAL A N   1 
ATOM   281  C CA  . VAL A 1 34  ? 1.282   2.394   6.713   1.00 46.02  ? 34   VAL A CA  1 
ATOM   282  C C   . VAL A 1 34  ? 2.279   1.274   6.514   1.00 36.28  ? 34   VAL A C   1 
ATOM   283  O O   . VAL A 1 34  ? 2.258   0.290   7.245   1.00 36.59  ? 34   VAL A O   1 
ATOM   284  C CB  . VAL A 1 34  ? 1.477   3.021   8.120   1.00 50.16  ? 34   VAL A CB  1 
ATOM   285  C CG1 . VAL A 1 34  ? 2.905   3.510   8.292   1.00 39.53  ? 34   VAL A CG1 1 
ATOM   286  C CG2 . VAL A 1 34  ? 0.524   4.190   8.299   1.00 53.44  ? 34   VAL A CG2 1 
ATOM   287  N N   . LEU A 1 35  ? 3.155   1.436   5.525   1.00 37.70  ? 35   LEU A N   1 
ATOM   288  C CA  . LEU A 1 35  ? 4.137   0.406   5.198   1.00 46.12  ? 35   LEU A CA  1 
ATOM   289  C C   . LEU A 1 35  ? 5.585   0.550   5.666   1.00 43.25  ? 35   LEU A C   1 
ATOM   290  O O   . LEU A 1 35  ? 6.285   -0.446  5.746   1.00 37.06  ? 35   LEU A O   1 
ATOM   291  C CB  . LEU A 1 35  ? 4.162   0.175   3.686   1.00 50.25  ? 35   LEU A CB  1 
ATOM   292  C CG  . LEU A 1 35  ? 2.865   -0.188  2.965   1.00 46.01  ? 35   LEU A CG  1 
ATOM   293  C CD1 . LEU A 1 35  ? 3.181   -0.486  1.500   1.00 27.41  ? 35   LEU A CD1 1 
ATOM   294  C CD2 . LEU A 1 35  ? 2.211   -1.394  3.632   1.00 35.48  ? 35   LEU A CD2 1 
ATOM   295  N N   . PRO A 1 36  ? 6.065   1.775   5.956   1.00 38.46  ? 36   PRO A N   1 
ATOM   296  C CA  . PRO A 1 36  ? 7.459   1.933   6.404   1.00 43.45  ? 36   PRO A CA  1 
ATOM   297  C C   . PRO A 1 36  ? 7.833   1.133   7.664   1.00 44.08  ? 36   PRO A C   1 
ATOM   298  O O   . PRO A 1 36  ? 6.976   0.585   8.355   1.00 32.18  ? 36   PRO A O   1 
ATOM   299  C CB  . PRO A 1 36  ? 7.576   3.437   6.646   1.00 42.86  ? 36   PRO A CB  1 
ATOM   300  C CG  . PRO A 1 36  ? 6.586   4.018   5.698   1.00 35.88  ? 36   PRO A CG  1 
ATOM   301  C CD  . PRO A 1 36  ? 5.410   3.091   5.834   1.00 38.41  ? 36   PRO A CD  1 
ATOM   302  N N   . GLU A 1 37  ? 9.124   1.051   7.958   1.00 46.21  ? 37   GLU A N   1 
ATOM   303  C CA  . GLU A 1 37  ? 9.536   0.352   9.162   1.00 44.65  ? 37   GLU A CA  1 
ATOM   304  C C   . GLU A 1 37  ? 9.607   1.373   10.285  1.00 42.66  ? 37   GLU A C   1 
ATOM   305  O O   . GLU A 1 37  ? 9.862   2.555   10.033  1.00 32.53  ? 37   GLU A O   1 
ATOM   306  C CB  . GLU A 1 37  ? 10.888  -0.331  8.973   1.00 40.69  ? 37   GLU A CB  1 
ATOM   307  C CG  . GLU A 1 37  ? 10.754  -1.686  8.321   1.00 42.47  ? 37   GLU A CG  1 
ATOM   308  C CD  . GLU A 1 37  ? 11.985  -2.546  8.480   1.00 44.54  ? 37   GLU A CD  1 
ATOM   309  O OE1 . GLU A 1 37  ? 12.964  -2.359  7.722   1.00 48.63  ? 37   GLU A OE1 1 
ATOM   310  O OE2 . GLU A 1 37  ? 11.962  -3.410  9.381   1.00 33.89  ? 37   GLU A OE2 1 
ATOM   311  N N   . ASP A 1 38  ? 9.361   0.922   11.513  1.00 37.17  ? 38   ASP A N   1 
ATOM   312  C CA  . ASP A 1 38  ? 9.391   1.813   12.664  1.00 35.63  ? 38   ASP A CA  1 
ATOM   313  C C   . ASP A 1 38  ? 10.427  2.917   12.484  1.00 35.86  ? 38   ASP A C   1 
ATOM   314  O O   . ASP A 1 38  ? 10.077  4.100   12.400  1.00 53.07  ? 38   ASP A O   1 
ATOM   315  C CB  . ASP A 1 38  ? 9.707   1.033   13.951  1.00 37.48  ? 38   ASP A CB  1 
ATOM   316  C CG  . ASP A 1 38  ? 8.542   0.171   14.431  1.00 46.94  ? 38   ASP A CG  1 
ATOM   317  O OD1 . ASP A 1 38  ? 8.028   -0.659  13.647  1.00 50.16  ? 38   ASP A OD1 1 
ATOM   318  O OD2 . ASP A 1 38  ? 8.148   0.318   15.607  1.00 61.06  ? 38   ASP A OD2 1 
ATOM   319  N N   . TRP A 1 39  ? 11.699  2.524   12.410  1.00 29.06  ? 39   TRP A N   1 
ATOM   320  C CA  . TRP A 1 39  ? 12.796  3.486   12.273  1.00 25.43  ? 39   TRP A CA  1 
ATOM   321  C C   . TRP A 1 39  ? 12.657  4.416   11.064  1.00 28.32  ? 39   TRP A C   1 
ATOM   322  O O   . TRP A 1 39  ? 13.057  5.587   11.124  1.00 36.48  ? 39   TRP A O   1 
ATOM   323  C CB  . TRP A 1 39  ? 14.150  2.758   12.227  1.00 25.64  ? 39   TRP A CB  1 
ATOM   324  C CG  . TRP A 1 39  ? 14.351  1.934   11.006  1.00 16.89  ? 39   TRP A CG  1 
ATOM   325  C CD1 . TRP A 1 39  ? 13.913  0.653   10.794  1.00 10.53  ? 39   TRP A CD1 1 
ATOM   326  C CD2 . TRP A 1 39  ? 14.933  2.374   9.764   1.00 5.09   ? 39   TRP A CD2 1 
ATOM   327  N NE1 . TRP A 1 39  ? 14.176  0.270   9.484   1.00 19.96  ? 39   TRP A NE1 1 
ATOM   328  C CE2 . TRP A 1 39  ? 14.797  1.304   8.832   1.00 11.85  ? 39   TRP A CE2 1 
ATOM   329  C CE3 . TRP A 1 39  ? 15.548  3.568   9.344   1.00 13.66  ? 39   TRP A CE3 1 
ATOM   330  C CZ2 . TRP A 1 39  ? 15.248  1.395   7.513   1.00 15.38  ? 39   TRP A CZ2 1 
ATOM   331  C CZ3 . TRP A 1 39  ? 16.001  3.656   8.021   1.00 14.33  ? 39   TRP A CZ3 1 
ATOM   332  C CH2 . TRP A 1 39  ? 15.845  2.574   7.124   1.00 16.23  ? 39   TRP A CH2 1 
ATOM   333  N N   . GLU A 1 40  ? 12.094  3.901   9.972   1.00 35.14  ? 40   GLU A N   1 
ATOM   334  C CA  . GLU A 1 40  ? 11.894  4.711   8.784   1.00 34.67  ? 40   GLU A CA  1 
ATOM   335  C C   . GLU A 1 40  ? 10.941  5.858   9.120   1.00 32.43  ? 40   GLU A C   1 
ATOM   336  O O   . GLU A 1 40  ? 11.177  7.018   8.762   1.00 25.66  ? 40   GLU A O   1 
ATOM   337  C CB  . GLU A 1 40  ? 11.337  3.855   7.637   1.00 41.09  ? 40   GLU A CB  1 
ATOM   338  C CG  . GLU A 1 40  ? 12.408  3.045   6.890   1.00 38.19  ? 40   GLU A CG  1 
ATOM   339  C CD  . GLU A 1 40  ? 11.832  2.172   5.782   1.00 38.39  ? 40   GLU A CD  1 
ATOM   340  O OE1 . GLU A 1 40  ? 10.911  1.374   6.068   1.00 31.88  ? 40   GLU A OE1 1 
ATOM   341  O OE2 . GLU A 1 40  ? 12.301  2.275   4.625   1.00 30.91  ? 40   GLU A OE2 1 
ATOM   342  N N   . ILE A 1 41  ? 9.870   5.540   9.835   1.00 30.86  ? 41   ILE A N   1 
ATOM   343  C CA  . ILE A 1 41  ? 8.899   6.557   10.223  1.00 41.36  ? 41   ILE A CA  1 
ATOM   344  C C   . ILE A 1 41  ? 9.544   7.603   11.142  1.00 47.76  ? 41   ILE A C   1 
ATOM   345  O O   . ILE A 1 41  ? 9.611   8.796   10.800  1.00 42.79  ? 41   ILE A O   1 
ATOM   346  C CB  . ILE A 1 41  ? 7.684   5.912   10.948  1.00 47.40  ? 41   ILE A CB  1 
ATOM   347  C CG1 . ILE A 1 41  ? 6.998   4.917   10.011  1.00 47.27  ? 41   ILE A CG1 1 
ATOM   348  C CG2 . ILE A 1 41  ? 6.705   6.995   11.408  1.00 58.84  ? 41   ILE A CG2 1 
ATOM   349  C CD1 . ILE A 1 41  ? 5.946   4.060   10.668  1.00 50.63  ? 41   ILE A CD1 1 
ATOM   350  N N   . GLU A 1 42  ? 10.032  7.142   12.295  1.00 48.24  ? 42   GLU A N   1 
ATOM   351  C CA  . GLU A 1 42  ? 10.645  8.025   13.283  1.00 50.21  ? 42   GLU A CA  1 
ATOM   352  C C   . GLU A 1 42  ? 11.806  8.904   12.803  1.00 45.04  ? 42   GLU A C   1 
ATOM   353  O O   . GLU A 1 42  ? 12.007  10.001  13.320  1.00 41.67  ? 42   GLU A O   1 
ATOM   354  C CB  . GLU A 1 42  ? 11.071  7.225   14.515  1.00 56.51  ? 42   GLU A CB  1 
ATOM   355  C CG  . GLU A 1 42  ? 12.043  6.110   14.240  1.00 58.27  ? 42   GLU A CG  1 
ATOM   356  C CD  . GLU A 1 42  ? 12.665  5.577   15.518  1.00 57.92  ? 42   GLU A CD  1 
ATOM   357  O OE1 . GLU A 1 42  ? 13.320  6.372   16.226  1.00 48.74  ? 42   GLU A OE1 1 
ATOM   358  O OE2 . GLU A 1 42  ? 12.498  4.370   15.810  1.00 62.94  ? 42   GLU A OE2 1 
ATOM   359  N N   . GLU A 1 43  ? 12.580  8.447   11.833  1.00 44.71  ? 43   GLU A N   1 
ATOM   360  C CA  . GLU A 1 43  ? 13.662  9.297   11.356  1.00 49.94  ? 43   GLU A CA  1 
ATOM   361  C C   . GLU A 1 43  ? 13.056  10.560  10.770  1.00 45.25  ? 43   GLU A C   1 
ATOM   362  O O   . GLU A 1 43  ? 13.724  11.577  10.638  1.00 59.31  ? 43   GLU A O   1 
ATOM   363  C CB  . GLU A 1 43  ? 14.492  8.599   10.276  1.00 65.36  ? 43   GLU A CB  1 
ATOM   364  C CG  . GLU A 1 43  ? 15.532  7.630   10.802  1.00 75.71  ? 43   GLU A CG  1 
ATOM   365  C CD  . GLU A 1 43  ? 16.641  7.382   9.799   1.00 80.79  ? 43   GLU A CD  1 
ATOM   366  O OE1 . GLU A 1 43  ? 17.555  6.590   10.107  1.00 91.92  ? 43   GLU A OE1 1 
ATOM   367  O OE2 . GLU A 1 43  ? 16.599  7.987   8.703   1.00 80.36  ? 43   GLU A OE2 1 
ATOM   368  N N   . SER A 1 44  ? 11.778  10.490  10.424  1.00 46.62  ? 44   SER A N   1 
ATOM   369  C CA  . SER A 1 44  ? 11.095  11.627  9.831   1.00 42.48  ? 44   SER A CA  1 
ATOM   370  C C   . SER A 1 44  ? 10.272  12.428  10.844  1.00 36.17  ? 44   SER A C   1 
ATOM   371  O O   . SER A 1 44  ? 10.314  13.660  10.831  1.00 22.66  ? 44   SER A O   1 
ATOM   372  C CB  . SER A 1 44  ? 10.193  11.153  8.690   1.00 37.01  ? 44   SER A CB  1 
ATOM   373  O OG  . SER A 1 44  ? 10.009  12.167  7.721   1.00 52.77  ? 44   SER A OG  1 
ATOM   374  N N   . TRP A 1 45  ? 9.541   11.737  11.723  1.00 37.32  ? 45   TRP A N   1 
ATOM   375  C CA  . TRP A 1 45  ? 8.704   12.408  12.718  1.00 47.77  ? 45   TRP A CA  1 
ATOM   376  C C   . TRP A 1 45  ? 9.324   12.462  14.107  1.00 48.99  ? 45   TRP A C   1 
ATOM   377  O O   . TRP A 1 45  ? 9.083   13.399  14.866  1.00 37.36  ? 45   TRP A O   1 
ATOM   378  C CB  . TRP A 1 45  ? 7.333   11.735  12.786  1.00 55.63  ? 45   TRP A CB  1 
ATOM   379  C CG  . TRP A 1 45  ? 6.601   11.852  11.494  1.00 71.07  ? 45   TRP A CG  1 
ATOM   380  C CD1 . TRP A 1 45  ? 6.814   11.120  10.364  1.00 76.70  ? 45   TRP A CD1 1 
ATOM   381  C CD2 . TRP A 1 45  ? 5.624   12.842  11.151  1.00 75.08  ? 45   TRP A CD2 1 
ATOM   382  N NE1 . TRP A 1 45  ? 6.042   11.596  9.338   1.00 77.20  ? 45   TRP A NE1 1 
ATOM   383  C CE2 . TRP A 1 45  ? 5.300   12.653  9.792   1.00 78.57  ? 45   TRP A CE2 1 
ATOM   384  C CE3 . TRP A 1 45  ? 4.996   13.873  11.858  1.00 71.83  ? 45   TRP A CE3 1 
ATOM   385  C CZ2 . TRP A 1 45  ? 4.374   13.458  9.124   1.00 81.79  ? 45   TRP A CZ2 1 
ATOM   386  C CZ3 . TRP A 1 45  ? 4.077   14.675  11.195  1.00 77.12  ? 45   TRP A CZ3 1 
ATOM   387  C CH2 . TRP A 1 45  ? 3.775   14.462  9.839   1.00 81.66  ? 45   TRP A CH2 1 
ATOM   388  N N   . GLY A 1 46  ? 10.137  11.464  14.427  1.00 45.42  ? 46   GLY A N   1 
ATOM   389  C CA  . GLY A 1 46  ? 10.772  11.416  15.725  1.00 36.22  ? 46   GLY A CA  1 
ATOM   390  C C   . GLY A 1 46  ? 10.092  10.354  16.559  1.00 37.39  ? 46   GLY A C   1 
ATOM   391  O O   . GLY A 1 46  ? 10.705  9.785   17.466  1.00 58.59  ? 46   GLY A O   1 
ATOM   392  N N   . ASP A 1 47  ? 8.825   10.077  16.252  1.00 35.35  ? 47   ASP A N   1 
ATOM   393  C CA  . ASP A 1 47  ? 8.076   9.065   16.992  1.00 38.12  ? 47   ASP A CA  1 
ATOM   394  C C   . ASP A 1 47  ? 7.052   8.325   16.142  1.00 40.59  ? 47   ASP A C   1 
ATOM   395  O O   . ASP A 1 47  ? 6.057   8.896   15.700  1.00 49.73  ? 47   ASP A O   1 
ATOM   396  C CB  . ASP A 1 47  ? 7.371   9.698   18.194  1.00 31.46  ? 47   ASP A CB  1 
ATOM   397  C CG  . ASP A 1 47  ? 6.749   8.662   19.121  1.00 32.45  ? 47   ASP A CG  1 
ATOM   398  O OD1 . ASP A 1 47  ? 5.746   8.021   18.744  1.00 38.35  ? 47   ASP A OD1 1 
ATOM   399  O OD2 . ASP A 1 47  ? 7.280   8.485   20.237  1.00 67.52  ? 47   ASP A OD2 1 
ATOM   400  N N   . LYS A 1 48  ? 7.302   7.035   15.942  1.00 42.91  ? 48   LYS A N   1 
ATOM   401  C CA  . LYS A 1 48  ? 6.421   6.176   15.154  1.00 44.25  ? 48   LYS A CA  1 
ATOM   402  C C   . LYS A 1 48  ? 4.968   6.284   15.626  1.00 42.05  ? 48   LYS A C   1 
ATOM   403  O O   . LYS A 1 48  ? 4.099   6.749   14.886  1.00 42.63  ? 48   LYS A O   1 
ATOM   404  C CB  . LYS A 1 48  ? 6.921   4.726   15.236  1.00 39.40  ? 48   LYS A CB  1 
ATOM   405  C CG  . LYS A 1 48  ? 6.157   3.726   14.393  1.00 35.26  ? 48   LYS A CG  1 
ATOM   406  C CD  . LYS A 1 48  ? 5.067   3.022   15.186  1.00 29.34  ? 48   LYS A CD  1 
ATOM   407  C CE  . LYS A 1 48  ? 5.650   2.007   16.166  1.00 28.14  ? 48   LYS A CE  1 
ATOM   408  N NZ  . LYS A 1 48  ? 4.595   1.228   16.897  1.00 41.87  ? 48   LYS A NZ  1 
ATOM   409  N N   . ASP A 1 49  ? 4.712   5.861   16.859  1.00 38.30  ? 49   ASP A N   1 
ATOM   410  C CA  . ASP A 1 49  ? 3.374   5.918   17.441  1.00 39.00  ? 49   ASP A CA  1 
ATOM   411  C C   . ASP A 1 49  ? 2.763   7.322   17.385  1.00 33.63  ? 49   ASP A C   1 
ATOM   412  O O   . ASP A 1 49  ? 1.537   7.477   17.386  1.00 37.54  ? 49   ASP A O   1 
ATOM   413  C CB  . ASP A 1 49  ? 3.430   5.427   18.886  1.00 45.46  ? 49   ASP A CB  1 
ATOM   414  C CG  . ASP A 1 49  ? 3.553   3.915   18.983  1.00 54.03  ? 49   ASP A CG  1 
ATOM   415  O OD1 . ASP A 1 49  ? 3.962   3.416   20.052  1.00 65.19  ? 49   ASP A OD1 1 
ATOM   416  O OD2 . ASP A 1 49  ? 3.225   3.223   17.996  1.00 59.56  ? 49   ASP A OD2 1 
ATOM   417  N N   . TYR A 1 50  ? 3.617   8.341   17.333  1.00 24.29  ? 50   TYR A N   1 
ATOM   418  C CA  . TYR A 1 50  ? 3.141   9.712   17.274  1.00 27.14  ? 50   TYR A CA  1 
ATOM   419  C C   . TYR A 1 50  ? 2.572   9.980   15.899  1.00 45.80  ? 50   TYR A C   1 
ATOM   420  O O   . TYR A 1 50  ? 1.594   10.725  15.736  1.00 57.59  ? 50   TYR A O   1 
ATOM   421  C CB  . TYR A 1 50  ? 4.278   10.699  17.534  1.00 30.05  ? 50   TYR A CB  1 
ATOM   422  C CG  . TYR A 1 50  ? 3.959   12.090  17.032  1.00 41.68  ? 50   TYR A CG  1 
ATOM   423  C CD1 . TYR A 1 50  ? 4.285   12.474  15.736  1.00 47.85  ? 50   TYR A CD1 1 
ATOM   424  C CD2 . TYR A 1 50  ? 3.267   12.998  17.830  1.00 50.59  ? 50   TYR A CD2 1 
ATOM   425  C CE1 . TYR A 1 50  ? 3.930   13.722  15.245  1.00 52.96  ? 50   TYR A CE1 1 
ATOM   426  C CE2 . TYR A 1 50  ? 2.903   14.253  17.350  1.00 49.39  ? 50   TYR A CE2 1 
ATOM   427  C CZ  . TYR A 1 50  ? 3.236   14.610  16.057  1.00 50.88  ? 50   TYR A CZ  1 
ATOM   428  O OH  . TYR A 1 50  ? 2.880   15.852  15.566  1.00 54.37  ? 50   TYR A OH  1 
ATOM   429  N N   . TYR A 1 51  ? 3.220   9.389   14.903  1.00 46.85  ? 51   TYR A N   1 
ATOM   430  C CA  . TYR A 1 51  ? 2.790   9.559   13.535  1.00 26.68  ? 51   TYR A CA  1 
ATOM   431  C C   . TYR A 1 51  ? 1.458   8.833   13.363  1.00 22.71  ? 51   TYR A C   1 
ATOM   432  O O   . TYR A 1 51  ? 0.519   9.368   12.771  1.00 34.72  ? 51   TYR A O   1 
ATOM   433  C CB  . TYR A 1 51  ? 3.842   8.998   12.581  1.00 22.06  ? 51   TYR A CB  1 
ATOM   434  C CG  . TYR A 1 51  ? 3.367   8.903   11.144  1.00 23.99  ? 51   TYR A CG  1 
ATOM   435  C CD1 . TYR A 1 51  ? 3.145   10.048  10.384  1.00 23.08  ? 51   TYR A CD1 1 
ATOM   436  C CD2 . TYR A 1 51  ? 3.093   7.665   10.563  1.00 26.52  ? 51   TYR A CD2 1 
ATOM   437  C CE1 . TYR A 1 51  ? 2.653   9.967   9.073   1.00 33.19  ? 51   TYR A CE1 1 
ATOM   438  C CE2 . TYR A 1 51  ? 2.604   7.568   9.251   1.00 26.07  ? 51   TYR A CE2 1 
ATOM   439  C CZ  . TYR A 1 51  ? 2.385   8.722   8.515   1.00 30.10  ? 51   TYR A CZ  1 
ATOM   440  O OH  . TYR A 1 51  ? 1.894   8.629   7.234   1.00 32.15  ? 51   TYR A OH  1 
ATOM   441  N N   . LEU A 1 52  ? 1.377   7.619   13.900  1.00 17.07  ? 52   LEU A N   1 
ATOM   442  C CA  . LEU A 1 52  ? 0.159   6.830   13.797  1.00 26.16  ? 52   LEU A CA  1 
ATOM   443  C C   . LEU A 1 52  ? -0.972  7.497   14.563  1.00 43.90  ? 52   LEU A C   1 
ATOM   444  O O   . LEU A 1 52  ? -2.140  7.287   14.257  1.00 66.27  ? 52   LEU A O   1 
ATOM   445  C CB  . LEU A 1 52  ? 0.407   5.413   14.322  1.00 23.79  ? 52   LEU A CB  1 
ATOM   446  C CG  . LEU A 1 52  ? 1.423   4.626   13.485  1.00 29.95  ? 52   LEU A CG  1 
ATOM   447  C CD1 . LEU A 1 52  ? 1.843   3.352   14.177  1.00 28.44  ? 52   LEU A CD1 1 
ATOM   448  C CD2 . LEU A 1 52  ? 0.805   4.311   12.139  1.00 31.96  ? 52   LEU A CD2 1 
ATOM   449  N N   . SER A 1 53  ? -0.616  8.320   15.541  1.00 50.24  ? 53   SER A N   1 
ATOM   450  C CA  . SER A 1 53  ? -1.607  9.014   16.350  1.00 48.46  ? 53   SER A CA  1 
ATOM   451  C C   . SER A 1 53  ? -2.222  10.167  15.595  1.00 43.98  ? 53   SER A C   1 
ATOM   452  O O   . SER A 1 53  ? -3.402  10.450  15.763  1.00 55.62  ? 53   SER A O   1 
ATOM   453  C CB  . SER A 1 53  ? -0.979  9.552   17.632  1.00 56.53  ? 53   SER A CB  1 
ATOM   454  O OG  . SER A 1 53  ? -0.193  10.693  17.350  1.00 66.66  ? 53   SER A OG  1 
ATOM   455  N N   . ILE A 1 54  ? -1.430  10.852  14.778  1.00 40.43  ? 54   ILE A N   1 
ATOM   456  C CA  . ILE A 1 54  ? -1.975  11.967  14.017  1.00 41.68  ? 54   ILE A CA  1 
ATOM   457  C C   . ILE A 1 54  ? -2.765  11.417  12.850  1.00 48.05  ? 54   ILE A C   1 
ATOM   458  O O   . ILE A 1 54  ? -3.686  12.070  12.359  1.00 68.29  ? 54   ILE A O   1 
ATOM   459  C CB  . ILE A 1 54  ? -0.885  12.936  13.502  1.00 46.01  ? 54   ILE A CB  1 
ATOM   460  C CG1 . ILE A 1 54  ? 0.233   12.161  12.820  1.00 51.28  ? 54   ILE A CG1 1 
ATOM   461  C CG2 . ILE A 1 54  ? -0.339  13.764  14.646  1.00 62.59  ? 54   ILE A CG2 1 
ATOM   462  C CD1 . ILE A 1 54  ? 1.370   13.038  12.358  1.00 50.63  ? 54   ILE A CD1 1 
ATOM   463  N N   . LEU A 1 55  ? -2.411  10.209  12.414  1.00 51.25  ? 55   LEU A N   1 
ATOM   464  C CA  . LEU A 1 55  ? -3.137  9.566   11.323  1.00 52.19  ? 55   LEU A CA  1 
ATOM   465  C C   . LEU A 1 55  ? -4.558  9.347   11.813  1.00 52.81  ? 55   LEU A C   1 
ATOM   466  O O   . LEU A 1 55  ? -5.532  9.647   11.112  1.00 61.63  ? 55   LEU A O   1 
ATOM   467  C CB  . LEU A 1 55  ? -2.512  8.224   10.946  1.00 51.44  ? 55   LEU A CB  1 
ATOM   468  C CG  . LEU A 1 55  ? -1.248  8.321   10.086  1.00 44.76  ? 55   LEU A CG  1 
ATOM   469  C CD1 . LEU A 1 55  ? -0.780  6.911   9.700   1.00 33.26  ? 55   LEU A CD1 1 
ATOM   470  C CD2 . LEU A 1 55  ? -1.526  9.168   8.842   1.00 31.64  ? 55   LEU A CD2 1 
ATOM   471  N N   . LYS A 1 56  ? -4.665  8.822   13.027  1.00 48.94  ? 56   LYS A N   1 
ATOM   472  C CA  . LYS A 1 56  ? -5.956  8.588   13.643  1.00 50.90  ? 56   LYS A CA  1 
ATOM   473  C C   . LYS A 1 56  ? -6.579  9.934   13.988  1.00 53.59  ? 56   LYS A C   1 
ATOM   474  O O   . LYS A 1 56  ? -7.797  10.086  13.976  1.00 75.64  ? 56   LYS A O   1 
ATOM   475  C CB  . LYS A 1 56  ? -5.789  7.751   14.908  1.00 50.32  ? 56   LYS A CB  1 
ATOM   476  C CG  . LYS A 1 56  ? -6.031  6.277   14.701  1.00 56.78  ? 56   LYS A CG  1 
ATOM   477  C CD  . LYS A 1 56  ? -5.366  5.435   15.784  1.00 67.10  ? 56   LYS A CD  1 
ATOM   478  C CE  . LYS A 1 56  ? -3.842  5.495   15.678  1.00 72.29  ? 56   LYS A CE  1 
ATOM   479  N NZ  . LYS A 1 56  ? -3.149  4.564   16.612  1.00 80.58  ? 56   LYS A NZ  1 
ATOM   480  N N   . LYS A 1 57  ? -5.729  10.912  14.277  1.00 54.51  ? 57   LYS A N   1 
ATOM   481  C CA  . LYS A 1 57  ? -6.192  12.244  14.644  1.00 60.70  ? 57   LYS A CA  1 
ATOM   482  C C   . LYS A 1 57  ? -7.113  12.830  13.579  1.00 65.06  ? 57   LYS A C   1 
ATOM   483  O O   . LYS A 1 57  ? -8.187  13.346  13.897  1.00 81.99  ? 57   LYS A O   1 
ATOM   484  C CB  . LYS A 1 57  ? -4.993  13.177  14.885  1.00 65.06  ? 57   LYS A CB  1 
ATOM   485  C CG  . LYS A 1 57  ? -5.339  14.522  15.539  1.00 67.83  ? 57   LYS A CG  1 
ATOM   486  C CD  . LYS A 1 57  ? -6.013  15.484  14.565  1.00 69.73  ? 57   LYS A CD  1 
ATOM   487  C CE  . LYS A 1 57  ? -6.436  16.782  15.243  1.00 73.52  ? 57   LYS A CE  1 
ATOM   488  N NZ  . LYS A 1 57  ? -7.516  16.571  16.248  1.00 90.71  ? 57   LYS A NZ  1 
ATOM   489  N N   . ASN A 1 58  ? -6.692  12.754  12.322  1.00 59.29  ? 58   ASN A N   1 
ATOM   490  C CA  . ASN A 1 58  ? -7.493  13.283  11.222  1.00 49.09  ? 58   ASN A CA  1 
ATOM   491  C C   . ASN A 1 58  ? -8.559  12.287  10.783  1.00 52.31  ? 58   ASN A C   1 
ATOM   492  O O   . ASN A 1 58  ? -9.130  12.403  9.698   1.00 78.27  ? 58   ASN A O   1 
ATOM   493  C CB  . ASN A 1 58  ? -6.584  13.623  10.054  1.00 46.00  ? 58   ASN A CB  1 
ATOM   494  C CG  . ASN A 1 58  ? -5.769  14.850  10.309  1.00 50.42  ? 58   ASN A CG  1 
ATOM   495  O OD1 . ASN A 1 58  ? -6.163  15.953  9.932   1.00 61.23  ? 58   ASN A OD1 1 
ATOM   496  N ND2 . ASN A 1 58  ? -4.631  14.680  10.976  1.00 45.62  ? 58   ASN A ND2 1 
ATOM   497  N N   . GLY A 1 59  ? -8.820  11.309  11.645  1.00 54.10  ? 59   GLY A N   1 
ATOM   498  C CA  . GLY A 1 59  ? -9.805  10.288  11.347  1.00 59.25  ? 59   GLY A CA  1 
ATOM   499  C C   . GLY A 1 59  ? -9.138  9.034   10.818  1.00 64.51  ? 59   GLY A C   1 
ATOM   500  O O   . GLY A 1 59  ? -9.122  7.999   11.488  1.00 78.32  ? 59   GLY A O   1 
ATOM   501  N N   . LEU A 1 60  ? -8.582  9.149   9.613   1.00 62.66  ? 60   LEU A N   1 
ATOM   502  C CA  . LEU A 1 60  ? -7.889  8.062   8.915   1.00 59.95  ? 60   LEU A CA  1 
ATOM   503  C C   . LEU A 1 60  ? -7.520  6.883   9.813   1.00 64.18  ? 60   LEU A C   1 
ATOM   504  O O   . LEU A 1 60  ? -6.727  7.020   10.742  1.00 70.23  ? 60   LEU A O   1 
ATOM   505  C CB  . LEU A 1 60  ? -6.627  8.617   8.235   1.00 52.59  ? 60   LEU A CB  1 
ATOM   506  C CG  . LEU A 1 60  ? -6.816  9.944   7.481   1.00 52.83  ? 60   LEU A CG  1 
ATOM   507  C CD1 . LEU A 1 60  ? -5.493  10.438  6.932   1.00 45.58  ? 60   LEU A CD1 1 
ATOM   508  C CD2 . LEU A 1 60  ? -7.824  9.763   6.355   1.00 62.88  ? 60   LEU A CD2 1 
ATOM   509  N N   . GLN A 1 61  ? -8.110  5.726   9.532   1.00 67.26  ? 61   GLN A N   1 
ATOM   510  C CA  . GLN A 1 61  ? -7.842  4.514   10.301  1.00 71.19  ? 61   GLN A CA  1 
ATOM   511  C C   . GLN A 1 61  ? -6.489  3.968   9.861   1.00 70.85  ? 61   GLN A C   1 
ATOM   512  O O   . GLN A 1 61  ? -6.348  3.488   8.741   1.00 68.50  ? 61   GLN A O   1 
ATOM   513  C CB  . GLN A 1 61  ? -8.936  3.466   10.042  1.00 75.70  ? 61   GLN A CB  1 
ATOM   514  C CG  . GLN A 1 61  ? -10.362 3.965   10.275  1.00 78.58  ? 61   GLN A CG  1 
ATOM   515  C CD  . GLN A 1 61  ? -10.874 4.856   9.149   1.00 79.43  ? 61   GLN A CD  1 
ATOM   516  O OE1 . GLN A 1 61  ? -11.363 4.370   8.127   1.00 77.08  ? 61   GLN A OE1 1 
ATOM   517  N NE2 . GLN A 1 61  ? -10.750 6.167   9.328   1.00 71.18  ? 61   GLN A NE2 1 
ATOM   518  N N   . PRO A 1 62  ? -5.474  4.038   10.734  1.00 73.32  ? 62   PRO A N   1 
ATOM   519  C CA  . PRO A 1 62  ? -4.145  3.540   10.380  1.00 68.51  ? 62   PRO A CA  1 
ATOM   520  C C   . PRO A 1 62  ? -3.861  2.090   10.758  1.00 62.12  ? 62   PRO A C   1 
ATOM   521  O O   . PRO A 1 62  ? -4.006  1.695   11.918  1.00 65.32  ? 62   PRO A O   1 
ATOM   522  C CB  . PRO A 1 62  ? -3.225  4.504   11.112  1.00 69.33  ? 62   PRO A CB  1 
ATOM   523  C CG  . PRO A 1 62  ? -3.946  4.674   12.396  1.00 72.31  ? 62   PRO A CG  1 
ATOM   524  C CD  . PRO A 1 62  ? -5.405  4.837   11.970  1.00 76.28  ? 62   PRO A CD  1 
ATOM   525  N N   . LEU A 1 63  ? -3.459  1.308   9.761   1.00 56.73  ? 63   LEU A N   1 
ATOM   526  C CA  . LEU A 1 63  ? -3.099  -0.084  9.959   1.00 45.20  ? 63   LEU A CA  1 
ATOM   527  C C   . LEU A 1 63  ? -1.617  -0.176  9.616   1.00 47.77  ? 63   LEU A C   1 
ATOM   528  O O   . LEU A 1 63  ? -1.240  -0.176  8.446   1.00 60.20  ? 63   LEU A O   1 
ATOM   529  C CB  . LEU A 1 63  ? -3.895  -0.993  9.035   1.00 32.75  ? 63   LEU A CB  1 
ATOM   530  C CG  . LEU A 1 63  ? -3.392  -2.438  9.062   1.00 31.66  ? 63   LEU A CG  1 
ATOM   531  C CD1 . LEU A 1 63  ? -3.545  -2.998  10.459  1.00 46.31  ? 63   LEU A CD1 1 
ATOM   532  C CD2 . LEU A 1 63  ? -4.143  -3.287  8.053   1.00 27.76  ? 63   LEU A CD2 1 
ATOM   533  N N   . HIS A 1 64  ? -0.780  -0.243  10.643  1.00 49.46  ? 64   HIS A N   1 
ATOM   534  C CA  . HIS A 1 64  ? 0.662   -0.305  10.450  1.00 49.16  ? 64   HIS A CA  1 
ATOM   535  C C   . HIS A 1 64  ? 1.179   -1.720  10.235  1.00 42.13  ? 64   HIS A C   1 
ATOM   536  O O   . HIS A 1 64  ? 1.157   -2.541  11.145  1.00 42.97  ? 64   HIS A O   1 
ATOM   537  C CB  . HIS A 1 64  ? 1.370   0.334   11.647  1.00 54.60  ? 64   HIS A CB  1 
ATOM   538  C CG  . HIS A 1 64  ? 2.858   0.427   11.497  1.00 55.63  ? 64   HIS A CG  1 
ATOM   539  N ND1 . HIS A 1 64  ? 3.485   0.444   10.270  1.00 56.09  ? 64   HIS A ND1 1 
ATOM   540  C CD2 . HIS A 1 64  ? 3.837   0.576   12.422  1.00 58.55  ? 64   HIS A CD2 1 
ATOM   541  C CE1 . HIS A 1 64  ? 4.786   0.601   10.445  1.00 58.68  ? 64   HIS A CE1 1 
ATOM   542  N NE2 . HIS A 1 64  ? 5.024   0.686   11.742  1.00 60.36  ? 64   HIS A NE2 1 
ATOM   543  N N   . ILE A 1 65  ? 1.637   -1.989  9.017   1.00 35.97  ? 65   ILE A N   1 
ATOM   544  C CA  . ILE A 1 65  ? 2.176   -3.285  8.650   1.00 35.01  ? 65   ILE A CA  1 
ATOM   545  C C   . ILE A 1 65  ? 3.567   -3.050  8.065   1.00 41.35  ? 65   ILE A C   1 
ATOM   546  O O   . ILE A 1 65  ? 3.712   -2.649  6.907   1.00 31.42  ? 65   ILE A O   1 
ATOM   547  C CB  . ILE A 1 65  ? 1.263   -3.991  7.628   1.00 33.48  ? 65   ILE A CB  1 
ATOM   548  C CG1 . ILE A 1 65  ? -0.027  -4.436  8.326   1.00 29.63  ? 65   ILE A CG1 1 
ATOM   549  C CG2 . ILE A 1 65  ? 1.976   -5.192  6.992   1.00 40.03  ? 65   ILE A CG2 1 
ATOM   550  C CD1 . ILE A 1 65  ? 0.154   -5.598  9.275   1.00 50.63  ? 65   ILE A CD1 1 
ATOM   551  N N   . PRO A 1 66  ? 4.612   -3.298  8.878   1.00 46.51  ? 66   PRO A N   1 
ATOM   552  C CA  . PRO A 1 66  ? 6.018   -3.133  8.514   1.00 48.48  ? 66   PRO A CA  1 
ATOM   553  C C   . PRO A 1 66  ? 6.514   -4.029  7.391   1.00 46.53  ? 66   PRO A C   1 
ATOM   554  O O   . PRO A 1 66  ? 6.293   -5.243  7.381   1.00 41.87  ? 66   PRO A O   1 
ATOM   555  C CB  . PRO A 1 66  ? 6.740   -3.407  9.826   1.00 48.48  ? 66   PRO A CB  1 
ATOM   556  C CG  . PRO A 1 66  ? 5.874   -4.438  10.450  1.00 47.18  ? 66   PRO A CG  1 
ATOM   557  C CD  . PRO A 1 66  ? 4.501   -3.867  10.234  1.00 43.56  ? 66   PRO A CD  1 
ATOM   558  N N   . ILE A 1 67  ? 7.192   -3.398  6.444   1.00 44.66  ? 67   ILE A N   1 
ATOM   559  C CA  . ILE A 1 67  ? 7.771   -4.075  5.302   1.00 42.67  ? 67   ILE A CA  1 
ATOM   560  C C   . ILE A 1 67  ? 9.111   -3.398  5.068   1.00 40.13  ? 67   ILE A C   1 
ATOM   561  O O   . ILE A 1 67  ? 9.167   -2.221  4.737   1.00 38.38  ? 67   ILE A O   1 
ATOM   562  C CB  . ILE A 1 67  ? 6.919   -3.900  4.049   1.00 42.15  ? 67   ILE A CB  1 
ATOM   563  C CG1 . ILE A 1 67  ? 5.485   -4.359  4.321   1.00 39.96  ? 67   ILE A CG1 1 
ATOM   564  C CG2 . ILE A 1 67  ? 7.522   -4.702  2.922   1.00 46.08  ? 67   ILE A CG2 1 
ATOM   565  C CD1 . ILE A 1 67  ? 4.501   -4.028  3.215   1.00 50.63  ? 67   ILE A CD1 1 
ATOM   566  N N   . PRO A 1 68  ? 10.211  -4.135  5.272   1.00 29.79  ? 68   PRO A N   1 
ATOM   567  C CA  . PRO A 1 68  ? 11.563  -3.601  5.082   1.00 22.92  ? 68   PRO A CA  1 
ATOM   568  C C   . PRO A 1 68  ? 11.754  -3.097  3.658   1.00 21.07  ? 68   PRO A C   1 
ATOM   569  O O   . PRO A 1 68  ? 11.179  -3.650  2.706   1.00 46.63  ? 68   PRO A O   1 
ATOM   570  C CB  . PRO A 1 68  ? 12.448  -4.800  5.397   1.00 33.09  ? 68   PRO A CB  1 
ATOM   571  C CG  . PRO A 1 68  ? 11.629  -5.556  6.413   1.00 34.25  ? 68   PRO A CG  1 
ATOM   572  C CD  . PRO A 1 68  ? 10.261  -5.516  5.784   1.00 37.14  ? 68   PRO A CD  1 
ATOM   573  N N   . ASP A 1 69  ? 12.558  -2.047  3.511   1.00 12.65  ? 69   ASP A N   1 
ATOM   574  C CA  . ASP A 1 69  ? 12.807  -1.465  2.189   1.00 13.10  ? 69   ASP A CA  1 
ATOM   575  C C   . ASP A 1 69  ? 13.167  -2.536  1.164   1.00 31.49  ? 69   ASP A C   1 
ATOM   576  O O   . ASP A 1 69  ? 13.990  -3.416  1.434   1.00 48.83  ? 69   ASP A O   1 
ATOM   577  C CB  . ASP A 1 69  ? 13.950  -0.432  2.267   1.00 2.61   ? 69   ASP A CB  1 
ATOM   578  C CG  . ASP A 1 69  ? 13.970  0.512   1.067   1.00 14.95  ? 69   ASP A CG  1 
ATOM   579  O OD1 . ASP A 1 69  ? 13.322  0.204   0.046   1.00 28.25  ? 69   ASP A OD1 1 
ATOM   580  O OD2 . ASP A 1 69  ? 14.640  1.563   1.138   1.00 18.46  ? 69   ASP A OD2 1 
ATOM   581  N N   . GLY A 1 70  ? 12.540  -2.455  -0.006  1.00 30.76  ? 70   GLY A N   1 
ATOM   582  C CA  . GLY A 1 70  ? 12.813  -3.399  -1.076  1.00 25.10  ? 70   GLY A CA  1 
ATOM   583  C C   . GLY A 1 70  ? 12.314  -4.809  -0.828  1.00 30.72  ? 70   GLY A C   1 
ATOM   584  O O   . GLY A 1 70  ? 12.558  -5.712  -1.637  1.00 31.45  ? 70   GLY A O   1 
ATOM   585  N N   . GLY A 1 71  ? 11.610  -4.997  0.285   1.00 32.60  ? 71   GLY A N   1 
ATOM   586  C CA  . GLY A 1 71  ? 11.094  -6.310  0.618   1.00 32.91  ? 71   GLY A CA  1 
ATOM   587  C C   . GLY A 1 71  ? 9.649   -6.501  0.207   1.00 40.50  ? 71   GLY A C   1 
ATOM   588  O O   . GLY A 1 71  ? 9.092   -5.705  -0.541  1.00 43.98  ? 71   GLY A O   1 
ATOM   589  N N   . VAL A 1 72  ? 9.043   -7.566  0.714   1.00 44.57  ? 72   VAL A N   1 
ATOM   590  C CA  . VAL A 1 72  ? 7.662   -7.885  0.411   1.00 51.84  ? 72   VAL A CA  1 
ATOM   591  C C   . VAL A 1 72  ? 6.908   -8.342  1.649   1.00 57.21  ? 72   VAL A C   1 
ATOM   592  O O   . VAL A 1 72  ? 7.508   -8.793  2.629   1.00 58.89  ? 72   VAL A O   1 
ATOM   593  C CB  . VAL A 1 72  ? 7.563   -9.003  -0.643  1.00 52.25  ? 72   VAL A CB  1 
ATOM   594  C CG1 . VAL A 1 72  ? 7.948   -8.470  -2.009  1.00 52.65  ? 72   VAL A CG1 1 
ATOM   595  C CG2 . VAL A 1 72  ? 8.462   -10.162 -0.250  1.00 59.88  ? 72   VAL A CG2 1 
ATOM   596  N N   . PRO A 1 73  ? 5.567   -8.231  1.618   1.00 55.40  ? 73   PRO A N   1 
ATOM   597  C CA  . PRO A 1 73  ? 4.747   -8.647  2.755   1.00 53.08  ? 73   PRO A CA  1 
ATOM   598  C C   . PRO A 1 73  ? 4.864   -10.155 2.939   1.00 49.71  ? 73   PRO A C   1 
ATOM   599  O O   . PRO A 1 73  ? 5.101   -10.888 1.980   1.00 63.90  ? 73   PRO A O   1 
ATOM   600  C CB  . PRO A 1 73  ? 3.344   -8.231  2.324   1.00 53.60  ? 73   PRO A CB  1 
ATOM   601  C CG  . PRO A 1 73  ? 3.383   -8.460  0.840   1.00 51.16  ? 73   PRO A CG  1 
ATOM   602  C CD  . PRO A 1 73  ? 4.715   -7.842  0.475   1.00 48.98  ? 73   PRO A CD  1 
ATOM   603  N N   . SER A 1 74  ? 4.710   -10.615 4.171   1.00 48.66  ? 74   SER A N   1 
ATOM   604  C CA  . SER A 1 74  ? 4.784   -12.038 4.441   1.00 52.94  ? 74   SER A CA  1 
ATOM   605  C C   . SER A 1 74  ? 3.384   -12.564 4.199   1.00 55.49  ? 74   SER A C   1 
ATOM   606  O O   . SER A 1 74  ? 2.413   -11.833 4.386   1.00 61.98  ? 74   SER A O   1 
ATOM   607  C CB  . SER A 1 74  ? 5.203   -12.302 5.887   1.00 57.06  ? 74   SER A CB  1 
ATOM   608  O OG  . SER A 1 74  ? 4.199   -11.887 6.794   1.00 66.91  ? 74   SER A OG  1 
ATOM   609  N N   . ASP A 1 75  ? 3.294   -13.821 3.765   1.00 58.41  ? 75   ASP A N   1 
ATOM   610  C CA  . ASP A 1 75  ? 2.017   -14.478 3.481   1.00 60.17  ? 75   ASP A CA  1 
ATOM   611  C C   . ASP A 1 75  ? 0.917   -14.019 4.431   1.00 59.90  ? 75   ASP A C   1 
ATOM   612  O O   . ASP A 1 75  ? -0.177  -13.662 3.989   1.00 71.48  ? 75   ASP A O   1 
ATOM   613  C CB  . ASP A 1 75  ? 2.174   -15.998 3.579   1.00 64.24  ? 75   ASP A CB  1 
ATOM   614  C CG  . ASP A 1 75  ? 3.184   -16.547 2.586   1.00 68.07  ? 75   ASP A CG  1 
ATOM   615  O OD1 . ASP A 1 75  ? 2.909   -16.505 1.367   1.00 66.87  ? 75   ASP A OD1 1 
ATOM   616  O OD2 . ASP A 1 75  ? 4.257   -17.016 3.025   1.00 85.31  ? 75   ASP A OD2 1 
ATOM   617  N N   . SER A 1 76  ? 1.210   -14.025 5.730   1.00 58.60  ? 76   SER A N   1 
ATOM   618  C CA  . SER A 1 76  ? 0.237   -13.593 6.730   1.00 60.76  ? 76   SER A CA  1 
ATOM   619  C C   . SER A 1 76  ? -0.070  -12.110 6.561   1.00 56.07  ? 76   SER A C   1 
ATOM   620  O O   . SER A 1 76  ? -1.221  -11.727 6.376   1.00 54.55  ? 76   SER A O   1 
ATOM   621  C CB  . SER A 1 76  ? 0.765   -13.862 8.145   1.00 65.85  ? 76   SER A CB  1 
ATOM   622  O OG  . SER A 1 76  ? 2.021   -13.246 8.359   1.00 72.76  ? 76   SER A OG  1 
ATOM   623  N N   . GLN A 1 77  ? 0.967   -11.281 6.611   1.00 52.49  ? 77   GLN A N   1 
ATOM   624  C CA  . GLN A 1 77  ? 0.804   -9.838  6.461   1.00 54.82  ? 77   GLN A CA  1 
ATOM   625  C C   . GLN A 1 77  ? -0.094  -9.516  5.285   1.00 58.34  ? 77   GLN A C   1 
ATOM   626  O O   . GLN A 1 77  ? -1.083  -8.799  5.422   1.00 70.80  ? 77   GLN A O   1 
ATOM   627  C CB  . GLN A 1 77  ? 2.148   -9.153  6.214   1.00 57.35  ? 77   GLN A CB  1 
ATOM   628  C CG  . GLN A 1 77  ? 3.167   -9.312  7.303   1.00 56.48  ? 77   GLN A CG  1 
ATOM   629  C CD  . GLN A 1 77  ? 4.462   -8.603  6.962   1.00 54.74  ? 77   GLN A CD  1 
ATOM   630  O OE1 . GLN A 1 77  ? 5.059   -8.849  5.912   1.00 53.32  ? 77   GLN A OE1 1 
ATOM   631  N NE2 . GLN A 1 77  ? 4.904   -7.712  7.849   1.00 42.12  ? 77   GLN A NE2 1 
ATOM   632  N N   . PHE A 1 78  ? 0.270   -10.047 4.122   1.00 60.85  ? 78   PHE A N   1 
ATOM   633  C CA  . PHE A 1 78  ? -0.486  -9.793  2.911   1.00 59.88  ? 78   PHE A CA  1 
ATOM   634  C C   . PHE A 1 78  ? -1.975  -10.094 3.071   1.00 64.74  ? 78   PHE A C   1 
ATOM   635  O O   . PHE A 1 78  ? -2.812  -9.221  2.838   1.00 73.94  ? 78   PHE A O   1 
ATOM   636  C CB  . PHE A 1 78  ? 0.097   -10.588 1.748   1.00 59.89  ? 78   PHE A CB  1 
ATOM   637  C CG  . PHE A 1 78  ? -0.443  -10.172 0.414   1.00 59.76  ? 78   PHE A CG  1 
ATOM   638  C CD1 . PHE A 1 78  ? -0.400  -8.841  0.025   1.00 61.51  ? 78   PHE A CD1 1 
ATOM   639  C CD2 . PHE A 1 78  ? -1.005  -11.102 -0.448  1.00 60.88  ? 78   PHE A CD2 1 
ATOM   640  C CE1 . PHE A 1 78  ? -0.910  -8.439  -1.202  1.00 63.31  ? 78   PHE A CE1 1 
ATOM   641  C CE2 . PHE A 1 78  ? -1.519  -10.713 -1.682  1.00 60.94  ? 78   PHE A CE2 1 
ATOM   642  C CZ  . PHE A 1 78  ? -1.473  -9.378  -2.060  1.00 63.56  ? 78   PHE A CZ  1 
ATOM   643  N N   . LEU A 1 79  ? -2.309  -11.317 3.473   1.00 68.25  ? 79   LEU A N   1 
ATOM   644  C CA  . LEU A 1 79  ? -3.710  -11.681 3.662   1.00 69.70  ? 79   LEU A CA  1 
ATOM   645  C C   . LEU A 1 79  ? -4.340  -10.681 4.618   1.00 69.15  ? 79   LEU A C   1 
ATOM   646  O O   . LEU A 1 79  ? -5.499  -10.299 4.464   1.00 74.37  ? 79   LEU A O   1 
ATOM   647  C CB  . LEU A 1 79  ? -3.830  -13.096 4.239   1.00 72.95  ? 79   LEU A CB  1 
ATOM   648  C CG  . LEU A 1 79  ? -5.256  -13.653 4.378   1.00 77.45  ? 79   LEU A CG  1 
ATOM   649  C CD1 . LEU A 1 79  ? -5.953  -13.657 3.027   1.00 84.35  ? 79   LEU A CD1 1 
ATOM   650  C CD2 . LEU A 1 79  ? -5.203  -15.060 4.945   1.00 82.34  ? 79   LEU A CD2 1 
ATOM   651  N N   . THR A 1 80  ? -3.555  -10.262 5.604   1.00 70.44  ? 80   THR A N   1 
ATOM   652  C CA  . THR A 1 80  ? -4.003  -9.297  6.596   1.00 71.13  ? 80   THR A CA  1 
ATOM   653  C C   . THR A 1 80  ? -4.159  -7.929  5.926   1.00 68.55  ? 80   THR A C   1 
ATOM   654  O O   . THR A 1 80  ? -4.930  -7.082  6.379   1.00 70.28  ? 80   THR A O   1 
ATOM   655  C CB  . THR A 1 80  ? -2.987  -9.204  7.756   1.00 73.25  ? 80   THR A CB  1 
ATOM   656  O OG1 . THR A 1 80  ? -2.705  -10.520 8.253   1.00 64.37  ? 80   THR A OG1 1 
ATOM   657  C CG2 . THR A 1 80  ? -3.546  -8.361  8.887   1.00 85.26  ? 80   THR A CG2 1 
ATOM   658  N N   . ILE A 1 81  ? -3.425  -7.729  4.835   1.00 64.06  ? 81   ILE A N   1 
ATOM   659  C CA  . ILE A 1 81  ? -3.479  -6.484  4.078   1.00 61.90  ? 81   ILE A CA  1 
ATOM   660  C C   . ILE A 1 81  ? -4.751  -6.448  3.244   1.00 61.13  ? 81   ILE A C   1 
ATOM   661  O O   . ILE A 1 81  ? -5.477  -5.456  3.234   1.00 60.32  ? 81   ILE A O   1 
ATOM   662  C CB  . ILE A 1 81  ? -2.262  -6.347  3.125   1.00 64.21  ? 81   ILE A CB  1 
ATOM   663  C CG1 . ILE A 1 81  ? -1.008  -6.007  3.924   1.00 65.52  ? 81   ILE A CG1 1 
ATOM   664  C CG2 . ILE A 1 81  ? -2.521  -5.275  2.082   1.00 59.53  ? 81   ILE A CG2 1 
ATOM   665  C CD1 . ILE A 1 81  ? 0.229   -5.879  3.064   1.00 50.63  ? 81   ILE A CD1 1 
ATOM   666  N N   . MET A 1 82  ? -5.011  -7.537  2.535   1.00 61.44  ? 82   MET A N   1 
ATOM   667  C CA  . MET A 1 82  ? -6.194  -7.610  1.702   1.00 64.12  ? 82   MET A CA  1 
ATOM   668  C C   . MET A 1 82  ? -7.443  -7.503  2.550   1.00 65.37  ? 82   MET A C   1 
ATOM   669  O O   . MET A 1 82  ? -8.282  -6.648  2.301   1.00 57.56  ? 82   MET A O   1 
ATOM   670  C CB  . MET A 1 82  ? -6.189  -8.903  0.890   1.00 63.25  ? 82   MET A CB  1 
ATOM   671  C CG  . MET A 1 82  ? -5.058  -8.946  -0.121  1.00 59.67  ? 82   MET A CG  1 
ATOM   672  S SD  . MET A 1 82  ? -4.915  -7.358  -0.989  1.00 61.16  ? 82   MET A SD  1 
ATOM   673  C CE  . MET A 1 82  ? -5.651  -7.735  -2.579  1.00 95.62  ? 82   MET A CE  1 
ATOM   674  N N   . LYS A 1 83  ? -7.570  -8.362  3.555   1.00 68.46  ? 83   LYS A N   1 
ATOM   675  C CA  . LYS A 1 83  ? -8.732  -8.303  4.435   1.00 73.44  ? 83   LYS A CA  1 
ATOM   676  C C   . LYS A 1 83  ? -9.016  -6.830  4.703   1.00 64.52  ? 83   LYS A C   1 
ATOM   677  O O   . LYS A 1 83  ? -10.160 -6.380  4.646   1.00 72.15  ? 83   LYS A O   1 
ATOM   678  C CB  . LYS A 1 83  ? -8.441  -9.026  5.759   1.00 86.54  ? 83   LYS A CB  1 
ATOM   679  C CG  . LYS A 1 83  ? -9.481  -8.771  6.857   1.00 96.92  ? 83   LYS A CG  1 
ATOM   680  C CD  . LYS A 1 83  ? -9.113  -9.448  8.184   1.00 101.58 ? 83   LYS A CD  1 
ATOM   681  C CE  . LYS A 1 83  ? -7.780  -8.956  8.747   1.00 102.16 ? 83   LYS A CE  1 
ATOM   682  N NZ  . LYS A 1 83  ? -7.780  -7.503  9.065   1.00 97.56  ? 83   LYS A NZ  1 
ATOM   683  N N   . TRP A 1 84  ? -7.949  -6.086  4.971   1.00 54.89  ? 84   TRP A N   1 
ATOM   684  C CA  . TRP A 1 84  ? -8.037  -4.662  5.245   1.00 52.54  ? 84   TRP A CA  1 
ATOM   685  C C   . TRP A 1 84  ? -8.533  -3.861  4.038   1.00 56.24  ? 84   TRP A C   1 
ATOM   686  O O   . TRP A 1 84  ? -9.585  -3.222  4.105   1.00 56.37  ? 84   TRP A O   1 
ATOM   687  C CB  . TRP A 1 84  ? -6.668  -4.145  5.698   1.00 49.26  ? 84   TRP A CB  1 
ATOM   688  C CG  . TRP A 1 84  ? -6.560  -2.645  5.775   1.00 49.24  ? 84   TRP A CG  1 
ATOM   689  C CD1 . TRP A 1 84  ? -6.106  -1.797  4.796   1.00 49.00  ? 84   TRP A CD1 1 
ATOM   690  C CD2 . TRP A 1 84  ? -6.906  -1.814  6.894   1.00 44.37  ? 84   TRP A CD2 1 
ATOM   691  N NE1 . TRP A 1 84  ? -6.146  -0.496  5.238   1.00 47.06  ? 84   TRP A NE1 1 
ATOM   692  C CE2 . TRP A 1 84  ? -6.634  -0.475  6.521   1.00 41.48  ? 84   TRP A CE2 1 
ATOM   693  C CE3 . TRP A 1 84  ? -7.420  -2.070  8.172   1.00 44.56  ? 84   TRP A CE3 1 
ATOM   694  C CZ2 . TRP A 1 84  ? -6.859  0.605   7.384   1.00 42.46  ? 84   TRP A CZ2 1 
ATOM   695  C CZ3 . TRP A 1 84  ? -7.646  -0.996  9.032   1.00 44.20  ? 84   TRP A CZ3 1 
ATOM   696  C CH2 . TRP A 1 84  ? -7.364  0.327   8.633   1.00 41.28  ? 84   TRP A CH2 1 
ATOM   697  N N   . LEU A 1 85  ? -7.780  -3.902  2.939   1.00 60.55  ? 85   LEU A N   1 
ATOM   698  C CA  . LEU A 1 85  ? -8.140  -3.166  1.726   1.00 58.28  ? 85   LEU A CA  1 
ATOM   699  C C   . LEU A 1 85  ? -9.466  -3.611  1.101   1.00 60.75  ? 85   LEU A C   1 
ATOM   700  O O   . LEU A 1 85  ? -10.269 -2.777  0.673   1.00 69.44  ? 85   LEU A O   1 
ATOM   701  C CB  . LEU A 1 85  ? -7.018  -3.281  0.695   1.00 50.87  ? 85   LEU A CB  1 
ATOM   702  C CG  . LEU A 1 85  ? -5.680  -2.641  1.086   1.00 53.42  ? 85   LEU A CG  1 
ATOM   703  C CD1 . LEU A 1 85  ? -4.664  -2.820  -0.039  1.00 52.35  ? 85   LEU A CD1 1 
ATOM   704  C CD2 . LEU A 1 85  ? -5.891  -1.163  1.374   1.00 57.46  ? 85   LEU A CD2 1 
ATOM   705  N N   . LEU A 1 86  ? -9.682  -4.922  1.034   1.00 61.98  ? 86   LEU A N   1 
ATOM   706  C CA  . LEU A 1 86  ? -10.913 -5.465  0.481   1.00 64.96  ? 86   LEU A CA  1 
ATOM   707  C C   . LEU A 1 86  ? -11.953 -5.570  1.585   1.00 68.36  ? 86   LEU A C   1 
ATOM   708  O O   . LEU A 1 86  ? -12.382 -6.663  1.960   1.00 73.40  ? 86   LEU A O   1 
ATOM   709  C CB  . LEU A 1 86  ? -10.680 -6.848  -0.137  1.00 64.19  ? 86   LEU A CB  1 
ATOM   710  C CG  . LEU A 1 86  ? -9.973  -6.929  -1.495  1.00 62.50  ? 86   LEU A CG  1 
ATOM   711  C CD1 . LEU A 1 86  ? -10.677 -6.016  -2.499  1.00 53.27  ? 86   LEU A CD1 1 
ATOM   712  C CD2 . LEU A 1 86  ? -8.512  -6.531  -1.337  1.00 64.81  ? 86   LEU A CD2 1 
ATOM   713  N N   . SER A 1 87  ? -12.345 -4.414  2.102   1.00 67.89  ? 87   SER A N   1 
ATOM   714  C CA  . SER A 1 87  ? -13.334 -4.334  3.161   1.00 69.35  ? 87   SER A CA  1 
ATOM   715  C C   . SER A 1 87  ? -13.614 -2.862  3.452   1.00 66.07  ? 87   SER A C   1 
ATOM   716  O O   . SER A 1 87  ? -13.885 -2.480  4.593   1.00 61.69  ? 87   SER A O   1 
ATOM   717  C CB  . SER A 1 87  ? -12.823 -5.040  4.417   1.00 70.97  ? 87   SER A CB  1 
ATOM   718  O OG  . SER A 1 87  ? -11.638 -4.433  4.889   1.00 85.23  ? 87   SER A OG  1 
ATOM   719  N N   . GLU A 1 88  ? -13.521 -2.038  2.411   1.00 63.58  ? 88   GLU A N   1 
ATOM   720  C CA  . GLU A 1 88  ? -13.794 -0.610  2.520   1.00 66.91  ? 88   GLU A CA  1 
ATOM   721  C C   . GLU A 1 88  ? -13.637 0.134   1.200   1.00 68.99  ? 88   GLU A C   1 
ATOM   722  O O   . GLU A 1 88  ? -13.830 1.348   1.140   1.00 68.55  ? 88   GLU A O   1 
ATOM   723  C CB  . GLU A 1 88  ? -12.917 0.039   3.589   1.00 75.91  ? 88   GLU A CB  1 
ATOM   724  C CG  . GLU A 1 88  ? -13.716 0.507   4.799   1.00 84.13  ? 88   GLU A CG  1 
ATOM   725  C CD  . GLU A 1 88  ? -14.920 1.354   4.403   1.00 89.81  ? 88   GLU A CD  1 
ATOM   726  O OE1 . GLU A 1 88  ? -14.724 2.414   3.767   1.00 93.40  ? 88   GLU A OE1 1 
ATOM   727  O OE2 . GLU A 1 88  ? -16.061 0.959   4.725   1.00 93.20  ? 88   GLU A OE2 1 
ATOM   728  N N   . LYS A 1 89  ? -13.293 -0.603  0.149   1.00 72.41  ? 89   LYS A N   1 
ATOM   729  C CA  . LYS A 1 89  ? -13.132 -0.050  -1.193  1.00 71.20  ? 89   LYS A CA  1 
ATOM   730  C C   . LYS A 1 89  ? -12.650 1.403   -1.244  1.00 64.54  ? 89   LYS A C   1 
ATOM   731  O O   . LYS A 1 89  ? -11.490 1.675   -1.550  1.00 64.44  ? 89   LYS A O   1 
ATOM   732  C CB  . LYS A 1 89  ? -14.461 -0.157  -1.955  1.00 74.07  ? 89   LYS A CB  1 
ATOM   733  C CG  . LYS A 1 89  ? -15.172 -1.502  -1.816  1.00 74.48  ? 89   LYS A CG  1 
ATOM   734  C CD  . LYS A 1 89  ? -14.373 -2.645  -2.422  1.00 74.87  ? 89   LYS A CD  1 
ATOM   735  C CE  . LYS A 1 89  ? -14.332 -2.544  -3.940  1.00 77.30  ? 89   LYS A CE  1 
ATOM   736  N NZ  . LYS A 1 89  ? -15.695 -2.618  -4.541  1.00 87.63  ? 89   LYS A NZ  1 
ATOM   737  N N   . GLU A 1 90  ? -13.563 2.324   -0.948  1.00 59.35  ? 90   GLU A N   1 
ATOM   738  C CA  . GLU A 1 90  ? -13.297 3.761   -0.978  1.00 59.38  ? 90   GLU A CA  1 
ATOM   739  C C   . GLU A 1 90  ? -12.231 4.324   -0.047  1.00 52.88  ? 90   GLU A C   1 
ATOM   740  O O   . GLU A 1 90  ? -12.153 3.964   1.128   1.00 45.41  ? 90   GLU A O   1 
ATOM   741  C CB  . GLU A 1 90  ? -14.591 4.540   -0.719  1.00 63.13  ? 90   GLU A CB  1 
ATOM   742  C CG  . GLU A 1 90  ? -15.432 4.857   -1.949  1.00 64.07  ? 90   GLU A CG  1 
ATOM   743  C CD  . GLU A 1 90  ? -16.275 6.118   -1.754  1.00 69.21  ? 90   GLU A CD  1 
ATOM   744  O OE1 . GLU A 1 90  ? -17.088 6.452   -2.643  1.00 54.74  ? 90   GLU A OE1 1 
ATOM   745  O OE2 . GLU A 1 90  ? -16.118 6.785   -0.705  1.00 86.98  ? 90   GLU A OE2 1 
ATOM   746  N N   . GLY A 1 91  ? -11.427 5.233   -0.601  1.00 49.33  ? 91   GLY A N   1 
ATOM   747  C CA  . GLY A 1 91  ? -10.388 5.925   0.141   1.00 47.19  ? 91   GLY A CA  1 
ATOM   748  C C   . GLY A 1 91  ? -9.095  5.251   0.564   1.00 47.59  ? 91   GLY A C   1 
ATOM   749  O O   . GLY A 1 91  ? -8.409  5.796   1.432   1.00 45.10  ? 91   GLY A O   1 
ATOM   750  N N   . ASN A 1 92  ? -8.729  4.110   -0.013  1.00 48.49  ? 92   ASN A N   1 
ATOM   751  C CA  . ASN A 1 92  ? -7.487  3.458   0.408   1.00 42.39  ? 92   ASN A CA  1 
ATOM   752  C C   . ASN A 1 92  ? -6.191  4.136   -0.044  1.00 42.12  ? 92   ASN A C   1 
ATOM   753  O O   . ASN A 1 92  ? -6.011  4.502   -1.214  1.00 19.63  ? 92   ASN A O   1 
ATOM   754  C CB  . ASN A 1 92  ? -7.445  1.993   -0.046  1.00 36.63  ? 92   ASN A CB  1 
ATOM   755  C CG  . ASN A 1 92  ? -8.270  1.071   0.840   1.00 41.95  ? 92   ASN A CG  1 
ATOM   756  O OD1 . ASN A 1 92  ? -8.272  1.210   2.066   1.00 54.58  ? 92   ASN A OD1 1 
ATOM   757  N ND2 . ASN A 1 92  ? -8.958  0.106   0.224   1.00 36.96  ? 92   ASN A ND2 1 
ATOM   758  N N   . LEU A 1 93  ? -5.277  4.320   0.895   1.00 48.59  ? 93   LEU A N   1 
ATOM   759  C CA  . LEU A 1 93  ? -3.988  4.893   0.539   1.00 48.89  ? 93   LEU A CA  1 
ATOM   760  C C   . LEU A 1 93  ? -2.933  3.984   1.108   1.00 52.46  ? 93   LEU A C   1 
ATOM   761  O O   . LEU A 1 93  ? -2.891  3.745   2.317   1.00 59.38  ? 93   LEU A O   1 
ATOM   762  C CB  . LEU A 1 93  ? -3.782  6.299   1.112   1.00 42.30  ? 93   LEU A CB  1 
ATOM   763  C CG  . LEU A 1 93  ? -2.651  7.115   0.449   1.00 42.52  ? 93   LEU A CG  1 
ATOM   764  C CD1 . LEU A 1 93  ? -2.441  8.390   1.226   1.00 44.30  ? 93   LEU A CD1 1 
ATOM   765  C CD2 . LEU A 1 93  ? -1.349  6.336   0.394   1.00 38.91  ? 93   LEU A CD2 1 
ATOM   766  N N   . VAL A 1 94  ? -2.097  3.456   0.229   1.00 49.37  ? 94   VAL A N   1 
ATOM   767  C CA  . VAL A 1 94  ? -1.001  2.601   0.652   1.00 39.04  ? 94   VAL A CA  1 
ATOM   768  C C   . VAL A 1 94  ? 0.266   3.432   0.524   1.00 35.90  ? 94   VAL A C   1 
ATOM   769  O O   . VAL A 1 94  ? 0.580   3.964   -0.551  1.00 25.72  ? 94   VAL A O   1 
ATOM   770  C CB  . VAL A 1 94  ? -0.866  1.357   -0.236  1.00 34.75  ? 94   VAL A CB  1 
ATOM   771  C CG1 . VAL A 1 94  ? 0.317   0.526   0.223   1.00 39.86  ? 94   VAL A CG1 1 
ATOM   772  C CG2 . VAL A 1 94  ? -2.152  0.545   -0.179  1.00 28.59  ? 94   VAL A CG2 1 
ATOM   773  N N   . HIS A 1 95  ? 0.986   3.577   1.623   1.00 38.25  ? 95   HIS A N   1 
ATOM   774  C CA  . HIS A 1 95  ? 2.208   4.342   1.540   1.00 38.14  ? 95   HIS A CA  1 
ATOM   775  C C   . HIS A 1 95  ? 3.340   3.677   2.305   1.00 47.84  ? 95   HIS A C   1 
ATOM   776  O O   . HIS A 1 95  ? 3.133   3.005   3.330   1.00 38.24  ? 95   HIS A O   1 
ATOM   777  C CB  . HIS A 1 95  ? 1.983   5.764   2.061   1.00 46.02  ? 95   HIS A CB  1 
ATOM   778  C CG  . HIS A 1 95  ? 2.127   5.890   3.542   1.00 53.90  ? 95   HIS A CG  1 
ATOM   779  N ND1 . HIS A 1 95  ? 3.346   6.095   4.154   1.00 55.74  ? 95   HIS A ND1 1 
ATOM   780  C CD2 . HIS A 1 95  ? 1.219   5.777   4.539   1.00 55.87  ? 95   HIS A CD2 1 
ATOM   781  C CE1 . HIS A 1 95  ? 3.182   6.098   5.464   1.00 55.93  ? 95   HIS A CE1 1 
ATOM   782  N NE2 . HIS A 1 95  ? 1.902   5.907   5.724   1.00 57.15  ? 95   HIS A NE2 1 
ATOM   783  N N   . SER A 1 96  ? 4.538   3.850   1.758   1.00 53.16  ? 96   SER A N   1 
ATOM   784  C CA  . SER A 1 96  ? 5.763   3.359   2.356   1.00 48.45  ? 96   SER A CA  1 
ATOM   785  C C   . SER A 1 96  ? 6.595   4.634   2.443   1.00 45.50  ? 96   SER A C   1 
ATOM   786  O O   . SER A 1 96  ? 6.044   5.704   2.684   1.00 38.37  ? 96   SER A O   1 
ATOM   787  C CB  . SER A 1 96  ? 6.430   2.296   1.465   1.00 45.22  ? 96   SER A CB  1 
ATOM   788  O OG  . SER A 1 96  ? 6.309   2.607   0.089   1.00 43.49  ? 96   SER A OG  1 
ATOM   789  N N   . VAL A 1 97  ? 7.900   4.545   2.229   1.00 40.85  ? 97   VAL A N   1 
ATOM   790  C CA  . VAL A 1 97  ? 8.742   5.733   2.325   1.00 32.04  ? 97   VAL A CA  1 
ATOM   791  C C   . VAL A 1 97  ? 8.794   6.503   1.014   1.00 28.75  ? 97   VAL A C   1 
ATOM   792  O O   . VAL A 1 97  ? 8.336   7.633   0.930   1.00 30.56  ? 97   VAL A O   1 
ATOM   793  C CB  . VAL A 1 97  ? 10.170  5.341   2.778   1.00 32.45  ? 97   VAL A CB  1 
ATOM   794  C CG1 . VAL A 1 97  ? 11.096  6.565   2.761   1.00 14.76  ? 97   VAL A CG1 1 
ATOM   795  C CG2 . VAL A 1 97  ? 10.101  4.696   4.176   1.00 21.53  ? 97   VAL A CG2 1 
ATOM   796  N N   . GLY A 1 98  ? 9.356   5.886   -0.013  1.00 28.68  ? 98   GLY A N   1 
ATOM   797  C CA  . GLY A 1 98  ? 9.440   6.547   -1.302  1.00 28.59  ? 98   GLY A CA  1 
ATOM   798  C C   . GLY A 1 98  ? 8.119   6.472   -2.039  1.00 27.84  ? 98   GLY A C   1 
ATOM   799  O O   . GLY A 1 98  ? 7.823   7.339   -2.855  1.00 24.78  ? 98   GLY A O   1 
ATOM   800  N N   . GLY A 1 99  ? 7.332   5.434   -1.747  1.00 27.06  ? 99   GLY A N   1 
ATOM   801  C CA  . GLY A 1 99  ? 6.048   5.269   -2.402  1.00 39.85  ? 99   GLY A CA  1 
ATOM   802  C C   . GLY A 1 99  ? 6.219   4.846   -3.843  1.00 46.13  ? 99   GLY A C   1 
ATOM   803  O O   . GLY A 1 99  ? 5.478   5.276   -4.728  1.00 67.31  ? 99   GLY A O   1 
ATOM   804  N N   . ILE A 1 100 ? 7.209   3.996   -4.078  1.00 38.72  ? 100  ILE A N   1 
ATOM   805  C CA  . ILE A 1 100 ? 7.497   3.513   -5.417  1.00 27.11  ? 100  ILE A CA  1 
ATOM   806  C C   . ILE A 1 100 ? 7.617   1.996   -5.431  1.00 34.14  ? 100  ILE A C   1 
ATOM   807  O O   . ILE A 1 100 ? 6.848   1.318   -6.128  1.00 32.73  ? 100  ILE A O   1 
ATOM   808  C CB  . ILE A 1 100 ? 8.793   4.133   -5.958  1.00 17.81  ? 100  ILE A CB  1 
ATOM   809  C CG1 . ILE A 1 100 ? 8.696   5.662   -5.893  1.00 15.09  ? 100  ILE A CG1 1 
ATOM   810  C CG2 . ILE A 1 100 ? 9.028   3.658   -7.389  1.00 27.31  ? 100  ILE A CG2 1 
ATOM   811  C CD1 . ILE A 1 100 ? 9.856   6.386   -6.550  1.00 50.63  ? 100  ILE A CD1 1 
ATOM   812  N N   . GLY A 1 101 ? 8.570   1.478   -4.652  1.00 31.97  ? 101  GLY A N   1 
ATOM   813  C CA  . GLY A 1 101 ? 8.778   0.043   -4.547  1.00 21.42  ? 101  GLY A CA  1 
ATOM   814  C C   . GLY A 1 101 ? 7.705   -0.735  -3.780  1.00 21.44  ? 101  GLY A C   1 
ATOM   815  O O   . GLY A 1 101 ? 6.810   -1.345  -4.368  1.00 47.41  ? 101  GLY A O   1 
ATOM   816  N N   . ARG A 1 102 ? 7.799   -0.710  -2.452  1.00 26.77  ? 102  ARG A N   1 
ATOM   817  C CA  . ARG A 1 102 ? 6.871   -1.425  -1.573  1.00 28.39  ? 102  ARG A CA  1 
ATOM   818  C C   . ARG A 1 102 ? 5.398   -1.106  -1.775  1.00 20.80  ? 102  ARG A C   1 
ATOM   819  O O   . ARG A 1 102 ? 4.536   -1.983  -1.637  1.00 25.69  ? 102  ARG A O   1 
ATOM   820  C CB  . ARG A 1 102 ? 7.244   -1.172  -0.113  1.00 32.59  ? 102  ARG A CB  1 
ATOM   821  C CG  . ARG A 1 102 ? 8.425   -1.984  0.355   1.00 33.52  ? 102  ARG A CG  1 
ATOM   822  C CD  . ARG A 1 102 ? 8.969   -1.461  1.677   1.00 27.49  ? 102  ARG A CD  1 
ATOM   823  N NE  . ARG A 1 102 ? 9.565   -0.141  1.515   1.00 22.39  ? 102  ARG A NE  1 
ATOM   824  C CZ  . ARG A 1 102 ? 10.081  0.578   2.505   1.00 16.66  ? 102  ARG A CZ  1 
ATOM   825  N NH1 . ARG A 1 102 ? 10.080  0.104   3.745   1.00 15.24  ? 102  ARG A NH1 1 
ATOM   826  N NH2 . ARG A 1 102 ? 10.595  1.782   2.263   1.00 3.73   ? 102  ARG A NH2 1 
ATOM   827  N N   . THR A 1 103 ? 5.109   0.155   -2.085  1.00 22.44  ? 103  THR A N   1 
ATOM   828  C CA  . THR A 1 103 ? 3.743   0.581   -2.309  1.00 36.55  ? 103  THR A CA  1 
ATOM   829  C C   . THR A 1 103 ? 3.320   0.077   -3.683  1.00 36.48  ? 103  THR A C   1 
ATOM   830  O O   . THR A 1 103 ? 2.240   -0.505  -3.828  1.00 34.61  ? 103  THR A O   1 
ATOM   831  C CB  . THR A 1 103 ? 3.633   2.116   -2.233  1.00 48.78  ? 103  THR A CB  1 
ATOM   832  O OG1 . THR A 1 103 ? 4.020   2.552   -0.922  1.00 58.79  ? 103  THR A OG1 1 
ATOM   833  C CG2 . THR A 1 103 ? 2.207   2.567   -2.503  1.00 53.88  ? 103  THR A CG2 1 
ATOM   834  N N   . GLY A 1 104 ? 4.185   0.284   -4.682  1.00 34.74  ? 104  GLY A N   1 
ATOM   835  C CA  . GLY A 1 104 ? 3.885   -0.171  -6.026  1.00 32.71  ? 104  GLY A CA  1 
ATOM   836  C C   . GLY A 1 104 ? 3.560   -1.666  -6.033  1.00 29.54  ? 104  GLY A C   1 
ATOM   837  O O   . GLY A 1 104 ? 2.633   -2.133  -6.703  1.00 42.40  ? 104  GLY A O   1 
ATOM   838  N N   . THR A 1 105 ? 4.330   -2.419  -5.262  1.00 17.47  ? 105  THR A N   1 
ATOM   839  C CA  . THR A 1 105 ? 4.159   -3.852  -5.174  1.00 18.33  ? 105  THR A CA  1 
ATOM   840  C C   . THR A 1 105 ? 2.783   -4.212  -4.634  1.00 22.93  ? 105  THR A C   1 
ATOM   841  O O   . THR A 1 105 ? 2.071   -5.021  -5.225  1.00 24.74  ? 105  THR A O   1 
ATOM   842  C CB  . THR A 1 105 ? 5.274   -4.481  -4.262  1.00 24.18  ? 105  THR A CB  1 
ATOM   843  O OG1 . THR A 1 105 ? 6.463   -4.699  -5.036  1.00 33.24  ? 105  THR A OG1 1 
ATOM   844  C CG2 . THR A 1 105 ? 4.811   -5.797  -3.649  1.00 18.28  ? 105  THR A CG2 1 
ATOM   845  N N   . ILE A 1 106 ? 2.425   -3.603  -3.509  1.00 36.00  ? 106  ILE A N   1 
ATOM   846  C CA  . ILE A 1 106 ? 1.145   -3.869  -2.862  1.00 42.86  ? 106  ILE A CA  1 
ATOM   847  C C   . ILE A 1 106 ? -0.052  -3.479  -3.720  1.00 39.95  ? 106  ILE A C   1 
ATOM   848  O O   . ILE A 1 106 ? -1.056  -4.193  -3.771  1.00 38.98  ? 106  ILE A O   1 
ATOM   849  C CB  . ILE A 1 106 ? 1.065   -3.156  -1.494  1.00 43.88  ? 106  ILE A CB  1 
ATOM   850  C CG1 . ILE A 1 106 ? 2.076   -3.779  -0.537  1.00 41.43  ? 106  ILE A CG1 1 
ATOM   851  C CG2 . ILE A 1 106 ? -0.341  -3.269  -0.916  1.00 19.75  ? 106  ILE A CG2 1 
ATOM   852  C CD1 . ILE A 1 106 ? 1.905   -5.278  -0.343  1.00 50.63  ? 106  ILE A CD1 1 
ATOM   853  N N   . LEU A 1 107 ? 0.044   -2.335  -4.381  1.00 33.02  ? 107  LEU A N   1 
ATOM   854  C CA  . LEU A 1 107 ? -1.035  -1.897  -5.256  1.00 31.34  ? 107  LEU A CA  1 
ATOM   855  C C   . LEU A 1 107 ? -1.186  -2.932  -6.369  1.00 33.16  ? 107  LEU A C   1 
ATOM   856  O O   . LEU A 1 107 ? -2.279  -3.433  -6.623  1.00 44.75  ? 107  LEU A O   1 
ATOM   857  C CB  . LEU A 1 107 ? -0.700  -0.533  -5.871  1.00 32.55  ? 107  LEU A CB  1 
ATOM   858  C CG  . LEU A 1 107 ? -0.507  0.614   -4.878  1.00 31.73  ? 107  LEU A CG  1 
ATOM   859  C CD1 . LEU A 1 107 ? 0.083   1.818   -5.596  1.00 39.61  ? 107  LEU A CD1 1 
ATOM   860  C CD2 . LEU A 1 107 ? -1.839  0.945   -4.202  1.00 30.93  ? 107  LEU A CD2 1 
ATOM   861  N N   . ALA A 1 108 ? -0.073  -3.250  -7.023  1.00 30.70  ? 108  ALA A N   1 
ATOM   862  C CA  . ALA A 1 108 ? -0.096  -4.204  -8.108  1.00 27.21  ? 108  ALA A CA  1 
ATOM   863  C C   . ALA A 1 108 ? -0.664  -5.534  -7.648  1.00 30.30  ? 108  ALA A C   1 
ATOM   864  O O   . ALA A 1 108 ? -1.451  -6.157  -8.366  1.00 40.39  ? 108  ALA A O   1 
ATOM   865  C CB  . ALA A 1 108 ? 1.295   -4.393  -8.685  1.00 22.61  ? 108  ALA A CB  1 
ATOM   866  N N   . SER A 1 109 ? -0.280  -5.967  -6.452  1.00 33.02  ? 109  SER A N   1 
ATOM   867  C CA  . SER A 1 109 ? -0.776  -7.228  -5.943  1.00 33.20  ? 109  SER A CA  1 
ATOM   868  C C   . SER A 1 109 ? -2.278  -7.115  -5.704  1.00 38.83  ? 109  SER A C   1 
ATOM   869  O O   . SER A 1 109 ? -2.987  -8.120  -5.616  1.00 36.52  ? 109  SER A O   1 
ATOM   870  C CB  . SER A 1 109 ? -0.050  -7.607  -4.656  1.00 35.87  ? 109  SER A CB  1 
ATOM   871  O OG  . SER A 1 109 ? -0.117  -6.566  -3.709  1.00 36.40  ? 109  SER A OG  1 
ATOM   872  N N   . TYR A 1 110 ? -2.765  -5.882  -5.602  1.00 43.34  ? 110  TYR A N   1 
ATOM   873  C CA  . TYR A 1 110 ? -4.187  -5.654  -5.400  1.00 41.91  ? 110  TYR A CA  1 
ATOM   874  C C   . TYR A 1 110 ? -4.865  -5.821  -6.765  1.00 35.92  ? 110  TYR A C   1 
ATOM   875  O O   . TYR A 1 110 ? -5.821  -6.592  -6.911  1.00 35.91  ? 110  TYR A O   1 
ATOM   876  C CB  . TYR A 1 110 ? -4.424  -4.242  -4.850  1.00 47.57  ? 110  TYR A CB  1 
ATOM   877  C CG  . TYR A 1 110 ? -5.885  -3.874  -4.654  1.00 52.23  ? 110  TYR A CG  1 
ATOM   878  C CD1 . TYR A 1 110 ? -6.631  -4.417  -3.609  1.00 51.21  ? 110  TYR A CD1 1 
ATOM   879  C CD2 . TYR A 1 110 ? -6.524  -2.986  -5.526  1.00 55.62  ? 110  TYR A CD2 1 
ATOM   880  C CE1 . TYR A 1 110 ? -7.981  -4.088  -3.440  1.00 54.78  ? 110  TYR A CE1 1 
ATOM   881  C CE2 . TYR A 1 110 ? -7.866  -2.649  -5.365  1.00 55.90  ? 110  TYR A CE2 1 
ATOM   882  C CZ  . TYR A 1 110 ? -8.590  -3.206  -4.323  1.00 56.36  ? 110  TYR A CZ  1 
ATOM   883  O OH  . TYR A 1 110 ? -9.925  -2.901  -4.177  1.00 57.29  ? 110  TYR A OH  1 
ATOM   884  N N   . LEU A 1 111 ? -4.352  -5.113  -7.767  1.00 27.40  ? 111  LEU A N   1 
ATOM   885  C CA  . LEU A 1 111 ? -4.908  -5.192  -9.104  1.00 32.17  ? 111  LEU A CA  1 
ATOM   886  C C   . LEU A 1 111 ? -4.928  -6.643  -9.580  1.00 46.57  ? 111  LEU A C   1 
ATOM   887  O O   . LEU A 1 111 ? -5.948  -7.127  -10.073 1.00 62.34  ? 111  LEU A O   1 
ATOM   888  C CB  . LEU A 1 111 ? -4.079  -4.348  -10.078 1.00 27.71  ? 111  LEU A CB  1 
ATOM   889  C CG  . LEU A 1 111 ? -3.966  -2.845  -9.788  1.00 30.07  ? 111  LEU A CG  1 
ATOM   890  C CD1 . LEU A 1 111 ? -3.032  -2.170  -10.813 1.00 24.12  ? 111  LEU A CD1 1 
ATOM   891  C CD2 . LEU A 1 111 ? -5.352  -2.226  -9.836  1.00 40.42  ? 111  LEU A CD2 1 
ATOM   892  N N   . ILE A 1 112 ? -3.801  -7.337  -9.429  1.00 49.45  ? 112  ILE A N   1 
ATOM   893  C CA  . ILE A 1 112 ? -3.710  -8.727  -9.874  1.00 47.86  ? 112  ILE A CA  1 
ATOM   894  C C   . ILE A 1 112 ? -4.881  -9.549  -9.374  1.00 50.90  ? 112  ILE A C   1 
ATOM   895  O O   . ILE A 1 112 ? -5.461  -10.333 -10.122 1.00 56.41  ? 112  ILE A O   1 
ATOM   896  C CB  . ILE A 1 112 ? -2.404  -9.433  -9.384  1.00 45.83  ? 112  ILE A CB  1 
ATOM   897  C CG1 . ILE A 1 112 ? -1.198  -8.965  -10.199 1.00 46.50  ? 112  ILE A CG1 1 
ATOM   898  C CG2 . ILE A 1 112 ? -2.544  -10.960 -9.518  1.00 37.12  ? 112  ILE A CG2 1 
ATOM   899  C CD1 . ILE A 1 112 ? 0.068   -9.710  -9.863  1.00 50.63  ? 112  ILE A CD1 1 
ATOM   900  N N   . LEU A 1 113 ? -5.231  -9.367  -8.108  1.00 55.19  ? 113  LEU A N   1 
ATOM   901  C CA  . LEU A 1 113 ? -6.316  -10.140 -7.526  1.00 56.27  ? 113  LEU A CA  1 
ATOM   902  C C   . LEU A 1 113 ? -7.704  -9.564  -7.783  1.00 53.05  ? 113  LEU A C   1 
ATOM   903  O O   . LEU A 1 113 ? -8.684  -10.303 -7.860  1.00 48.97  ? 113  LEU A O   1 
ATOM   904  C CB  . LEU A 1 113 ? -6.082  -10.294 -6.023  1.00 56.87  ? 113  LEU A CB  1 
ATOM   905  C CG  . LEU A 1 113 ? -4.682  -10.777 -5.632  1.00 55.99  ? 113  LEU A CG  1 
ATOM   906  C CD1 . LEU A 1 113 ? -4.657  -11.077 -4.141  1.00 61.78  ? 113  LEU A CD1 1 
ATOM   907  C CD2 . LEU A 1 113 ? -4.309  -12.020 -6.428  1.00 57.73  ? 113  LEU A CD2 1 
ATOM   908  N N   . THR A 1 114 ? -7.790  -8.248  -7.928  1.00 51.78  ? 114  THR A N   1 
ATOM   909  C CA  . THR A 1 114 ? -9.075  -7.614  -8.165  1.00 52.61  ? 114  THR A CA  1 
ATOM   910  C C   . THR A 1 114 ? -9.449  -7.649  -9.636  1.00 52.44  ? 114  THR A C   1 
ATOM   911  O O   . THR A 1 114 ? -10.499 -8.177  -10.010 1.00 47.99  ? 114  THR A O   1 
ATOM   912  C CB  . THR A 1 114 ? -9.064  -6.153  -7.698  1.00 50.70  ? 114  THR A CB  1 
ATOM   913  O OG1 . THR A 1 114 ? -8.118  -5.409  -8.476  1.00 41.76  ? 114  THR A OG1 1 
ATOM   914  C CG2 . THR A 1 114 ? -8.686  -6.075  -6.235  1.00 51.62  ? 114  THR A CG2 1 
ATOM   915  N N   . GLU A 1 115 ? -8.586  -7.089  -10.472 1.00 51.52  ? 115  GLU A N   1 
ATOM   916  C CA  . GLU A 1 115 ? -8.841  -7.051  -11.904 1.00 50.35  ? 115  GLU A CA  1 
ATOM   917  C C   . GLU A 1 115 ? -8.227  -8.204  -12.687 1.00 56.64  ? 115  GLU A C   1 
ATOM   918  O O   . GLU A 1 115 ? -8.142  -8.149  -13.917 1.00 66.25  ? 115  GLU A O   1 
ATOM   919  C CB  . GLU A 1 115 ? -8.359  -5.724  -12.465 1.00 43.67  ? 115  GLU A CB  1 
ATOM   920  C CG  . GLU A 1 115 ? -9.248  -4.579  -12.074 1.00 43.83  ? 115  GLU A CG  1 
ATOM   921  C CD  . GLU A 1 115 ? -8.550  -3.258  -12.188 1.00 49.80  ? 115  GLU A CD  1 
ATOM   922  O OE1 . GLU A 1 115 ? -7.822  -3.075  -13.181 1.00 53.51  ? 115  GLU A OE1 1 
ATOM   923  O OE2 . GLU A 1 115 ? -8.731  -2.409  -11.290 1.00 51.07  ? 115  GLU A OE2 1 
ATOM   924  N N   . GLY A 1 116 ? -7.813  -9.247  -11.973 1.00 58.73  ? 116  GLY A N   1 
ATOM   925  C CA  . GLY A 1 116 ? -7.220  -10.405 -12.614 1.00 60.80  ? 116  GLY A CA  1 
ATOM   926  C C   . GLY A 1 116 ? -6.289  -10.060 -13.760 1.00 65.97  ? 116  GLY A C   1 
ATOM   927  O O   . GLY A 1 116 ? -6.544  -10.422 -14.905 1.00 68.66  ? 116  GLY A O   1 
ATOM   928  N N   . LEU A 1 117 ? -5.211  -9.348  -13.460 1.00 69.66  ? 117  LEU A N   1 
ATOM   929  C CA  . LEU A 1 117 ? -4.248  -8.976  -14.489 1.00 68.62  ? 117  LEU A CA  1 
ATOM   930  C C   . LEU A 1 117 ? -2.932  -9.691  -14.215 1.00 74.86  ? 117  LEU A C   1 
ATOM   931  O O   . LEU A 1 117 ? -2.669  -10.113 -13.089 1.00 71.80  ? 117  LEU A O   1 
ATOM   932  C CB  . LEU A 1 117 ? -4.026  -7.459  -14.489 1.00 60.28  ? 117  LEU A CB  1 
ATOM   933  C CG  . LEU A 1 117 ? -5.287  -6.614  -14.711 1.00 54.33  ? 117  LEU A CG  1 
ATOM   934  C CD1 . LEU A 1 117 ? -4.969  -5.139  -14.555 1.00 35.11  ? 117  LEU A CD1 1 
ATOM   935  C CD2 . LEU A 1 117 ? -5.850  -6.894  -16.094 1.00 58.83  ? 117  LEU A CD2 1 
ATOM   936  N N   . GLU A 1 118 ? -2.114  -9.860  -15.246 1.00 77.34  ? 118  GLU A N   1 
ATOM   937  C CA  . GLU A 1 118 ? -0.827  -10.501 -15.038 1.00 79.55  ? 118  GLU A CA  1 
ATOM   938  C C   . GLU A 1 118 ? 0.068   -9.449  -14.404 1.00 70.70  ? 118  GLU A C   1 
ATOM   939  O O   . GLU A 1 118 ? -0.331  -8.290  -14.270 1.00 37.81  ? 118  GLU A O   1 
ATOM   940  C CB  . GLU A 1 118 ? -0.231  -10.990 -16.361 1.00 92.82  ? 118  GLU A CB  1 
ATOM   941  C CG  . GLU A 1 118 ? -0.274  -9.979  -17.483 1.00 104.96 ? 118  GLU A CG  1 
ATOM   942  C CD  . GLU A 1 118 ? 0.373   -10.502 -18.753 1.00 114.50 ? 118  GLU A CD  1 
ATOM   943  O OE1 . GLU A 1 118 ? 0.074   -11.653 -19.145 1.00 122.47 ? 118  GLU A OE1 1 
ATOM   944  O OE2 . GLU A 1 118 ? 1.173   -9.761  -19.362 1.00 130.63 ? 118  GLU A OE2 1 
ATOM   945  N N   . VAL A 1 119 ? 1.271   -9.853  -14.013 1.00 67.54  ? 119  VAL A N   1 
ATOM   946  C CA  . VAL A 1 119 ? 2.217   -8.947  -13.371 1.00 57.72  ? 119  VAL A CA  1 
ATOM   947  C C   . VAL A 1 119 ? 2.659   -7.776  -14.259 1.00 53.49  ? 119  VAL A C   1 
ATOM   948  O O   . VAL A 1 119 ? 2.295   -6.626  -14.004 1.00 41.95  ? 119  VAL A O   1 
ATOM   949  C CB  . VAL A 1 119 ? 3.448   -9.735  -12.878 1.00 49.78  ? 119  VAL A CB  1 
ATOM   950  C CG1 . VAL A 1 119 ? 4.449   -8.803  -12.218 1.00 50.58  ? 119  VAL A CG1 1 
ATOM   951  C CG2 . VAL A 1 119 ? 2.987   -10.825 -11.897 1.00 35.95  ? 119  VAL A CG2 1 
ATOM   952  N N   . GLU A 1 120 ? 3.428   -8.071  -15.302 1.00 55.39  ? 120  GLU A N   1 
ATOM   953  C CA  . GLU A 1 120 ? 3.920   -7.042  -16.215 1.00 63.06  ? 120  GLU A CA  1 
ATOM   954  C C   . GLU A 1 120 ? 2.848   -6.046  -16.640 1.00 66.68  ? 120  GLU A C   1 
ATOM   955  O O   . GLU A 1 120 ? 3.161   -4.928  -17.062 1.00 76.21  ? 120  GLU A O   1 
ATOM   956  C CB  . GLU A 1 120 ? 4.533   -7.692  -17.460 1.00 66.08  ? 120  GLU A CB  1 
ATOM   957  C CG  . GLU A 1 120 ? 3.685   -8.805  -18.062 1.00 72.56  ? 120  GLU A CG  1 
ATOM   958  C CD  . GLU A 1 120 ? 3.692   -10.083 -17.226 1.00 81.49  ? 120  GLU A CD  1 
ATOM   959  O OE1 . GLU A 1 120 ? 2.893   -10.997 -17.524 1.00 98.45  ? 120  GLU A OE1 1 
ATOM   960  O OE2 . GLU A 1 120 ? 4.499   -10.180 -16.276 1.00 83.94  ? 120  GLU A OE2 1 
ATOM   961  N N   . SER A 1 121 ? 1.586   -6.451  -16.527 1.00 64.27  ? 121  SER A N   1 
ATOM   962  C CA  . SER A 1 121 ? 0.481   -5.585  -16.914 1.00 65.36  ? 121  SER A CA  1 
ATOM   963  C C   . SER A 1 121 ? 0.016   -4.759  -15.716 1.00 58.00  ? 121  SER A C   1 
ATOM   964  O O   . SER A 1 121 ? -0.204  -3.553  -15.835 1.00 35.82  ? 121  SER A O   1 
ATOM   965  C CB  . SER A 1 121 ? -0.676  -6.418  -17.477 1.00 71.68  ? 121  SER A CB  1 
ATOM   966  O OG  . SER A 1 121 ? -1.623  -5.600  -18.146 1.00 95.65  ? 121  SER A OG  1 
ATOM   967  N N   . ALA A 1 122 ? -0.139  -5.402  -14.563 1.00 53.24  ? 122  ALA A N   1 
ATOM   968  C CA  . ALA A 1 122 ? -0.544  -4.670  -13.368 1.00 49.51  ? 122  ALA A CA  1 
ATOM   969  C C   . ALA A 1 122 ? 0.531   -3.610  -13.116 1.00 50.62  ? 122  ALA A C   1 
ATOM   970  O O   . ALA A 1 122 ? 0.219   -2.453  -12.819 1.00 60.21  ? 122  ALA A O   1 
ATOM   971  C CB  . ALA A 1 122 ? -0.653  -5.609  -12.176 1.00 29.10  ? 122  ALA A CB  1 
ATOM   972  N N   . ILE A 1 123 ? 1.794   -4.012  -13.253 1.00 44.53  ? 123  ILE A N   1 
ATOM   973  C CA  . ILE A 1 123 ? 2.925   -3.110  -13.069 1.00 35.30  ? 123  ILE A CA  1 
ATOM   974  C C   . ILE A 1 123 ? 2.781   -1.931  -14.026 1.00 35.96  ? 123  ILE A C   1 
ATOM   975  O O   . ILE A 1 123 ? 2.942   -0.774  -13.637 1.00 44.03  ? 123  ILE A O   1 
ATOM   976  C CB  . ILE A 1 123 ? 4.273   -3.815  -13.390 1.00 34.25  ? 123  ILE A CB  1 
ATOM   977  C CG1 . ILE A 1 123 ? 4.489   -4.997  -12.442 1.00 33.87  ? 123  ILE A CG1 1 
ATOM   978  C CG2 . ILE A 1 123 ? 5.438   -2.806  -13.300 1.00 28.22  ? 123  ILE A CG2 1 
ATOM   979  C CD1 . ILE A 1 123 ? 4.493   -4.612  -10.990 1.00 50.63  ? 123  ILE A CD1 1 
ATOM   980  N N   . ASP A 1 124 ? 2.497   -2.254  -15.285 1.00 42.48  ? 124  ASP A N   1 
ATOM   981  C CA  . ASP A 1 124 ? 2.321   -1.268  -16.347 1.00 43.76  ? 124  ASP A CA  1 
ATOM   982  C C   . ASP A 1 124 ? 1.242   -0.239  -15.995 1.00 37.69  ? 124  ASP A C   1 
ATOM   983  O O   . ASP A 1 124 ? 1.355   0.948   -16.349 1.00 26.34  ? 124  ASP A O   1 
ATOM   984  C CB  . ASP A 1 124 ? 1.959   -1.989  -17.660 1.00 47.95  ? 124  ASP A CB  1 
ATOM   985  C CG  . ASP A 1 124 ? 1.154   -1.110  -18.620 1.00 53.84  ? 124  ASP A CG  1 
ATOM   986  O OD1 . ASP A 1 124 ? 1.692   -0.094  -19.115 1.00 40.07  ? 124  ASP A OD1 1 
ATOM   987  O OD2 . ASP A 1 124 ? -0.027  -1.438  -18.875 1.00 56.72  ? 124  ASP A OD2 1 
ATOM   988  N N   . GLU A 1 125 ? 0.200   -0.699  -15.304 1.00 33.79  ? 125  GLU A N   1 
ATOM   989  C CA  . GLU A 1 125 ? -0.886  0.175   -14.902 1.00 40.02  ? 125  GLU A CA  1 
ATOM   990  C C   . GLU A 1 125 ? -0.411  1.119   -13.808 1.00 42.06  ? 125  GLU A C   1 
ATOM   991  O O   . GLU A 1 125 ? -0.580  2.337   -13.925 1.00 33.59  ? 125  GLU A O   1 
ATOM   992  C CB  . GLU A 1 125 ? -2.078  -0.653  -14.416 1.00 44.76  ? 125  GLU A CB  1 
ATOM   993  C CG  . GLU A 1 125 ? -2.971  -1.152  -15.548 1.00 45.45  ? 125  GLU A CG  1 
ATOM   994  C CD  . GLU A 1 125 ? -3.647  -0.010  -16.287 1.00 53.52  ? 125  GLU A CD  1 
ATOM   995  O OE1 . GLU A 1 125 ? -4.540  0.629   -15.696 1.00 67.90  ? 125  GLU A OE1 1 
ATOM   996  O OE2 . GLU A 1 125 ? -3.279  0.255   -17.455 1.00 68.59  ? 125  GLU A OE2 1 
ATOM   997  N N   . VAL A 1 126 ? 0.200   0.559   -12.762 1.00 41.36  ? 126  VAL A N   1 
ATOM   998  C CA  . VAL A 1 126 ? 0.703   1.360   -11.647 1.00 27.26  ? 126  VAL A CA  1 
ATOM   999  C C   . VAL A 1 126 ? 1.768   2.360   -12.095 1.00 25.11  ? 126  VAL A C   1 
ATOM   1000 O O   . VAL A 1 126 ? 1.779   3.498   -11.636 1.00 29.78  ? 126  VAL A O   1 
ATOM   1001 C CB  . VAL A 1 126 ? 1.300   0.481   -10.524 1.00 30.15  ? 126  VAL A CB  1 
ATOM   1002 C CG1 . VAL A 1 126 ? 1.869   1.373   -9.420  1.00 27.53  ? 126  VAL A CG1 1 
ATOM   1003 C CG2 . VAL A 1 126 ? 0.233   -0.446  -9.952  1.00 25.46  ? 126  VAL A CG2 1 
ATOM   1004 N N   . ARG A 1 127 ? 2.660   1.946   -12.987 1.00 25.64  ? 127  ARG A N   1 
ATOM   1005 C CA  . ARG A 1 127 ? 3.692   2.854   -13.461 1.00 25.40  ? 127  ARG A CA  1 
ATOM   1006 C C   . ARG A 1 127 ? 3.080   3.951   -14.309 1.00 23.40  ? 127  ARG A C   1 
ATOM   1007 O O   . ARG A 1 127 ? 3.740   4.950   -14.625 1.00 29.51  ? 127  ARG A O   1 
ATOM   1008 C CB  . ARG A 1 127 ? 4.761   2.106   -14.257 1.00 37.52  ? 127  ARG A CB  1 
ATOM   1009 C CG  . ARG A 1 127 ? 5.614   1.190   -13.393 1.00 42.41  ? 127  ARG A CG  1 
ATOM   1010 C CD  . ARG A 1 127 ? 6.837   0.657   -14.133 1.00 42.73  ? 127  ARG A CD  1 
ATOM   1011 N NE  . ARG A 1 127 ? 7.690   -0.116  -13.228 1.00 43.94  ? 127  ARG A NE  1 
ATOM   1012 C CZ  . ARG A 1 127 ? 8.933   -0.497  -13.506 1.00 41.25  ? 127  ARG A CZ  1 
ATOM   1013 N NH1 . ARG A 1 127 ? 9.476   -0.175  -14.667 1.00 32.15  ? 127  ARG A NH1 1 
ATOM   1014 N NH2 . ARG A 1 127 ? 9.630   -1.196  -12.623 1.00 42.13  ? 127  ARG A NH2 1 
ATOM   1015 N N   . LEU A 1 128 ? 1.805   3.773   -14.658 1.00 32.27  ? 128  LEU A N   1 
ATOM   1016 C CA  . LEU A 1 128 ? 1.088   4.762   -15.461 1.00 42.20  ? 128  LEU A CA  1 
ATOM   1017 C C   . LEU A 1 128 ? 0.840   6.043   -14.644 1.00 46.47  ? 128  LEU A C   1 
ATOM   1018 O O   . LEU A 1 128 ? 0.837   7.144   -15.203 1.00 47.45  ? 128  LEU A O   1 
ATOM   1019 C CB  . LEU A 1 128 ? -0.230  4.168   -15.966 1.00 44.54  ? 128  LEU A CB  1 
ATOM   1020 C CG  . LEU A 1 128 ? -0.614  4.531   -17.410 1.00 43.26  ? 128  LEU A CG  1 
ATOM   1021 C CD1 . LEU A 1 128 ? -1.631  3.526   -17.961 1.00 29.78  ? 128  LEU A CD1 1 
ATOM   1022 C CD2 . LEU A 1 128 ? -1.151  5.959   -17.453 1.00 42.21  ? 128  LEU A CD2 1 
ATOM   1023 N N   . VAL A 1 129 ? 0.639   5.894   -13.330 1.00 40.89  ? 129  VAL A N   1 
ATOM   1024 C CA  . VAL A 1 129 ? 0.430   7.035   -12.430 1.00 39.08  ? 129  VAL A CA  1 
ATOM   1025 C C   . VAL A 1 129 ? 1.617   7.189   -11.482 1.00 47.44  ? 129  VAL A C   1 
ATOM   1026 O O   . VAL A 1 129 ? 1.875   8.275   -10.961 1.00 53.49  ? 129  VAL A O   1 
ATOM   1027 C CB  . VAL A 1 129 ? -0.819  6.865   -11.568 1.00 30.81  ? 129  VAL A CB  1 
ATOM   1028 C CG1 . VAL A 1 129 ? -2.052  7.033   -12.422 1.00 33.27  ? 129  VAL A CG1 1 
ATOM   1029 C CG2 . VAL A 1 129 ? -0.802  5.492   -10.892 1.00 26.68  ? 129  VAL A CG2 1 
ATOM   1030 N N   . ARG A 1 130 ? 2.326   6.084   -11.267 1.00 42.70  ? 130  ARG A N   1 
ATOM   1031 C CA  . ARG A 1 130 ? 3.498   6.038   -10.398 1.00 29.96  ? 130  ARG A CA  1 
ATOM   1032 C C   . ARG A 1 130 ? 4.662   5.526   -11.254 1.00 24.32  ? 130  ARG A C   1 
ATOM   1033 O O   . ARG A 1 130 ? 4.878   4.316   -11.351 1.00 38.22  ? 130  ARG A O   1 
ATOM   1034 C CB  . ARG A 1 130 ? 3.245   5.061   -9.242  1.00 32.47  ? 130  ARG A CB  1 
ATOM   1035 C CG  . ARG A 1 130 ? 4.134   5.241   -7.986  1.00 27.58  ? 130  ARG A CG  1 
ATOM   1036 C CD  . ARG A 1 130 ? 5.591   5.472   -8.321  1.00 15.85  ? 130  ARG A CD  1 
ATOM   1037 N NE  . ARG A 1 130 ? 6.087   6.693   -7.697  1.00 11.72  ? 130  ARG A NE  1 
ATOM   1038 C CZ  . ARG A 1 130 ? 6.757   7.641   -8.342  1.00 14.60  ? 130  ARG A CZ  1 
ATOM   1039 N NH1 . ARG A 1 130 ? 7.010   7.501   -9.632  1.00 35.72  ? 130  ARG A NH1 1 
ATOM   1040 N NH2 . ARG A 1 130 ? 7.167   8.726   -7.698  1.00 27.93  ? 130  ARG A NH2 1 
ATOM   1041 N N   . PRO A 1 131 ? 5.426   6.427   -11.895 1.00 15.68  ? 131  PRO A N   1 
ATOM   1042 C CA  . PRO A 1 131 ? 6.545   5.925   -12.719 1.00 23.25  ? 131  PRO A CA  1 
ATOM   1043 C C   . PRO A 1 131 ? 7.633   5.172   -11.944 1.00 33.38  ? 131  PRO A C   1 
ATOM   1044 O O   . PRO A 1 131 ? 8.056   5.603   -10.875 1.00 47.90  ? 131  PRO A O   1 
ATOM   1045 C CB  . PRO A 1 131 ? 7.089   7.194   -13.382 1.00 22.98  ? 131  PRO A CB  1 
ATOM   1046 C CG  . PRO A 1 131 ? 5.877   8.044   -13.498 1.00 21.46  ? 131  PRO A CG  1 
ATOM   1047 C CD  . PRO A 1 131 ? 5.215   7.864   -12.136 1.00 19.98  ? 131  PRO A CD  1 
ATOM   1048 N N   . GLY A 1 132 ? 8.080   4.051   -12.504 1.00 32.68  ? 132  GLY A N   1 
ATOM   1049 C CA  . GLY A 1 132 ? 9.122   3.254   -11.873 1.00 32.14  ? 132  GLY A CA  1 
ATOM   1050 C C   . GLY A 1 132 ? 8.645   2.341   -10.755 1.00 36.92  ? 132  GLY A C   1 
ATOM   1051 O O   . GLY A 1 132 ? 9.446   1.859   -9.951  1.00 57.55  ? 132  GLY A O   1 
ATOM   1052 N N   . ALA A 1 133 ? 7.339   2.094   -10.711 1.00 34.46  ? 133  ALA A N   1 
ATOM   1053 C CA  . ALA A 1 133 ? 6.747   1.257   -9.683  1.00 29.20  ? 133  ALA A CA  1 
ATOM   1054 C C   . ALA A 1 133 ? 7.330   -0.157  -9.693  1.00 30.59  ? 133  ALA A C   1 
ATOM   1055 O O   . ALA A 1 133 ? 7.351   -0.824  -10.736 1.00 35.07  ? 133  ALA A O   1 
ATOM   1056 C CB  . ALA A 1 133 ? 5.228   1.221   -9.862  1.00 28.57  ? 133  ALA A CB  1 
ATOM   1057 N N   . VAL A 1 134 ? 7.781   -0.588  -8.508  1.00 35.12  ? 134  VAL A N   1 
ATOM   1058 C CA  . VAL A 1 134 ? 8.422   -1.886  -8.253  1.00 33.09  ? 134  VAL A CA  1 
ATOM   1059 C C   . VAL A 1 134 ? 9.896   -1.808  -8.658  1.00 35.75  ? 134  VAL A C   1 
ATOM   1060 O O   . VAL A 1 134 ? 10.232  -1.564  -9.813  1.00 40.51  ? 134  VAL A O   1 
ATOM   1061 C CB  . VAL A 1 134 ? 7.725   -3.037  -8.983  1.00 30.51  ? 134  VAL A CB  1 
ATOM   1062 C CG1 . VAL A 1 134 ? 8.458   -4.335  -8.718  1.00 33.93  ? 134  VAL A CG1 1 
ATOM   1063 C CG2 . VAL A 1 134 ? 6.282   -3.133  -8.504  1.00 39.21  ? 134  VAL A CG2 1 
ATOM   1064 N N   . GLN A 1 135 ? 10.773  -2.019  -7.681  1.00 38.19  ? 135  GLN A N   1 
ATOM   1065 C CA  . GLN A 1 135 ? 12.207  -1.888  -7.904  1.00 39.31  ? 135  GLN A CA  1 
ATOM   1066 C C   . GLN A 1 135 ? 13.133  -3.045  -7.525  1.00 33.76  ? 135  GLN A C   1 
ATOM   1067 O O   . GLN A 1 135 ? 14.343  -2.916  -7.680  1.00 40.21  ? 135  GLN A O   1 
ATOM   1068 C CB  . GLN A 1 135 ? 12.684  -0.599  -7.204  1.00 41.93  ? 135  GLN A CB  1 
ATOM   1069 C CG  . GLN A 1 135 ? 11.975  -0.309  -5.880  1.00 45.60  ? 135  GLN A CG  1 
ATOM   1070 C CD  . GLN A 1 135 ? 12.243  1.096   -5.323  1.00 41.75  ? 135  GLN A CD  1 
ATOM   1071 O OE1 . GLN A 1 135 ? 12.151  2.102   -6.042  1.00 34.25  ? 135  GLN A OE1 1 
ATOM   1072 N NE2 . GLN A 1 135 ? 12.554  1.168   -4.029  1.00 32.41  ? 135  GLN A NE2 1 
ATOM   1073 N N   . THR A 1 136 ? 12.598  -4.167  -7.046  1.00 28.76  ? 136  THR A N   1 
ATOM   1074 C CA  . THR A 1 136 ? 13.471  -5.280  -6.660  1.00 33.18  ? 136  THR A CA  1 
ATOM   1075 C C   . THR A 1 136 ? 13.031  -6.652  -7.160  1.00 38.67  ? 136  THR A C   1 
ATOM   1076 O O   . THR A 1 136 ? 11.832  -6.925  -7.317  1.00 38.72  ? 136  THR A O   1 
ATOM   1077 C CB  . THR A 1 136 ? 13.626  -5.379  -5.119  1.00 34.16  ? 136  THR A CB  1 
ATOM   1078 O OG1 . THR A 1 136 ? 12.522  -6.102  -4.569  1.00 42.12  ? 136  THR A OG1 1 
ATOM   1079 C CG2 . THR A 1 136 ? 13.676  -3.994  -4.489  1.00 29.89  ? 136  THR A CG2 1 
ATOM   1080 N N   . TYR A 1 137 ? 14.011  -7.518  -7.404  1.00 36.51  ? 137  TYR A N   1 
ATOM   1081 C CA  . TYR A 1 137 ? 13.724  -8.874  -7.859  1.00 41.64  ? 137  TYR A CA  1 
ATOM   1082 C C   . TYR A 1 137 ? 12.857  -9.571  -6.807  1.00 42.28  ? 137  TYR A C   1 
ATOM   1083 O O   . TYR A 1 137 ? 12.037  -10.426 -7.132  1.00 40.37  ? 137  TYR A O   1 
ATOM   1084 C CB  . TYR A 1 137 ? 15.033  -9.652  -8.072  1.00 58.06  ? 137  TYR A CB  1 
ATOM   1085 C CG  . TYR A 1 137 ? 15.702  -9.390  -9.411  1.00 72.97  ? 137  TYR A CG  1 
ATOM   1086 C CD1 . TYR A 1 137 ? 15.248  -10.021 -10.574 1.00 75.24  ? 137  TYR A CD1 1 
ATOM   1087 C CD2 . TYR A 1 137 ? 16.752  -8.471  -9.529  1.00 78.91  ? 137  TYR A CD2 1 
ATOM   1088 C CE1 . TYR A 1 137 ? 15.817  -9.739  -11.823 1.00 75.95  ? 137  TYR A CE1 1 
ATOM   1089 C CE2 . TYR A 1 137 ? 17.328  -8.180  -10.777 1.00 81.21  ? 137  TYR A CE2 1 
ATOM   1090 C CZ  . TYR A 1 137 ? 16.852  -8.816  -11.918 1.00 77.81  ? 137  TYR A CZ  1 
ATOM   1091 O OH  . TYR A 1 137 ? 17.375  -8.510  -13.157 1.00 72.28  ? 137  TYR A OH  1 
ATOM   1092 N N   . GLU A 1 138 ? 13.039  -9.197  -5.544  1.00 45.78  ? 138  GLU A N   1 
ATOM   1093 C CA  . GLU A 1 138 ? 12.261  -9.785  -4.462  1.00 49.60  ? 138  GLU A CA  1 
ATOM   1094 C C   . GLU A 1 138 ? 10.776  -9.539  -4.719  1.00 45.42  ? 138  GLU A C   1 
ATOM   1095 O O   . GLU A 1 138 ? 9.961   -10.465 -4.691  1.00 40.62  ? 138  GLU A O   1 
ATOM   1096 C CB  . GLU A 1 138 ? 12.632  -9.145  -3.119  1.00 58.77  ? 138  GLU A CB  1 
ATOM   1097 C CG  . GLU A 1 138 ? 14.098  -9.231  -2.713  1.00 67.18  ? 138  GLU A CG  1 
ATOM   1098 C CD  . GLU A 1 138 ? 14.432  -8.282  -1.554  1.00 69.88  ? 138  GLU A CD  1 
ATOM   1099 O OE1 . GLU A 1 138 ? 13.829  -8.429  -0.464  1.00 77.44  ? 138  GLU A OE1 1 
ATOM   1100 O OE2 . GLU A 1 138 ? 15.294  -7.385  -1.736  1.00 50.48  ? 138  GLU A OE2 1 
ATOM   1101 N N   . GLN A 1 139 ? 10.432  -8.278  -4.972  1.00 34.17  ? 139  GLN A N   1 
ATOM   1102 C CA  . GLN A 1 139 ? 9.045   -7.887  -5.211  1.00 36.46  ? 139  GLN A CA  1 
ATOM   1103 C C   . GLN A 1 139 ? 8.440   -8.548  -6.457  1.00 45.27  ? 139  GLN A C   1 
ATOM   1104 O O   . GLN A 1 139 ? 7.283   -8.987  -6.444  1.00 44.81  ? 139  GLN A O   1 
ATOM   1105 C CB  . GLN A 1 139 ? 8.960   -6.355  -5.266  1.00 28.89  ? 139  GLN A CB  1 
ATOM   1106 C CG  . GLN A 1 139 ? 9.523   -5.716  -3.975  1.00 20.43  ? 139  GLN A CG  1 
ATOM   1107 C CD  . GLN A 1 139 ? 9.871   -4.231  -4.105  1.00 23.90  ? 139  GLN A CD  1 
ATOM   1108 O OE1 . GLN A 1 139 ? 10.326  -3.770  -5.166  1.00 23.67  ? 139  GLN A OE1 1 
ATOM   1109 N NE2 . GLN A 1 139 ? 9.679   -3.480  -3.016  1.00 32.78  ? 139  GLN A NE2 1 
ATOM   1110 N N   . GLU A 1 140 ? 9.226   -8.632  -7.523  1.00 47.33  ? 140  GLU A N   1 
ATOM   1111 C CA  . GLU A 1 140 ? 8.759   -9.270  -8.748  1.00 47.27  ? 140  GLU A CA  1 
ATOM   1112 C C   . GLU A 1 140 ? 8.441   -10.739 -8.457  1.00 50.56  ? 140  GLU A C   1 
ATOM   1113 O O   . GLU A 1 140 ? 7.444   -11.281 -8.944  1.00 50.29  ? 140  GLU A O   1 
ATOM   1114 C CB  . GLU A 1 140 ? 9.833   -9.182  -9.835  1.00 44.52  ? 140  GLU A CB  1 
ATOM   1115 C CG  . GLU A 1 140 ? 9.887   -7.841  -10.548 1.00 51.41  ? 140  GLU A CG  1 
ATOM   1116 C CD  . GLU A 1 140 ? 11.091  -7.709  -11.474 1.00 59.78  ? 140  GLU A CD  1 
ATOM   1117 O OE1 . GLU A 1 140 ? 12.209  -7.445  -10.971 1.00 61.94  ? 140  GLU A OE1 1 
ATOM   1118 O OE2 . GLU A 1 140 ? 10.920  -7.876  -12.704 1.00 61.73  ? 140  GLU A OE2 1 
ATOM   1119 N N   . MET A 1 141 ? 9.299   -11.371 -7.659  1.00 56.56  ? 141  MET A N   1 
ATOM   1120 C CA  . MET A 1 141 ? 9.132   -12.775 -7.296  1.00 61.43  ? 141  MET A CA  1 
ATOM   1121 C C   . MET A 1 141 ? 7.820   -12.959 -6.570  1.00 58.61  ? 141  MET A C   1 
ATOM   1122 O O   . MET A 1 141 ? 7.128   -13.958 -6.765  1.00 48.27  ? 141  MET A O   1 
ATOM   1123 C CB  . MET A 1 141 ? 10.283  -13.243 -6.395  1.00 68.50  ? 141  MET A CB  1 
ATOM   1124 C CG  . MET A 1 141 ? 11.321  -14.138 -7.083  1.00 71.20  ? 141  MET A CG  1 
ATOM   1125 S SD  . MET A 1 141 ? 12.246  -13.342 -8.419  1.00 160.20 ? 141  MET A SD  1 
ATOM   1126 C CE  . MET A 1 141 ? 11.218  -13.750 -9.838  1.00 55.89  ? 141  MET A CE  1 
ATOM   1127 N N   . PHE A 1 142 ? 7.496   -11.983 -5.727  1.00 59.80  ? 142  PHE A N   1 
ATOM   1128 C CA  . PHE A 1 142 ? 6.266   -11.990 -4.945  1.00 58.03  ? 142  PHE A CA  1 
ATOM   1129 C C   . PHE A 1 142 ? 5.046   -11.925 -5.857  1.00 48.63  ? 142  PHE A C   1 
ATOM   1130 O O   . PHE A 1 142 ? 4.276   -12.871 -5.938  1.00 49.24  ? 142  PHE A O   1 
ATOM   1131 C CB  . PHE A 1 142 ? 6.249   -10.794 -3.995  1.00 60.33  ? 142  PHE A CB  1 
ATOM   1132 C CG  . PHE A 1 142 ? 4.941   -10.603 -3.284  1.00 61.85  ? 142  PHE A CG  1 
ATOM   1133 C CD1 . PHE A 1 142 ? 4.584   -11.428 -2.223  1.00 61.62  ? 142  PHE A CD1 1 
ATOM   1134 C CD2 . PHE A 1 142 ? 4.055   -9.603  -3.688  1.00 60.52  ? 142  PHE A CD2 1 
ATOM   1135 C CE1 . PHE A 1 142 ? 3.361   -11.262 -1.574  1.00 63.14  ? 142  PHE A CE1 1 
ATOM   1136 C CE2 . PHE A 1 142 ? 2.835   -9.429  -3.052  1.00 57.56  ? 142  PHE A CE2 1 
ATOM   1137 C CZ  . PHE A 1 142 ? 2.485   -10.261 -1.991  1.00 61.07  ? 142  PHE A CZ  1 
ATOM   1138 N N   . LEU A 1 143 ? 4.875   -10.793 -6.531  1.00 44.45  ? 143  LEU A N   1 
ATOM   1139 C CA  . LEU A 1 143 ? 3.756   -10.601 -7.444  1.00 47.07  ? 143  LEU A CA  1 
ATOM   1140 C C   . LEU A 1 143 ? 3.462   -11.889 -8.228  1.00 49.36  ? 143  LEU A C   1 
ATOM   1141 O O   . LEU A 1 143 ? 2.304   -12.282 -8.386  1.00 54.35  ? 143  LEU A O   1 
ATOM   1142 C CB  . LEU A 1 143 ? 4.077   -9.445  -8.399  1.00 44.47  ? 143  LEU A CB  1 
ATOM   1143 C CG  . LEU A 1 143 ? 4.237   -8.092  -7.701  1.00 37.84  ? 143  LEU A CG  1 
ATOM   1144 C CD1 . LEU A 1 143 ? 4.885   -7.061  -8.613  1.00 41.77  ? 143  LEU A CD1 1 
ATOM   1145 C CD2 . LEU A 1 143 ? 2.866   -7.624  -7.247  1.00 40.03  ? 143  LEU A CD2 1 
ATOM   1146 N N   . LEU A 1 144 ? 4.523   -12.537 -8.704  1.00 50.26  ? 144  LEU A N   1 
ATOM   1147 C CA  . LEU A 1 144 ? 4.433   -13.789 -9.457  1.00 46.64  ? 144  LEU A CA  1 
ATOM   1148 C C   . LEU A 1 144 ? 3.835   -14.884 -8.571  1.00 47.95  ? 144  LEU A C   1 
ATOM   1149 O O   . LEU A 1 144 ? 2.968   -15.650 -8.991  1.00 48.27  ? 144  LEU A O   1 
ATOM   1150 C CB  . LEU A 1 144 ? 5.832   -14.221 -9.905  1.00 45.03  ? 144  LEU A CB  1 
ATOM   1151 C CG  . LEU A 1 144 ? 6.291   -14.034 -11.354 1.00 45.01  ? 144  LEU A CG  1 
ATOM   1152 C CD1 . LEU A 1 144 ? 5.648   -15.107 -12.215 1.00 45.37  ? 144  LEU A CD1 1 
ATOM   1153 C CD2 . LEU A 1 144 ? 5.952   -12.637 -11.855 1.00 37.36  ? 144  LEU A CD2 1 
ATOM   1154 N N   . ARG A 1 145 ? 4.331   -14.954 -7.342  1.00 47.95  ? 145  ARG A N   1 
ATOM   1155 C CA  . ARG A 1 145 ? 3.878   -15.925 -6.366  1.00 53.09  ? 145  ARG A CA  1 
ATOM   1156 C C   . ARG A 1 145 ? 2.404   -15.671 -6.107  1.00 57.74  ? 145  ARG A C   1 
ATOM   1157 O O   . ARG A 1 145 ? 1.632   -16.600 -5.883  1.00 64.97  ? 145  ARG A O   1 
ATOM   1158 C CB  . ARG A 1 145 ? 4.683   -15.754 -5.081  1.00 60.60  ? 145  ARG A CB  1 
ATOM   1159 C CG  . ARG A 1 145 ? 4.426   -16.791 -4.019  1.00 67.75  ? 145  ARG A CG  1 
ATOM   1160 C CD  . ARG A 1 145 ? 5.402   -16.596 -2.879  1.00 72.96  ? 145  ARG A CD  1 
ATOM   1161 N NE  . ARG A 1 145 ? 5.339   -17.681 -1.905  1.00 76.76  ? 145  ARG A NE  1 
ATOM   1162 C CZ  . ARG A 1 145 ? 4.321   -17.894 -1.074  1.00 74.50  ? 145  ARG A CZ  1 
ATOM   1163 N NH1 . ARG A 1 145 ? 3.263   -17.088 -1.093  1.00 75.26  ? 145  ARG A NH1 1 
ATOM   1164 N NH2 . ARG A 1 145 ? 4.363   -18.917 -0.223  1.00 56.23  ? 145  ARG A NH2 1 
ATOM   1165 N N   . VAL A 1 146 ? 2.019   -14.398 -6.150  1.00 59.33  ? 146  VAL A N   1 
ATOM   1166 C CA  . VAL A 1 146 ? 0.632   -14.002 -5.927  1.00 51.66  ? 146  VAL A CA  1 
ATOM   1167 C C   . VAL A 1 146 ? -0.231  -14.467 -7.091  1.00 45.62  ? 146  VAL A C   1 
ATOM   1168 O O   . VAL A 1 146 ? -1.164  -15.246 -6.913  1.00 38.04  ? 146  VAL A O   1 
ATOM   1169 C CB  . VAL A 1 146 ? 0.498   -12.474 -5.802  1.00 48.96  ? 146  VAL A CB  1 
ATOM   1170 C CG1 . VAL A 1 146 ? -0.949  -12.097 -5.443  1.00 48.64  ? 146  VAL A CG1 1 
ATOM   1171 C CG2 . VAL A 1 146 ? 1.474   -11.963 -4.755  1.00 42.81  ? 146  VAL A CG2 1 
ATOM   1172 N N   . GLU A 1 147 ? 0.093   -13.982 -8.281  1.00 48.15  ? 147  GLU A N   1 
ATOM   1173 C CA  . GLU A 1 147 ? -0.635  -14.341 -9.487  1.00 54.74  ? 147  GLU A CA  1 
ATOM   1174 C C   . GLU A 1 147 ? -0.846  -15.856 -9.582  1.00 57.49  ? 147  GLU A C   1 
ATOM   1175 O O   . GLU A 1 147 ? -1.787  -16.318 -10.224 1.00 69.05  ? 147  GLU A O   1 
ATOM   1176 C CB  . GLU A 1 147 ? 0.144   -13.848 -10.709 1.00 58.36  ? 147  GLU A CB  1 
ATOM   1177 C CG  . GLU A 1 147 ? -0.408  -14.275 -12.048 1.00 62.11  ? 147  GLU A CG  1 
ATOM   1178 C CD  . GLU A 1 147 ? 0.639   -14.188 -13.142 1.00 63.95  ? 147  GLU A CD  1 
ATOM   1179 O OE1 . GLU A 1 147 ? 1.600   -14.988 -13.112 1.00 73.84  ? 147  GLU A OE1 1 
ATOM   1180 O OE2 . GLU A 1 147 ? 0.512   -13.316 -14.027 1.00 57.78  ? 147  GLU A OE2 1 
ATOM   1181 N N   . GLY A 1 148 ? 0.028   -16.620 -8.930  1.00 56.88  ? 148  GLY A N   1 
ATOM   1182 C CA  . GLY A 1 148 ? -0.069  -18.070 -8.971  1.00 53.18  ? 148  GLY A CA  1 
ATOM   1183 C C   . GLY A 1 148 ? -0.966  -18.650 -7.900  1.00 54.36  ? 148  GLY A C   1 
ATOM   1184 O O   . GLY A 1 148 ? -1.001  -19.868 -7.673  1.00 39.00  ? 148  GLY A O   1 
ATOM   1185 N N   . MET A 1 149 ? -1.698  -17.774 -7.228  1.00 65.78  ? 149  MET A N   1 
ATOM   1186 C CA  . MET A 1 149 ? -2.600  -18.207 -6.180  1.00 77.20  ? 149  MET A CA  1 
ATOM   1187 C C   . MET A 1 149 ? -3.758  -17.237 -6.077  1.00 80.74  ? 149  MET A C   1 
ATOM   1188 O O   . MET A 1 149 ? -4.387  -17.124 -5.027  1.00 80.25  ? 149  MET A O   1 
ATOM   1189 C CB  . MET A 1 149 ? -1.859  -18.287 -4.848  1.00 83.48  ? 149  MET A CB  1 
ATOM   1190 C CG  . MET A 1 149 ? -0.630  -19.178 -4.891  1.00 85.03  ? 149  MET A CG  1 
ATOM   1191 S SD  . MET A 1 149 ? 0.226   -19.224 -3.329  1.00 82.93  ? 149  MET A SD  1 
ATOM   1192 C CE  . MET A 1 149 ? 0.807   -17.548 -3.223  1.00 63.37  ? 149  MET A CE  1 
ATOM   1193 N N   . ARG A 1 150 ? -4.034  -16.537 -7.176  1.00 83.78  ? 150  ARG A N   1 
ATOM   1194 C CA  . ARG A 1 150 ? -5.134  -15.585 -7.218  1.00 88.53  ? 150  ARG A CA  1 
ATOM   1195 C C   . ARG A 1 150 ? -6.385  -16.366 -6.849  1.00 91.96  ? 150  ARG A C   1 
ATOM   1196 O O   . ARG A 1 150 ? -7.398  -15.795 -6.459  1.00 95.29  ? 150  ARG A O   1 
ATOM   1197 C CB  . ARG A 1 150 ? -5.272  -14.997 -8.628  1.00 92.50  ? 150  ARG A CB  1 
ATOM   1198 C CG  . ARG A 1 150 ? -6.109  -13.712 -8.728  1.00 97.53  ? 150  ARG A CG  1 
ATOM   1199 C CD  . ARG A 1 150 ? -7.615  -13.964 -8.838  1.00 103.92 ? 150  ARG A CD  1 
ATOM   1200 N NE  . ARG A 1 150 ? -8.354  -12.723 -9.089  1.00 108.35 ? 150  ARG A NE  1 
ATOM   1201 C CZ  . ARG A 1 150 ? -9.654  -12.657 -9.377  1.00 109.01 ? 150  ARG A CZ  1 
ATOM   1202 N NH1 . ARG A 1 150 ? -10.382 -13.762 -9.456  1.00 107.73 ? 150  ARG A NH1 1 
ATOM   1203 N NH2 . ARG A 1 150 ? -10.228 -11.481 -9.592  1.00 109.42 ? 150  ARG A NH2 1 
ATOM   1204 N N   . LYS A 1 151 ? -6.296  -17.688 -6.972  1.00 94.75  ? 151  LYS A N   1 
ATOM   1205 C CA  . LYS A 1 151 ? -7.402  -18.578 -6.644  1.00 96.97  ? 151  LYS A CA  1 
ATOM   1206 C C   . LYS A 1 151 ? -7.559  -18.677 -5.128  1.00 91.90  ? 151  LYS A C   1 
ATOM   1207 O O   . LYS A 1 151 ? -8.552  -18.214 -4.564  1.00 72.71  ? 151  LYS A O   1 
ATOM   1208 C CB  . LYS A 1 151 ? -7.148  -19.967 -7.240  1.00 101.94 ? 151  LYS A CB  1 
ATOM   1209 C CG  . LYS A 1 151 ? -8.162  -21.031 -6.828  1.00 104.91 ? 151  LYS A CG  1 
ATOM   1210 C CD  . LYS A 1 151 ? -9.574  -20.729 -7.325  1.00 103.91 ? 151  LYS A CD  1 
ATOM   1211 C CE  . LYS A 1 151 ? -9.695  -20.859 -8.837  1.00 101.00 ? 151  LYS A CE  1 
ATOM   1212 N NZ  . LYS A 1 151 ? -11.116 -20.748 -9.290  1.00 94.27  ? 151  LYS A NZ  1 
ATOM   1213 N N   . SER A 1 152 ? -6.571  -19.279 -4.473  1.00 94.01  ? 152  SER A N   1 
ATOM   1214 C CA  . SER A 1 152 ? -6.597  -19.435 -3.022  1.00 95.00  ? 152  SER A CA  1 
ATOM   1215 C C   . SER A 1 152 ? -6.520  -18.082 -2.329  1.00 93.67  ? 152  SER A C   1 
ATOM   1216 O O   . SER A 1 152 ? -7.096  -17.896 -1.258  1.00 90.47  ? 152  SER A O   1 
ATOM   1217 C CB  . SER A 1 152 ? -5.432  -20.310 -2.557  1.00 95.34  ? 152  SER A CB  1 
ATOM   1218 O OG  . SER A 1 152 ? -5.396  -20.410 -1.143  1.00 90.82  ? 152  SER A OG  1 
ATOM   1219 N N   . TRP A 1 153 ? -5.797  -17.145 -2.935  1.00 93.20  ? 153  TRP A N   1 
ATOM   1220 C CA  . TRP A 1 153 ? -5.666  -15.811 -2.367  1.00 95.98  ? 153  TRP A CA  1 
ATOM   1221 C C   . TRP A 1 153 ? -7.041  -15.247 -2.073  1.00 92.59  ? 153  TRP A C   1 
ATOM   1222 O O   . TRP A 1 153 ? -7.264  -14.679 -1.007  1.00 87.62  ? 153  TRP A O   1 
ATOM   1223 C CB  . TRP A 1 153 ? -4.923  -14.879 -3.331  1.00 101.42 ? 153  TRP A CB  1 
ATOM   1224 C CG  . TRP A 1 153 ? -3.433  -14.920 -3.183  1.00 105.38 ? 153  TRP A CG  1 
ATOM   1225 C CD1 . TRP A 1 153 ? -2.508  -14.919 -4.190  1.00 107.09 ? 153  TRP A CD1 1 
ATOM   1226 C CD2 . TRP A 1 153 ? -2.691  -14.956 -1.957  1.00 108.32 ? 153  TRP A CD2 1 
ATOM   1227 N NE1 . TRP A 1 153 ? -1.238  -14.956 -3.665  1.00 110.10 ? 153  TRP A NE1 1 
ATOM   1228 C CE2 . TRP A 1 153 ? -1.321  -14.979 -2.297  1.00 111.90 ? 153  TRP A CE2 1 
ATOM   1229 C CE3 . TRP A 1 153 ? -3.052  -14.970 -0.601  1.00 108.95 ? 153  TRP A CE3 1 
ATOM   1230 C CZ2 . TRP A 1 153 ? -0.308  -15.016 -1.331  1.00 114.17 ? 153  TRP A CZ2 1 
ATOM   1231 C CZ3 . TRP A 1 153 ? -2.044  -15.008 0.360   1.00 110.16 ? 153  TRP A CZ3 1 
ATOM   1232 C CH2 . TRP A 1 153 ? -0.689  -15.030 -0.013  1.00 112.77 ? 153  TRP A CH2 1 
ATOM   1233 N N   . LEU A 1 154 ? -7.961  -15.417 -3.017  1.00 90.08  ? 154  LEU A N   1 
ATOM   1234 C CA  . LEU A 1 154 ? -9.320  -14.918 -2.849  1.00 84.43  ? 154  LEU A CA  1 
ATOM   1235 C C   . LEU A 1 154 ? -10.133 -15.799 -1.909  1.00 88.38  ? 154  LEU A C   1 
ATOM   1236 O O   . LEU A 1 154 ? -10.852 -15.290 -1.043  1.00 93.60  ? 154  LEU A O   1 
ATOM   1237 C CB  . LEU A 1 154 ? -10.032 -14.817 -4.198  1.00 74.18  ? 154  LEU A CB  1 
ATOM   1238 C CG  . LEU A 1 154 ? -9.412  -13.936 -5.287  1.00 68.68  ? 154  LEU A CG  1 
ATOM   1239 C CD1 . LEU A 1 154 ? -10.539 -13.379 -6.150  1.00 64.86  ? 154  LEU A CD1 1 
ATOM   1240 C CD2 . LEU A 1 154 ? -8.605  -12.795 -4.679  1.00 58.05  ? 154  LEU A CD2 1 
ATOM   1241 N N   . LYS A 1 155 ? -10.031 -17.115 -2.082  1.00 88.60  ? 155  LYS A N   1 
ATOM   1242 C CA  . LYS A 1 155 ? -10.759 -18.038 -1.220  1.00 85.24  ? 155  LYS A CA  1 
ATOM   1243 C C   . LYS A 1 155 ? -10.346 -17.743 0.222   1.00 87.12  ? 155  LYS A C   1 
ATOM   1244 O O   . LYS A 1 155 ? -11.173 -17.769 1.137   1.00 98.13  ? 155  LYS A O   1 
ATOM   1245 C CB  . LYS A 1 155 ? -10.428 -19.492 -1.577  1.00 79.80  ? 155  LYS A CB  1 
ATOM   1246 C CG  . LYS A 1 155 ? -11.211 -20.522 -0.762  1.00 76.03  ? 155  LYS A CG  1 
ATOM   1247 C CD  . LYS A 1 155 ? -10.800 -21.957 -1.085  1.00 74.43  ? 155  LYS A CD  1 
ATOM   1248 C CE  . LYS A 1 155 ? -9.317  -22.203 -0.811  1.00 72.83  ? 155  LYS A CE  1 
ATOM   1249 N NZ  . LYS A 1 155 ? -8.908  -21.843 0.581   1.00 65.11  ? 155  LYS A NZ  1 
ATOM   1250 N N   . ASN A 1 156 ? -9.057  -17.456 0.405   1.00 85.37  ? 156  ASN A N   1 
ATOM   1251 C CA  . ASN A 1 156 ? -8.497  -17.122 1.714   1.00 81.88  ? 156  ASN A CA  1 
ATOM   1252 C C   . ASN A 1 156 ? -9.161  -15.852 2.241   1.00 77.88  ? 156  ASN A C   1 
ATOM   1253 O O   . ASN A 1 156 ? -9.634  -15.799 3.382   1.00 86.79  ? 156  ASN A O   1 
ATOM   1254 C CB  . ASN A 1 156 ? -6.985  -16.888 1.592   1.00 83.55  ? 156  ASN A CB  1 
ATOM   1255 C CG  . ASN A 1 156 ? -6.173  -18.149 1.813   1.00 86.81  ? 156  ASN A CG  1 
ATOM   1256 O OD1 . ASN A 1 156 ? -4.978  -18.189 1.518   1.00 94.04  ? 156  ASN A OD1 1 
ATOM   1257 N ND2 . ASN A 1 156 ? -6.814  -19.181 2.347   1.00 84.87  ? 156  ASN A ND2 1 
ATOM   1258 N N   . ILE A 1 157 ? -9.183  -14.831 1.387   1.00 72.18  ? 157  ILE A N   1 
ATOM   1259 C CA  . ILE A 1 157 ? -9.769  -13.541 1.715   1.00 69.49  ? 157  ILE A CA  1 
ATOM   1260 C C   . ILE A 1 157 ? -11.263 -13.680 1.970   1.00 76.10  ? 157  ILE A C   1 
ATOM   1261 O O   . ILE A 1 157 ? -11.717 -13.628 3.112   1.00 81.52  ? 157  ILE A O   1 
ATOM   1262 C CB  . ILE A 1 157 ? -9.537  -12.533 0.567   1.00 64.39  ? 157  ILE A CB  1 
ATOM   1263 C CG1 . ILE A 1 157 ? -8.030  -12.317 0.375   1.00 63.70  ? 157  ILE A CG1 1 
ATOM   1264 C CG2 . ILE A 1 157 ? -10.245 -11.216 0.873   1.00 50.21  ? 157  ILE A CG2 1 
ATOM   1265 C CD1 . ILE A 1 157 ? -7.663  -11.547 -0.871  1.00 50.63  ? 157  ILE A CD1 1 
ATOM   1266 N N   . TYR A 1 158 ? -12.022 -13.866 0.898   1.00 78.66  ? 158  TYR A N   1 
ATOM   1267 C CA  . TYR A 1 158 ? -13.466 -14.009 1.005   1.00 82.19  ? 158  TYR A CA  1 
ATOM   1268 C C   . TYR A 1 158 ? -13.840 -15.372 1.585   1.00 86.36  ? 158  TYR A C   1 
ATOM   1269 O O   . TYR A 1 158 ? -14.453 -16.199 0.904   1.00 95.50  ? 158  TYR A O   1 
ATOM   1270 C CB  . TYR A 1 158 ? -14.113 -13.834 -0.374  1.00 83.15  ? 158  TYR A CB  1 
ATOM   1271 C CG  . TYR A 1 158 ? -13.788 -12.515 -1.038  1.00 83.99  ? 158  TYR A CG  1 
ATOM   1272 C CD1 . TYR A 1 158 ? -12.493 -12.231 -1.475  1.00 83.63  ? 158  TYR A CD1 1 
ATOM   1273 C CD2 . TYR A 1 158 ? -14.771 -11.543 -1.218  1.00 84.99  ? 158  TYR A CD2 1 
ATOM   1274 C CE1 . TYR A 1 158 ? -12.186 -11.010 -2.077  1.00 84.80  ? 158  TYR A CE1 1 
ATOM   1275 C CE2 . TYR A 1 158 ? -14.477 -10.319 -1.816  1.00 84.31  ? 158  TYR A CE2 1 
ATOM   1276 C CZ  . TYR A 1 158 ? -13.182 -10.057 -2.245  1.00 83.65  ? 158  TYR A CZ  1 
ATOM   1277 O OH  . TYR A 1 158 ? -12.888 -8.849  -2.840  1.00 74.32  ? 158  TYR A OH  1 
ATOM   1278 N N   . SER A 1 159 ? -13.470 -15.607 2.842   1.00 90.36  ? 159  SER A N   1 
ATOM   1279 C CA  . SER A 1 159 ? -13.786 -16.873 3.493   1.00 95.05  ? 159  SER A CA  1 
ATOM   1280 C C   . SER A 1 159 ? -14.956 -16.713 4.461   1.00 96.91  ? 159  SER A C   1 
ATOM   1281 O O   . SER A 1 159 ? -15.425 -15.567 4.643   1.00 105.49 ? 159  SER A O   1 
ATOM   1282 C CB  . SER A 1 159 ? -12.558 -17.416 4.242   1.00 96.55  ? 159  SER A CB  1 
ATOM   1283 O OG  . SER A 1 159 ? -12.177 -16.573 5.315   1.00 98.12  ? 159  SER A OG  1 
HETATM 1284 P P   . 4NP B 2 .   ? 9.575   2.481   -1.272  1.00 52.76  ? 401  4NP A P   1 
HETATM 1285 O O1  . 4NP B 2 .   ? 11.133  2.444   -0.640  1.00 56.71  ? 401  4NP A O1  1 
HETATM 1286 O O2  . 4NP B 2 .   ? 9.785   3.047   -2.659  1.00 53.03  ? 401  4NP A O2  1 
HETATM 1287 O O3  . 4NP B 2 .   ? 8.745   3.358   -0.335  1.00 51.58  ? 401  4NP A O3  1 
HETATM 1288 O O4  . 4NP B 2 .   ? 9.146   1.047   -1.239  1.00 49.68  ? 401  4NP A O4  1 
HETATM 1289 C C1  . 4NP B 2 .   ? 11.964  3.501   -0.344  1.00 60.03  ? 401  4NP A C1  1 
HETATM 1290 C C2  . 4NP B 2 .   ? 12.665  3.540   0.912   1.00 61.21  ? 401  4NP A C2  1 
HETATM 1291 C C3  . 4NP B 2 .   ? 13.532  4.627   1.228   1.00 63.69  ? 401  4NP A C3  1 
HETATM 1292 C C4  . 4NP B 2 .   ? 13.703  5.690   0.290   1.00 64.59  ? 401  4NP A C4  1 
HETATM 1293 C C5  . 4NP B 2 .   ? 13.019  5.683   -0.966  1.00 62.61  ? 401  4NP A C5  1 
HETATM 1294 C C6  . 4NP B 2 .   ? 12.152  4.595   -1.289  1.00 61.14  ? 401  4NP A C6  1 
HETATM 1295 N N   . 4NP B 2 .   ? 14.615  6.845   0.624   1.00 66.77  ? 401  4NP A N   1 
HETATM 1296 O O5  . 4NP B 2 .   ? 14.742  7.739   -0.213  1.00 69.32  ? 401  4NP A O5  1 
HETATM 1297 O O6  . 4NP B 2 .   ? 15.193  6.847   1.719   1.00 65.19  ? 401  4NP A O6  1 
HETATM 1298 O O   . HOH C 3 .   ? 3.919   13.481  -3.449  1.00 35.52  ? 5201 HOH A O   1 
HETATM 1299 O O   . HOH C 3 .   ? -9.473  4.938   -11.646 1.00 14.66  ? 5202 HOH A O   1 
HETATM 1300 O O   . HOH C 3 .   ? 11.047  -1.015  -2.339  1.00 14.86  ? 5203 HOH A O   1 
HETATM 1301 O O   . HOH C 3 .   ? 2.517   15.298  -5.193  1.00 31.64  ? 5204 HOH A O   1 
HETATM 1302 O O   . HOH C 3 .   ? -21.784 -16.924 9.069   1.00 38.59  ? 5205 HOH A O   1 
HETATM 1303 O O   . HOH C 3 .   ? -12.461 -10.950 -11.029 1.00 21.88  ? 5206 HOH A O   1 
HETATM 1304 O O   . HOH C 3 .   ? 1.966   12.406  -0.486  1.00 30.61  ? 5207 HOH A O   1 
HETATM 1305 O O   . HOH C 3 .   ? 17.417  -2.547  -0.023  1.00 29.81  ? 5208 HOH A O   1 
HETATM 1306 O O   . HOH C 3 .   ? 16.133  -11.231 -3.523  1.00 41.88  ? 5209 HOH A O   1 
HETATM 1307 O O   . HOH C 3 .   ? 16.110  -5.688  0.027   1.00 38.34  ? 5210 HOH A O   1 
HETATM 1308 O O   . HOH C 3 .   ? 2.359   10.424  -14.337 1.00 45.88  ? 5211 HOH A O   1 
HETATM 1309 O O   . HOH C 3 .   ? -4.650  -19.372 -8.991  1.00 31.72  ? 5212 HOH A O   1 
HETATM 1310 O O   . HOH C 3 .   ? -1.274  -0.749  13.562  1.00 48.25  ? 5213 HOH A O   1 
HETATM 1311 O O   . HOH C 3 .   ? -14.506 -16.213 7.060   1.00 34.79  ? 5214 HOH A O   1 
HETATM 1312 O O   . HOH C 3 .   ? 16.457  -7.721  -4.298  1.00 54.23  ? 5215 HOH A O   1 
HETATM 1313 O O   . HOH C 3 .   ? 11.058  9.114   -4.402  1.00 26.28  ? 5216 HOH A O   1 
HETATM 1314 O O   . HOH C 3 .   ? 10.246  15.685  -9.094  1.00 40.67  ? 5217 HOH A O   1 
HETATM 1315 O O   . HOH C 3 .   ? 7.629   16.387  -0.316  1.00 46.96  ? 5218 HOH A O   1 
HETATM 1316 O O   . HOH C 3 .   ? 11.746  9.088   1.244   1.00 17.29  ? 5219 HOH A O   1 
HETATM 1317 O O   . HOH C 3 .   ? 12.330  17.588  1.992   1.00 17.29  ? 5220 HOH A O   1 
HETATM 1318 O O   . HOH C 3 .   ? 12.762  15.538  4.613   1.00 17.29  ? 5221 HOH A O   1 
HETATM 1319 O O   . HOH C 3 .   ? -13.991 -8.458  4.345   1.00 17.29  ? 5222 HOH A O   1 
HETATM 1320 O O   . HOH C 3 .   ? -16.353 -7.384  -0.350  1.00 17.29  ? 5223 HOH A O   1 
HETATM 1321 O O   . HOH C 3 .   ? -17.478 -12.558 -0.285  1.00 17.29  ? 5224 HOH A O   1 
HETATM 1322 O O   . HOH C 3 .   ? -17.135 -11.698 -2.940  1.00 17.29  ? 5225 HOH A O   1 
HETATM 1323 O O   . HOH C 3 .   ? -13.406 -12.313 -6.597  1.00 17.29  ? 5226 HOH A O   1 
HETATM 1324 O O   . HOH C 3 .   ? 10.886  11.846  -0.159  1.00 16.30  ? 5227 HOH A O   1 
HETATM 1325 O O   . HOH C 3 .   ? 12.410  14.529  0.785   1.00 16.30  ? 5228 HOH A O   1 
HETATM 1326 O O   . HOH C 3 .   ? 9.450   18.617  -1.372  1.00 16.30  ? 5229 HOH A O   1 
HETATM 1327 O O   . HOH C 3 .   ? 14.986  2.945   -1.703  1.00 15.41  ? 5230 HOH A O   1 
HETATM 1328 O O   . HOH C 3 .   ? 13.896  4.390   4.380   1.00 15.48  ? 5231 HOH A O   1 
HETATM 1329 O O   . HOH C 3 .   ? 15.764  14.217  4.057   1.00 15.48  ? 5232 HOH A O   1 
# 
loop_
_pdbx_poly_seq_scheme.asym_id 
_pdbx_poly_seq_scheme.entity_id 
_pdbx_poly_seq_scheme.seq_id 
_pdbx_poly_seq_scheme.mon_id 
_pdbx_poly_seq_scheme.ndb_seq_num 
_pdbx_poly_seq_scheme.pdb_seq_num 
_pdbx_poly_seq_scheme.auth_seq_num 
_pdbx_poly_seq_scheme.pdb_mon_id 
_pdbx_poly_seq_scheme.auth_mon_id 
_pdbx_poly_seq_scheme.pdb_strand_id 
_pdbx_poly_seq_scheme.pdb_ins_code 
_pdbx_poly_seq_scheme.hetero 
A 1 1   MET 1   1   1   MET MET A . n 
A 1 2   TYR 2   2   2   TYR TYR A . n 
A 1 3   TRP 3   3   3   TRP TRP A . n 
A 1 4   VAL 4   4   4   VAL VAL A . n 
A 1 5   ARG 5   5   5   ARG ARG A . n 
A 1 6   ARG 6   6   6   ARG ARG A . n 
A 1 7   LYS 7   7   7   LYS LYS A . n 
A 1 8   THR 8   8   8   THR THR A . n 
A 1 9   ILE 9   9   9   ILE ILE A . n 
A 1 10  GLY 10  10  10  GLY GLY A . n 
A 1 11  GLY 11  11  11  GLY GLY A . n 
A 1 12  SER 12  12  12  SER SER A . n 
A 1 13  GLY 13  13  13  GLY GLY A . n 
A 1 14  LEU 14  14  14  LEU LEU A . n 
A 1 15  PRO 15  15  15  PRO PRO A . n 
A 1 16  TYR 16  16  16  TYR TYR A . n 
A 1 17  THR 17  17  17  THR THR A . n 
A 1 18  GLU 18  18  18  GLU GLU A . n 
A 1 19  ASN 19  19  19  ASN ASN A . n 
A 1 20  GLU 20  20  20  GLU GLU A . n 
A 1 21  ILE 21  21  21  ILE ILE A . n 
A 1 22  LEU 22  22  22  LEU LEU A . n 
A 1 23  GLU 23  23  23  GLU GLU A . n 
A 1 24  TRP 24  24  24  TRP TRP A . n 
A 1 25  ARG 25  25  25  ARG ARG A . n 
A 1 26  LYS 26  26  26  LYS LYS A . n 
A 1 27  GLU 27  27  27  GLU GLU A . n 
A 1 28  GLY 28  28  28  GLY GLY A . n 
A 1 29  VAL 29  29  29  VAL VAL A . n 
A 1 30  LYS 30  30  30  LYS LYS A . n 
A 1 31  ARG 31  31  31  ARG ARG A . n 
A 1 32  VAL 32  32  32  VAL VAL A . n 
A 1 33  LEU 33  33  33  LEU LEU A . n 
A 1 34  VAL 34  34  34  VAL VAL A . n 
A 1 35  LEU 35  35  35  LEU LEU A . n 
A 1 36  PRO 36  36  36  PRO PRO A . n 
A 1 37  GLU 37  37  37  GLU GLU A . n 
A 1 38  ASP 38  38  38  ASP ASP A . n 
A 1 39  TRP 39  39  39  TRP TRP A . n 
A 1 40  GLU 40  40  40  GLU GLU A . n 
A 1 41  ILE 41  41  41  ILE ILE A . n 
A 1 42  GLU 42  42  42  GLU GLU A . n 
A 1 43  GLU 43  43  43  GLU GLU A . n 
A 1 44  SER 44  44  44  SER SER A . n 
A 1 45  TRP 45  45  45  TRP TRP A . n 
A 1 46  GLY 46  46  46  GLY GLY A . n 
A 1 47  ASP 47  47  47  ASP ASP A . n 
A 1 48  LYS 48  48  48  LYS LYS A . n 
A 1 49  ASP 49  49  49  ASP ASP A . n 
A 1 50  TYR 50  50  50  TYR TYR A . n 
A 1 51  TYR 51  51  51  TYR TYR A . n 
A 1 52  LEU 52  52  52  LEU LEU A . n 
A 1 53  SER 53  53  53  SER SER A . n 
A 1 54  ILE 54  54  54  ILE ILE A . n 
A 1 55  LEU 55  55  55  LEU LEU A . n 
A 1 56  LYS 56  56  56  LYS LYS A . n 
A 1 57  LYS 57  57  57  LYS LYS A . n 
A 1 58  ASN 58  58  58  ASN ASN A . n 
A 1 59  GLY 59  59  59  GLY GLY A . n 
A 1 60  LEU 60  60  60  LEU LEU A . n 
A 1 61  GLN 61  61  61  GLN GLN A . n 
A 1 62  PRO 62  62  62  PRO PRO A . n 
A 1 63  LEU 63  63  63  LEU LEU A . n 
A 1 64  HIS 64  64  64  HIS HIS A . n 
A 1 65  ILE 65  65  65  ILE ILE A . n 
A 1 66  PRO 66  66  66  PRO PRO A . n 
A 1 67  ILE 67  67  67  ILE ILE A . n 
A 1 68  PRO 68  68  68  PRO PRO A . n 
A 1 69  ASP 69  69  69  ASP ASP A . n 
A 1 70  GLY 70  70  70  GLY GLY A . n 
A 1 71  GLY 71  71  71  GLY GLY A . n 
A 1 72  VAL 72  72  72  VAL VAL A . n 
A 1 73  PRO 73  73  73  PRO PRO A . n 
A 1 74  SER 74  74  74  SER SER A . n 
A 1 75  ASP 75  75  75  ASP ASP A . n 
A 1 76  SER 76  76  76  SER SER A . n 
A 1 77  GLN 77  77  77  GLN GLN A . n 
A 1 78  PHE 78  78  78  PHE PHE A . n 
A 1 79  LEU 79  79  79  LEU LEU A . n 
A 1 80  THR 80  80  80  THR THR A . n 
A 1 81  ILE 81  81  81  ILE ILE A . n 
A 1 82  MET 82  82  82  MET MET A . n 
A 1 83  LYS 83  83  83  LYS LYS A . n 
A 1 84  TRP 84  84  84  TRP TRP A . n 
A 1 85  LEU 85  85  85  LEU LEU A . n 
A 1 86  LEU 86  86  86  LEU LEU A . n 
A 1 87  SER 87  87  87  SER SER A . n 
A 1 88  GLU 88  88  88  GLU GLU A . n 
A 1 89  LYS 89  89  89  LYS LYS A . n 
A 1 90  GLU 90  90  90  GLU GLU A . n 
A 1 91  GLY 91  91  91  GLY GLY A . n 
A 1 92  ASN 92  92  92  ASN ASN A . n 
A 1 93  LEU 93  93  93  LEU LEU A . n 
A 1 94  VAL 94  94  94  VAL VAL A . n 
A 1 95  HIS 95  95  95  HIS HIS A . n 
A 1 96  SER 96  96  96  SER SER A . n 
A 1 97  VAL 97  97  97  VAL VAL A . n 
A 1 98  GLY 98  98  98  GLY GLY A . n 
A 1 99  GLY 99  99  99  GLY GLY A . n 
A 1 100 ILE 100 100 100 ILE ILE A . n 
A 1 101 GLY 101 101 101 GLY GLY A . n 
A 1 102 ARG 102 102 102 ARG ARG A . n 
A 1 103 THR 103 103 103 THR THR A . n 
A 1 104 GLY 104 104 104 GLY GLY A . n 
A 1 105 THR 105 105 105 THR THR A . n 
A 1 106 ILE 106 106 106 ILE ILE A . n 
A 1 107 LEU 107 107 107 LEU LEU A . n 
A 1 108 ALA 108 108 108 ALA ALA A . n 
A 1 109 SER 109 109 109 SER SER A . n 
A 1 110 TYR 110 110 110 TYR TYR A . n 
A 1 111 LEU 111 111 111 LEU LEU A . n 
A 1 112 ILE 112 112 112 ILE ILE A . n 
A 1 113 LEU 113 113 113 LEU LEU A . n 
A 1 114 THR 114 114 114 THR THR A . n 
A 1 115 GLU 115 115 115 GLU GLU A . n 
A 1 116 GLY 116 116 116 GLY GLY A . n 
A 1 117 LEU 117 117 117 LEU LEU A . n 
A 1 118 GLU 118 118 118 GLU GLU A . n 
A 1 119 VAL 119 119 119 VAL VAL A . n 
A 1 120 GLU 120 120 120 GLU GLU A . n 
A 1 121 SER 121 121 121 SER SER A . n 
A 1 122 ALA 122 122 122 ALA ALA A . n 
A 1 123 ILE 123 123 123 ILE ILE A . n 
A 1 124 ASP 124 124 124 ASP ASP A . n 
A 1 125 GLU 125 125 125 GLU GLU A . n 
A 1 126 VAL 126 126 126 VAL VAL A . n 
A 1 127 ARG 127 127 127 ARG ARG A . n 
A 1 128 LEU 128 128 128 LEU LEU A . n 
A 1 129 VAL 129 129 129 VAL VAL A . n 
A 1 130 ARG 130 130 130 ARG ARG A . n 
A 1 131 PRO 131 131 131 PRO PRO A . n 
A 1 132 GLY 132 132 132 GLY GLY A . n 
A 1 133 ALA 133 133 133 ALA ALA A . n 
A 1 134 VAL 134 134 134 VAL VAL A . n 
A 1 135 GLN 135 135 135 GLN GLN A . n 
A 1 136 THR 136 136 136 THR THR A . n 
A 1 137 TYR 137 137 137 TYR TYR A . n 
A 1 138 GLU 138 138 138 GLU GLU A . n 
A 1 139 GLN 139 139 139 GLN GLN A . n 
A 1 140 GLU 140 140 140 GLU GLU A . n 
A 1 141 MET 141 141 141 MET MET A . n 
A 1 142 PHE 142 142 142 PHE PHE A . n 
A 1 143 LEU 143 143 143 LEU LEU A . n 
A 1 144 LEU 144 144 144 LEU LEU A . n 
A 1 145 ARG 145 145 145 ARG ARG A . n 
A 1 146 VAL 146 146 146 VAL VAL A . n 
A 1 147 GLU 147 147 147 GLU GLU A . n 
A 1 148 GLY 148 148 148 GLY GLY A . n 
A 1 149 MET 149 149 149 MET MET A . n 
A 1 150 ARG 150 150 150 ARG ARG A . n 
A 1 151 LYS 151 151 151 LYS LYS A . n 
A 1 152 SER 152 152 152 SER SER A . n 
A 1 153 TRP 153 153 153 TRP TRP A . n 
A 1 154 LEU 154 154 154 LEU LEU A . n 
A 1 155 LYS 155 155 155 LYS LYS A . n 
A 1 156 ASN 156 156 156 ASN ASN A . n 
A 1 157 ILE 157 157 157 ILE ILE A . n 
A 1 158 TYR 158 158 158 TYR TYR A . n 
A 1 159 SER 159 159 159 SER SER A . n 
A 1 160 ASN 160 160 ?   ?   ?   A . n 
A 1 161 SER 161 161 ?   ?   ?   A . n 
# 
loop_
_pdbx_nonpoly_scheme.asym_id 
_pdbx_nonpoly_scheme.entity_id 
_pdbx_nonpoly_scheme.mon_id 
_pdbx_nonpoly_scheme.ndb_seq_num 
_pdbx_nonpoly_scheme.pdb_seq_num 
_pdbx_nonpoly_scheme.auth_seq_num 
_pdbx_nonpoly_scheme.pdb_mon_id 
_pdbx_nonpoly_scheme.auth_mon_id 
_pdbx_nonpoly_scheme.pdb_strand_id 
_pdbx_nonpoly_scheme.pdb_ins_code 
B 2 4NP 1  401  401  4NP 4NP A . 
C 3 HOH 1  5201 5201 HOH TIP A . 
C 3 HOH 2  5202 5202 HOH TIP A . 
C 3 HOH 3  5203 5203 HOH TIP A . 
C 3 HOH 4  5204 5204 HOH TIP A . 
C 3 HOH 5  5205 5205 HOH TIP A . 
C 3 HOH 6  5206 5206 HOH TIP A . 
C 3 HOH 7  5207 5207 HOH TIP A . 
C 3 HOH 8  5208 5208 HOH TIP A . 
C 3 HOH 9  5209 5209 HOH TIP A . 
C 3 HOH 10 5210 5210 HOH TIP A . 
C 3 HOH 11 5211 5211 HOH TIP A . 
C 3 HOH 12 5212 5212 HOH TIP A . 
C 3 HOH 13 5213 5213 HOH TIP A . 
C 3 HOH 14 5214 5214 HOH TIP A . 
C 3 HOH 15 5215 5215 HOH TIP A . 
C 3 HOH 16 5216 5216 HOH TIP A . 
C 3 HOH 17 5217 5217 HOH TIP A . 
C 3 HOH 18 5218 5218 HOH TIP A . 
C 3 HOH 19 5219 5219 HOH TIP A . 
C 3 HOH 20 5220 5220 HOH TIP A . 
C 3 HOH 21 5221 5221 HOH TIP A . 
C 3 HOH 22 5222 5222 HOH TIP A . 
C 3 HOH 23 5223 5223 HOH TIP A . 
C 3 HOH 24 5224 5224 HOH TIP A . 
C 3 HOH 25 5225 5225 HOH TIP A . 
C 3 HOH 26 5226 5226 HOH TIP A . 
C 3 HOH 27 5227 5227 HOH TIP A . 
C 3 HOH 28 5228 5228 HOH TIP A . 
C 3 HOH 29 5229 5229 HOH TIP A . 
C 3 HOH 30 5230 5230 HOH TIP A . 
C 3 HOH 31 5231 5231 HOH TIP A . 
C 3 HOH 32 5232 5232 HOH TIP A . 
# 
_pdbx_struct_assembly.id                   1 
_pdbx_struct_assembly.details              author_defined_assembly 
_pdbx_struct_assembly.method_details       ? 
_pdbx_struct_assembly.oligomeric_details   monomeric 
_pdbx_struct_assembly.oligomeric_count     1 
# 
_pdbx_struct_assembly_gen.assembly_id       1 
_pdbx_struct_assembly_gen.oper_expression   1 
_pdbx_struct_assembly_gen.asym_id_list      A,B,C 
# 
_pdbx_struct_oper_list.id                   1 
_pdbx_struct_oper_list.type                 'identity operation' 
_pdbx_struct_oper_list.name                 1_555 
_pdbx_struct_oper_list.symmetry_operation   x,y,z 
_pdbx_struct_oper_list.matrix[1][1]         1.0000000000 
_pdbx_struct_oper_list.matrix[1][2]         0.0000000000 
_pdbx_struct_oper_list.matrix[1][3]         0.0000000000 
_pdbx_struct_oper_list.vector[1]            0.0000000000 
_pdbx_struct_oper_list.matrix[2][1]         0.0000000000 
_pdbx_struct_oper_list.matrix[2][2]         1.0000000000 
_pdbx_struct_oper_list.matrix[2][3]         0.0000000000 
_pdbx_struct_oper_list.vector[2]            0.0000000000 
_pdbx_struct_oper_list.matrix[3][1]         0.0000000000 
_pdbx_struct_oper_list.matrix[3][2]         0.0000000000 
_pdbx_struct_oper_list.matrix[3][3]         1.0000000000 
_pdbx_struct_oper_list.vector[3]            0.0000000000 
# 
loop_
_pdbx_audit_revision_history.ordinal 
_pdbx_audit_revision_history.data_content_type 
_pdbx_audit_revision_history.major_revision 
_pdbx_audit_revision_history.minor_revision 
_pdbx_audit_revision_history.revision_date 
1 'Structure model' 1 0 2007-03-13 
2 'Structure model' 1 1 2008-05-01 
3 'Structure model' 1 2 2011-07-13 
4 'Structure model' 1 3 2021-11-10 
5 'Structure model' 1 4 2023-10-25 
# 
_pdbx_audit_revision_details.ordinal             1 
_pdbx_audit_revision_details.revision_ordinal    1 
_pdbx_audit_revision_details.data_content_type   'Structure model' 
_pdbx_audit_revision_details.provider            repository 
_pdbx_audit_revision_details.type                'Initial release' 
_pdbx_audit_revision_details.description         ? 
_pdbx_audit_revision_details.details             ? 
# 
loop_
_pdbx_audit_revision_group.ordinal 
_pdbx_audit_revision_group.revision_ordinal 
_pdbx_audit_revision_group.data_content_type 
_pdbx_audit_revision_group.group 
1 2 'Structure model' 'Version format compliance' 
2 3 'Structure model' 'Version format compliance' 
3 4 'Structure model' 'Database references'       
4 4 'Structure model' 'Derived calculations'      
5 5 'Structure model' 'Data collection'           
6 5 'Structure model' 'Refinement description'    
# 
loop_
_pdbx_audit_revision_category.ordinal 
_pdbx_audit_revision_category.revision_ordinal 
_pdbx_audit_revision_category.data_content_type 
_pdbx_audit_revision_category.category 
1 4 'Structure model' database_2                    
2 4 'Structure model' struct_ref_seq_dif            
3 4 'Structure model' struct_site                   
4 5 'Structure model' chem_comp_atom                
5 5 'Structure model' chem_comp_bond                
6 5 'Structure model' pdbx_initial_refinement_model 
# 
loop_
_pdbx_audit_revision_item.ordinal 
_pdbx_audit_revision_item.revision_ordinal 
_pdbx_audit_revision_item.data_content_type 
_pdbx_audit_revision_item.item 
1 4 'Structure model' '_database_2.pdbx_DOI'                
2 4 'Structure model' '_database_2.pdbx_database_accession' 
3 4 'Structure model' '_struct_ref_seq_dif.details'         
4 4 'Structure model' '_struct_site.pdbx_auth_asym_id'      
5 4 'Structure model' '_struct_site.pdbx_auth_comp_id'      
6 4 'Structure model' '_struct_site.pdbx_auth_seq_id'       
# 
loop_
_software.name 
_software.classification 
_software.version 
_software.citation_id 
_software.pdbx_ordinal 
CrystalClear 'data collection' '(MSC/RIGAKU)' ? 1 
AMoRE        phasing           .              ? 2 
CNS          refinement        1.1            ? 3 
DENZO        'data reduction'  .              ? 4 
SCALEPACK    'data scaling'    .              ? 5 
# 
loop_
_pdbx_validate_torsion.id 
_pdbx_validate_torsion.PDB_model_num 
_pdbx_validate_torsion.auth_comp_id 
_pdbx_validate_torsion.auth_asym_id 
_pdbx_validate_torsion.auth_seq_id 
_pdbx_validate_torsion.PDB_ins_code 
_pdbx_validate_torsion.label_alt_id 
_pdbx_validate_torsion.phi 
_pdbx_validate_torsion.psi 
1  1 ARG A 6   ? ? -51.68  104.44  
2  1 LYS A 30  ? ? -130.52 -43.10  
3  1 LEU A 60  ? ? -15.48  115.87  
4  1 SER A 87  ? ? -176.34 32.24   
5  1 GLU A 88  ? ? -179.49 0.56    
6  1 LYS A 89  ? ? 31.10   -75.68  
7  1 SER A 96  ? ? -124.74 -143.39 
8  1 ILE A 100 ? ? -130.16 -59.80  
9  1 VAL A 134 ? ? 81.08   119.03  
10 1 MET A 149 ? ? -151.32 24.37   
11 1 ILE A 157 ? ? -63.36  -74.07  
# 
loop_
_pdbx_unobs_or_zero_occ_residues.id 
_pdbx_unobs_or_zero_occ_residues.PDB_model_num 
_pdbx_unobs_or_zero_occ_residues.polymer_flag 
_pdbx_unobs_or_zero_occ_residues.occupancy_flag 
_pdbx_unobs_or_zero_occ_residues.auth_asym_id 
_pdbx_unobs_or_zero_occ_residues.auth_comp_id 
_pdbx_unobs_or_zero_occ_residues.auth_seq_id 
_pdbx_unobs_or_zero_occ_residues.PDB_ins_code 
_pdbx_unobs_or_zero_occ_residues.label_asym_id 
_pdbx_unobs_or_zero_occ_residues.label_comp_id 
_pdbx_unobs_or_zero_occ_residues.label_seq_id 
1 1 Y 1 A ASN 160 ? A ASN 160 
2 1 Y 1 A SER 161 ? A SER 161 
# 
loop_
_chem_comp_atom.comp_id 
_chem_comp_atom.atom_id 
_chem_comp_atom.type_symbol 
_chem_comp_atom.pdbx_aromatic_flag 
_chem_comp_atom.pdbx_stereo_config 
_chem_comp_atom.pdbx_ordinal 
4NP P    P N N 1   
4NP O1   O N N 2   
4NP O2   O N N 3   
4NP O3   O N N 4   
4NP O4   O N N 5   
4NP C1   C Y N 6   
4NP C2   C Y N 7   
4NP C3   C Y N 8   
4NP C4   C Y N 9   
4NP C5   C Y N 10  
4NP C6   C Y N 11  
4NP N    N N N 12  
4NP O5   O N N 13  
4NP O6   O N N 14  
4NP HO3  H N N 15  
4NP HO4  H N N 16  
4NP H21  H N N 17  
4NP H31  H N N 18  
4NP H51  H N N 19  
4NP H61  H N N 20  
ALA N    N N N 21  
ALA CA   C N S 22  
ALA C    C N N 23  
ALA O    O N N 24  
ALA CB   C N N 25  
ALA OXT  O N N 26  
ALA H    H N N 27  
ALA H2   H N N 28  
ALA HA   H N N 29  
ALA HB1  H N N 30  
ALA HB2  H N N 31  
ALA HB3  H N N 32  
ALA HXT  H N N 33  
ARG N    N N N 34  
ARG CA   C N S 35  
ARG C    C N N 36  
ARG O    O N N 37  
ARG CB   C N N 38  
ARG CG   C N N 39  
ARG CD   C N N 40  
ARG NE   N N N 41  
ARG CZ   C N N 42  
ARG NH1  N N N 43  
ARG NH2  N N N 44  
ARG OXT  O N N 45  
ARG H    H N N 46  
ARG H2   H N N 47  
ARG HA   H N N 48  
ARG HB2  H N N 49  
ARG HB3  H N N 50  
ARG HG2  H N N 51  
ARG HG3  H N N 52  
ARG HD2  H N N 53  
ARG HD3  H N N 54  
ARG HE   H N N 55  
ARG HH11 H N N 56  
ARG HH12 H N N 57  
ARG HH21 H N N 58  
ARG HH22 H N N 59  
ARG HXT  H N N 60  
ASN N    N N N 61  
ASN CA   C N S 62  
ASN C    C N N 63  
ASN O    O N N 64  
ASN CB   C N N 65  
ASN CG   C N N 66  
ASN OD1  O N N 67  
ASN ND2  N N N 68  
ASN OXT  O N N 69  
ASN H    H N N 70  
ASN H2   H N N 71  
ASN HA   H N N 72  
ASN HB2  H N N 73  
ASN HB3  H N N 74  
ASN HD21 H N N 75  
ASN HD22 H N N 76  
ASN HXT  H N N 77  
ASP N    N N N 78  
ASP CA   C N S 79  
ASP C    C N N 80  
ASP O    O N N 81  
ASP CB   C N N 82  
ASP CG   C N N 83  
ASP OD1  O N N 84  
ASP OD2  O N N 85  
ASP OXT  O N N 86  
ASP H    H N N 87  
ASP H2   H N N 88  
ASP HA   H N N 89  
ASP HB2  H N N 90  
ASP HB3  H N N 91  
ASP HD2  H N N 92  
ASP HXT  H N N 93  
CYS N    N N N 94  
CYS CA   C N R 95  
CYS C    C N N 96  
CYS O    O N N 97  
CYS CB   C N N 98  
CYS SG   S N N 99  
CYS OXT  O N N 100 
CYS H    H N N 101 
CYS H2   H N N 102 
CYS HA   H N N 103 
CYS HB2  H N N 104 
CYS HB3  H N N 105 
CYS HG   H N N 106 
CYS HXT  H N N 107 
GLN N    N N N 108 
GLN CA   C N S 109 
GLN C    C N N 110 
GLN O    O N N 111 
GLN CB   C N N 112 
GLN CG   C N N 113 
GLN CD   C N N 114 
GLN OE1  O N N 115 
GLN NE2  N N N 116 
GLN OXT  O N N 117 
GLN H    H N N 118 
GLN H2   H N N 119 
GLN HA   H N N 120 
GLN HB2  H N N 121 
GLN HB3  H N N 122 
GLN HG2  H N N 123 
GLN HG3  H N N 124 
GLN HE21 H N N 125 
GLN HE22 H N N 126 
GLN HXT  H N N 127 
GLU N    N N N 128 
GLU CA   C N S 129 
GLU C    C N N 130 
GLU O    O N N 131 
GLU CB   C N N 132 
GLU CG   C N N 133 
GLU CD   C N N 134 
GLU OE1  O N N 135 
GLU OE2  O N N 136 
GLU OXT  O N N 137 
GLU H    H N N 138 
GLU H2   H N N 139 
GLU HA   H N N 140 
GLU HB2  H N N 141 
GLU HB3  H N N 142 
GLU HG2  H N N 143 
GLU HG3  H N N 144 
GLU HE2  H N N 145 
GLU HXT  H N N 146 
GLY N    N N N 147 
GLY CA   C N N 148 
GLY C    C N N 149 
GLY O    O N N 150 
GLY OXT  O N N 151 
GLY H    H N N 152 
GLY H2   H N N 153 
GLY HA2  H N N 154 
GLY HA3  H N N 155 
GLY HXT  H N N 156 
HIS N    N N N 157 
HIS CA   C N S 158 
HIS C    C N N 159 
HIS O    O N N 160 
HIS CB   C N N 161 
HIS CG   C Y N 162 
HIS ND1  N Y N 163 
HIS CD2  C Y N 164 
HIS CE1  C Y N 165 
HIS NE2  N Y N 166 
HIS OXT  O N N 167 
HIS H    H N N 168 
HIS H2   H N N 169 
HIS HA   H N N 170 
HIS HB2  H N N 171 
HIS HB3  H N N 172 
HIS HD1  H N N 173 
HIS HD2  H N N 174 
HIS HE1  H N N 175 
HIS HE2  H N N 176 
HIS HXT  H N N 177 
HOH O    O N N 178 
HOH H1   H N N 179 
HOH H2   H N N 180 
ILE N    N N N 181 
ILE CA   C N S 182 
ILE C    C N N 183 
ILE O    O N N 184 
ILE CB   C N S 185 
ILE CG1  C N N 186 
ILE CG2  C N N 187 
ILE CD1  C N N 188 
ILE OXT  O N N 189 
ILE H    H N N 190 
ILE H2   H N N 191 
ILE HA   H N N 192 
ILE HB   H N N 193 
ILE HG12 H N N 194 
ILE HG13 H N N 195 
ILE HG21 H N N 196 
ILE HG22 H N N 197 
ILE HG23 H N N 198 
ILE HD11 H N N 199 
ILE HD12 H N N 200 
ILE HD13 H N N 201 
ILE HXT  H N N 202 
LEU N    N N N 203 
LEU CA   C N S 204 
LEU C    C N N 205 
LEU O    O N N 206 
LEU CB   C N N 207 
LEU CG   C N N 208 
LEU CD1  C N N 209 
LEU CD2  C N N 210 
LEU OXT  O N N 211 
LEU H    H N N 212 
LEU H2   H N N 213 
LEU HA   H N N 214 
LEU HB2  H N N 215 
LEU HB3  H N N 216 
LEU HG   H N N 217 
LEU HD11 H N N 218 
LEU HD12 H N N 219 
LEU HD13 H N N 220 
LEU HD21 H N N 221 
LEU HD22 H N N 222 
LEU HD23 H N N 223 
LEU HXT  H N N 224 
LYS N    N N N 225 
LYS CA   C N S 226 
LYS C    C N N 227 
LYS O    O N N 228 
LYS CB   C N N 229 
LYS CG   C N N 230 
LYS CD   C N N 231 
LYS CE   C N N 232 
LYS NZ   N N N 233 
LYS OXT  O N N 234 
LYS H    H N N 235 
LYS H2   H N N 236 
LYS HA   H N N 237 
LYS HB2  H N N 238 
LYS HB3  H N N 239 
LYS HG2  H N N 240 
LYS HG3  H N N 241 
LYS HD2  H N N 242 
LYS HD3  H N N 243 
LYS HE2  H N N 244 
LYS HE3  H N N 245 
LYS HZ1  H N N 246 
LYS HZ2  H N N 247 
LYS HZ3  H N N 248 
LYS HXT  H N N 249 
MET N    N N N 250 
MET CA   C N S 251 
MET C    C N N 252 
MET O    O N N 253 
MET CB   C N N 254 
MET CG   C N N 255 
MET SD   S N N 256 
MET CE   C N N 257 
MET OXT  O N N 258 
MET H    H N N 259 
MET H2   H N N 260 
MET HA   H N N 261 
MET HB2  H N N 262 
MET HB3  H N N 263 
MET HG2  H N N 264 
MET HG3  H N N 265 
MET HE1  H N N 266 
MET HE2  H N N 267 
MET HE3  H N N 268 
MET HXT  H N N 269 
PHE N    N N N 270 
PHE CA   C N S 271 
PHE C    C N N 272 
PHE O    O N N 273 
PHE CB   C N N 274 
PHE CG   C Y N 275 
PHE CD1  C Y N 276 
PHE CD2  C Y N 277 
PHE CE1  C Y N 278 
PHE CE2  C Y N 279 
PHE CZ   C Y N 280 
PHE OXT  O N N 281 
PHE H    H N N 282 
PHE H2   H N N 283 
PHE HA   H N N 284 
PHE HB2  H N N 285 
PHE HB3  H N N 286 
PHE HD1  H N N 287 
PHE HD2  H N N 288 
PHE HE1  H N N 289 
PHE HE2  H N N 290 
PHE HZ   H N N 291 
PHE HXT  H N N 292 
PRO N    N N N 293 
PRO CA   C N S 294 
PRO C    C N N 295 
PRO O    O N N 296 
PRO CB   C N N 297 
PRO CG   C N N 298 
PRO CD   C N N 299 
PRO OXT  O N N 300 
PRO H    H N N 301 
PRO HA   H N N 302 
PRO HB2  H N N 303 
PRO HB3  H N N 304 
PRO HG2  H N N 305 
PRO HG3  H N N 306 
PRO HD2  H N N 307 
PRO HD3  H N N 308 
PRO HXT  H N N 309 
SER N    N N N 310 
SER CA   C N S 311 
SER C    C N N 312 
SER O    O N N 313 
SER CB   C N N 314 
SER OG   O N N 315 
SER OXT  O N N 316 
SER H    H N N 317 
SER H2   H N N 318 
SER HA   H N N 319 
SER HB2  H N N 320 
SER HB3  H N N 321 
SER HG   H N N 322 
SER HXT  H N N 323 
THR N    N N N 324 
THR CA   C N S 325 
THR C    C N N 326 
THR O    O N N 327 
THR CB   C N R 328 
THR OG1  O N N 329 
THR CG2  C N N 330 
THR OXT  O N N 331 
THR H    H N N 332 
THR H2   H N N 333 
THR HA   H N N 334 
THR HB   H N N 335 
THR HG1  H N N 336 
THR HG21 H N N 337 
THR HG22 H N N 338 
THR HG23 H N N 339 
THR HXT  H N N 340 
TRP N    N N N 341 
TRP CA   C N S 342 
TRP C    C N N 343 
TRP O    O N N 344 
TRP CB   C N N 345 
TRP CG   C Y N 346 
TRP CD1  C Y N 347 
TRP CD2  C Y N 348 
TRP NE1  N Y N 349 
TRP CE2  C Y N 350 
TRP CE3  C Y N 351 
TRP CZ2  C Y N 352 
TRP CZ3  C Y N 353 
TRP CH2  C Y N 354 
TRP OXT  O N N 355 
TRP H    H N N 356 
TRP H2   H N N 357 
TRP HA   H N N 358 
TRP HB2  H N N 359 
TRP HB3  H N N 360 
TRP HD1  H N N 361 
TRP HE1  H N N 362 
TRP HE3  H N N 363 
TRP HZ2  H N N 364 
TRP HZ3  H N N 365 
TRP HH2  H N N 366 
TRP HXT  H N N 367 
TYR N    N N N 368 
TYR CA   C N S 369 
TYR C    C N N 370 
TYR O    O N N 371 
TYR CB   C N N 372 
TYR CG   C Y N 373 
TYR CD1  C Y N 374 
TYR CD2  C Y N 375 
TYR CE1  C Y N 376 
TYR CE2  C Y N 377 
TYR CZ   C Y N 378 
TYR OH   O N N 379 
TYR OXT  O N N 380 
TYR H    H N N 381 
TYR H2   H N N 382 
TYR HA   H N N 383 
TYR HB2  H N N 384 
TYR HB3  H N N 385 
TYR HD1  H N N 386 
TYR HD2  H N N 387 
TYR HE1  H N N 388 
TYR HE2  H N N 389 
TYR HH   H N N 390 
TYR HXT  H N N 391 
VAL N    N N N 392 
VAL CA   C N S 393 
VAL C    C N N 394 
VAL O    O N N 395 
VAL CB   C N N 396 
VAL CG1  C N N 397 
VAL CG2  C N N 398 
VAL OXT  O N N 399 
VAL H    H N N 400 
VAL H2   H N N 401 
VAL HA   H N N 402 
VAL HB   H N N 403 
VAL HG11 H N N 404 
VAL HG12 H N N 405 
VAL HG13 H N N 406 
VAL HG21 H N N 407 
VAL HG22 H N N 408 
VAL HG23 H N N 409 
VAL HXT  H N N 410 
# 
loop_
_chem_comp_bond.comp_id 
_chem_comp_bond.atom_id_1 
_chem_comp_bond.atom_id_2 
_chem_comp_bond.value_order 
_chem_comp_bond.pdbx_aromatic_flag 
_chem_comp_bond.pdbx_stereo_config 
_chem_comp_bond.pdbx_ordinal 
4NP P   O1   sing N N 1   
4NP P   O2   doub N N 2   
4NP P   O3   sing N N 3   
4NP P   O4   sing N N 4   
4NP O1  C1   sing N N 5   
4NP O3  HO3  sing N N 6   
4NP O4  HO4  sing N N 7   
4NP C1  C2   doub Y N 8   
4NP C1  C6   sing Y N 9   
4NP C2  C3   sing Y N 10  
4NP C2  H21  sing N N 11  
4NP C3  C4   doub Y N 12  
4NP C3  H31  sing N N 13  
4NP C4  C5   sing Y N 14  
4NP C4  N    sing N N 15  
4NP C5  C6   doub Y N 16  
4NP C5  H51  sing N N 17  
4NP C6  H61  sing N N 18  
4NP N   O5   sing N N 19  
4NP N   O6   doub N N 20  
ALA N   CA   sing N N 21  
ALA N   H    sing N N 22  
ALA N   H2   sing N N 23  
ALA CA  C    sing N N 24  
ALA CA  CB   sing N N 25  
ALA CA  HA   sing N N 26  
ALA C   O    doub N N 27  
ALA C   OXT  sing N N 28  
ALA CB  HB1  sing N N 29  
ALA CB  HB2  sing N N 30  
ALA CB  HB3  sing N N 31  
ALA OXT HXT  sing N N 32  
ARG N   CA   sing N N 33  
ARG N   H    sing N N 34  
ARG N   H2   sing N N 35  
ARG CA  C    sing N N 36  
ARG CA  CB   sing N N 37  
ARG CA  HA   sing N N 38  
ARG C   O    doub N N 39  
ARG C   OXT  sing N N 40  
ARG CB  CG   sing N N 41  
ARG CB  HB2  sing N N 42  
ARG CB  HB3  sing N N 43  
ARG CG  CD   sing N N 44  
ARG CG  HG2  sing N N 45  
ARG CG  HG3  sing N N 46  
ARG CD  NE   sing N N 47  
ARG CD  HD2  sing N N 48  
ARG CD  HD3  sing N N 49  
ARG NE  CZ   sing N N 50  
ARG NE  HE   sing N N 51  
ARG CZ  NH1  sing N N 52  
ARG CZ  NH2  doub N N 53  
ARG NH1 HH11 sing N N 54  
ARG NH1 HH12 sing N N 55  
ARG NH2 HH21 sing N N 56  
ARG NH2 HH22 sing N N 57  
ARG OXT HXT  sing N N 58  
ASN N   CA   sing N N 59  
ASN N   H    sing N N 60  
ASN N   H2   sing N N 61  
ASN CA  C    sing N N 62  
ASN CA  CB   sing N N 63  
ASN CA  HA   sing N N 64  
ASN C   O    doub N N 65  
ASN C   OXT  sing N N 66  
ASN CB  CG   sing N N 67  
ASN CB  HB2  sing N N 68  
ASN CB  HB3  sing N N 69  
ASN CG  OD1  doub N N 70  
ASN CG  ND2  sing N N 71  
ASN ND2 HD21 sing N N 72  
ASN ND2 HD22 sing N N 73  
ASN OXT HXT  sing N N 74  
ASP N   CA   sing N N 75  
ASP N   H    sing N N 76  
ASP N   H2   sing N N 77  
ASP CA  C    sing N N 78  
ASP CA  CB   sing N N 79  
ASP CA  HA   sing N N 80  
ASP C   O    doub N N 81  
ASP C   OXT  sing N N 82  
ASP CB  CG   sing N N 83  
ASP CB  HB2  sing N N 84  
ASP CB  HB3  sing N N 85  
ASP CG  OD1  doub N N 86  
ASP CG  OD2  sing N N 87  
ASP OD2 HD2  sing N N 88  
ASP OXT HXT  sing N N 89  
CYS N   CA   sing N N 90  
CYS N   H    sing N N 91  
CYS N   H2   sing N N 92  
CYS CA  C    sing N N 93  
CYS CA  CB   sing N N 94  
CYS CA  HA   sing N N 95  
CYS C   O    doub N N 96  
CYS C   OXT  sing N N 97  
CYS CB  SG   sing N N 98  
CYS CB  HB2  sing N N 99  
CYS CB  HB3  sing N N 100 
CYS SG  HG   sing N N 101 
CYS OXT HXT  sing N N 102 
GLN N   CA   sing N N 103 
GLN N   H    sing N N 104 
GLN N   H2   sing N N 105 
GLN CA  C    sing N N 106 
GLN CA  CB   sing N N 107 
GLN CA  HA   sing N N 108 
GLN C   O    doub N N 109 
GLN C   OXT  sing N N 110 
GLN CB  CG   sing N N 111 
GLN CB  HB2  sing N N 112 
GLN CB  HB3  sing N N 113 
GLN CG  CD   sing N N 114 
GLN CG  HG2  sing N N 115 
GLN CG  HG3  sing N N 116 
GLN CD  OE1  doub N N 117 
GLN CD  NE2  sing N N 118 
GLN NE2 HE21 sing N N 119 
GLN NE2 HE22 sing N N 120 
GLN OXT HXT  sing N N 121 
GLU N   CA   sing N N 122 
GLU N   H    sing N N 123 
GLU N   H2   sing N N 124 
GLU CA  C    sing N N 125 
GLU CA  CB   sing N N 126 
GLU CA  HA   sing N N 127 
GLU C   O    doub N N 128 
GLU C   OXT  sing N N 129 
GLU CB  CG   sing N N 130 
GLU CB  HB2  sing N N 131 
GLU CB  HB3  sing N N 132 
GLU CG  CD   sing N N 133 
GLU CG  HG2  sing N N 134 
GLU CG  HG3  sing N N 135 
GLU CD  OE1  doub N N 136 
GLU CD  OE2  sing N N 137 
GLU OE2 HE2  sing N N 138 
GLU OXT HXT  sing N N 139 
GLY N   CA   sing N N 140 
GLY N   H    sing N N 141 
GLY N   H2   sing N N 142 
GLY CA  C    sing N N 143 
GLY CA  HA2  sing N N 144 
GLY CA  HA3  sing N N 145 
GLY C   O    doub N N 146 
GLY C   OXT  sing N N 147 
GLY OXT HXT  sing N N 148 
HIS N   CA   sing N N 149 
HIS N   H    sing N N 150 
HIS N   H2   sing N N 151 
HIS CA  C    sing N N 152 
HIS CA  CB   sing N N 153 
HIS CA  HA   sing N N 154 
HIS C   O    doub N N 155 
HIS C   OXT  sing N N 156 
HIS CB  CG   sing N N 157 
HIS CB  HB2  sing N N 158 
HIS CB  HB3  sing N N 159 
HIS CG  ND1  sing Y N 160 
HIS CG  CD2  doub Y N 161 
HIS ND1 CE1  doub Y N 162 
HIS ND1 HD1  sing N N 163 
HIS CD2 NE2  sing Y N 164 
HIS CD2 HD2  sing N N 165 
HIS CE1 NE2  sing Y N 166 
HIS CE1 HE1  sing N N 167 
HIS NE2 HE2  sing N N 168 
HIS OXT HXT  sing N N 169 
HOH O   H1   sing N N 170 
HOH O   H2   sing N N 171 
ILE N   CA   sing N N 172 
ILE N   H    sing N N 173 
ILE N   H2   sing N N 174 
ILE CA  C    sing N N 175 
ILE CA  CB   sing N N 176 
ILE CA  HA   sing N N 177 
ILE C   O    doub N N 178 
ILE C   OXT  sing N N 179 
ILE CB  CG1  sing N N 180 
ILE CB  CG2  sing N N 181 
ILE CB  HB   sing N N 182 
ILE CG1 CD1  sing N N 183 
ILE CG1 HG12 sing N N 184 
ILE CG1 HG13 sing N N 185 
ILE CG2 HG21 sing N N 186 
ILE CG2 HG22 sing N N 187 
ILE CG2 HG23 sing N N 188 
ILE CD1 HD11 sing N N 189 
ILE CD1 HD12 sing N N 190 
ILE CD1 HD13 sing N N 191 
ILE OXT HXT  sing N N 192 
LEU N   CA   sing N N 193 
LEU N   H    sing N N 194 
LEU N   H2   sing N N 195 
LEU CA  C    sing N N 196 
LEU CA  CB   sing N N 197 
LEU CA  HA   sing N N 198 
LEU C   O    doub N N 199 
LEU C   OXT  sing N N 200 
LEU CB  CG   sing N N 201 
LEU CB  HB2  sing N N 202 
LEU CB  HB3  sing N N 203 
LEU CG  CD1  sing N N 204 
LEU CG  CD2  sing N N 205 
LEU CG  HG   sing N N 206 
LEU CD1 HD11 sing N N 207 
LEU CD1 HD12 sing N N 208 
LEU CD1 HD13 sing N N 209 
LEU CD2 HD21 sing N N 210 
LEU CD2 HD22 sing N N 211 
LEU CD2 HD23 sing N N 212 
LEU OXT HXT  sing N N 213 
LYS N   CA   sing N N 214 
LYS N   H    sing N N 215 
LYS N   H2   sing N N 216 
LYS CA  C    sing N N 217 
LYS CA  CB   sing N N 218 
LYS CA  HA   sing N N 219 
LYS C   O    doub N N 220 
LYS C   OXT  sing N N 221 
LYS CB  CG   sing N N 222 
LYS CB  HB2  sing N N 223 
LYS CB  HB3  sing N N 224 
LYS CG  CD   sing N N 225 
LYS CG  HG2  sing N N 226 
LYS CG  HG3  sing N N 227 
LYS CD  CE   sing N N 228 
LYS CD  HD2  sing N N 229 
LYS CD  HD3  sing N N 230 
LYS CE  NZ   sing N N 231 
LYS CE  HE2  sing N N 232 
LYS CE  HE3  sing N N 233 
LYS NZ  HZ1  sing N N 234 
LYS NZ  HZ2  sing N N 235 
LYS NZ  HZ3  sing N N 236 
LYS OXT HXT  sing N N 237 
MET N   CA   sing N N 238 
MET N   H    sing N N 239 
MET N   H2   sing N N 240 
MET CA  C    sing N N 241 
MET CA  CB   sing N N 242 
MET CA  HA   sing N N 243 
MET C   O    doub N N 244 
MET C   OXT  sing N N 245 
MET CB  CG   sing N N 246 
MET CB  HB2  sing N N 247 
MET CB  HB3  sing N N 248 
MET CG  SD   sing N N 249 
MET CG  HG2  sing N N 250 
MET CG  HG3  sing N N 251 
MET SD  CE   sing N N 252 
MET CE  HE1  sing N N 253 
MET CE  HE2  sing N N 254 
MET CE  HE3  sing N N 255 
MET OXT HXT  sing N N 256 
PHE N   CA   sing N N 257 
PHE N   H    sing N N 258 
PHE N   H2   sing N N 259 
PHE CA  C    sing N N 260 
PHE CA  CB   sing N N 261 
PHE CA  HA   sing N N 262 
PHE C   O    doub N N 263 
PHE C   OXT  sing N N 264 
PHE CB  CG   sing N N 265 
PHE CB  HB2  sing N N 266 
PHE CB  HB3  sing N N 267 
PHE CG  CD1  doub Y N 268 
PHE CG  CD2  sing Y N 269 
PHE CD1 CE1  sing Y N 270 
PHE CD1 HD1  sing N N 271 
PHE CD2 CE2  doub Y N 272 
PHE CD2 HD2  sing N N 273 
PHE CE1 CZ   doub Y N 274 
PHE CE1 HE1  sing N N 275 
PHE CE2 CZ   sing Y N 276 
PHE CE2 HE2  sing N N 277 
PHE CZ  HZ   sing N N 278 
PHE OXT HXT  sing N N 279 
PRO N   CA   sing N N 280 
PRO N   CD   sing N N 281 
PRO N   H    sing N N 282 
PRO CA  C    sing N N 283 
PRO CA  CB   sing N N 284 
PRO CA  HA   sing N N 285 
PRO C   O    doub N N 286 
PRO C   OXT  sing N N 287 
PRO CB  CG   sing N N 288 
PRO CB  HB2  sing N N 289 
PRO CB  HB3  sing N N 290 
PRO CG  CD   sing N N 291 
PRO CG  HG2  sing N N 292 
PRO CG  HG3  sing N N 293 
PRO CD  HD2  sing N N 294 
PRO CD  HD3  sing N N 295 
PRO OXT HXT  sing N N 296 
SER N   CA   sing N N 297 
SER N   H    sing N N 298 
SER N   H2   sing N N 299 
SER CA  C    sing N N 300 
SER CA  CB   sing N N 301 
SER CA  HA   sing N N 302 
SER C   O    doub N N 303 
SER C   OXT  sing N N 304 
SER CB  OG   sing N N 305 
SER CB  HB2  sing N N 306 
SER CB  HB3  sing N N 307 
SER OG  HG   sing N N 308 
SER OXT HXT  sing N N 309 
THR N   CA   sing N N 310 
THR N   H    sing N N 311 
THR N   H2   sing N N 312 
THR CA  C    sing N N 313 
THR CA  CB   sing N N 314 
THR CA  HA   sing N N 315 
THR C   O    doub N N 316 
THR C   OXT  sing N N 317 
THR CB  OG1  sing N N 318 
THR CB  CG2  sing N N 319 
THR CB  HB   sing N N 320 
THR OG1 HG1  sing N N 321 
THR CG2 HG21 sing N N 322 
THR CG2 HG22 sing N N 323 
THR CG2 HG23 sing N N 324 
THR OXT HXT  sing N N 325 
TRP N   CA   sing N N 326 
TRP N   H    sing N N 327 
TRP N   H2   sing N N 328 
TRP CA  C    sing N N 329 
TRP CA  CB   sing N N 330 
TRP CA  HA   sing N N 331 
TRP C   O    doub N N 332 
TRP C   OXT  sing N N 333 
TRP CB  CG   sing N N 334 
TRP CB  HB2  sing N N 335 
TRP CB  HB3  sing N N 336 
TRP CG  CD1  doub Y N 337 
TRP CG  CD2  sing Y N 338 
TRP CD1 NE1  sing Y N 339 
TRP CD1 HD1  sing N N 340 
TRP CD2 CE2  doub Y N 341 
TRP CD2 CE3  sing Y N 342 
TRP NE1 CE2  sing Y N 343 
TRP NE1 HE1  sing N N 344 
TRP CE2 CZ2  sing Y N 345 
TRP CE3 CZ3  doub Y N 346 
TRP CE3 HE3  sing N N 347 
TRP CZ2 CH2  doub Y N 348 
TRP CZ2 HZ2  sing N N 349 
TRP CZ3 CH2  sing Y N 350 
TRP CZ3 HZ3  sing N N 351 
TRP CH2 HH2  sing N N 352 
TRP OXT HXT  sing N N 353 
TYR N   CA   sing N N 354 
TYR N   H    sing N N 355 
TYR N   H2   sing N N 356 
TYR CA  C    sing N N 357 
TYR CA  CB   sing N N 358 
TYR CA  HA   sing N N 359 
TYR C   O    doub N N 360 
TYR C   OXT  sing N N 361 
TYR CB  CG   sing N N 362 
TYR CB  HB2  sing N N 363 
TYR CB  HB3  sing N N 364 
TYR CG  CD1  doub Y N 365 
TYR CG  CD2  sing Y N 366 
TYR CD1 CE1  sing Y N 367 
TYR CD1 HD1  sing N N 368 
TYR CD2 CE2  doub Y N 369 
TYR CD2 HD2  sing N N 370 
TYR CE1 CZ   doub Y N 371 
TYR CE1 HE1  sing N N 372 
TYR CE2 CZ   sing Y N 373 
TYR CE2 HE2  sing N N 374 
TYR CZ  OH   sing N N 375 
TYR OH  HH   sing N N 376 
TYR OXT HXT  sing N N 377 
VAL N   CA   sing N N 378 
VAL N   H    sing N N 379 
VAL N   H2   sing N N 380 
VAL CA  C    sing N N 381 
VAL CA  CB   sing N N 382 
VAL CA  HA   sing N N 383 
VAL C   O    doub N N 384 
VAL C   OXT  sing N N 385 
VAL CB  CG1  sing N N 386 
VAL CB  CG2  sing N N 387 
VAL CB  HB   sing N N 388 
VAL CG1 HG11 sing N N 389 
VAL CG1 HG12 sing N N 390 
VAL CG1 HG13 sing N N 391 
VAL CG2 HG21 sing N N 392 
VAL CG2 HG22 sing N N 393 
VAL CG2 HG23 sing N N 394 
VAL OXT HXT  sing N N 395 
# 
loop_
_pdbx_entity_nonpoly.entity_id 
_pdbx_entity_nonpoly.name 
_pdbx_entity_nonpoly.comp_id 
2 '4-NITROPHENYL PHOSPHATE' 4NP 
3 water                     HOH 
# 
_pdbx_initial_refinement_model.id               1 
_pdbx_initial_refinement_model.entity_id_list   ? 
_pdbx_initial_refinement_model.type             'experimental model' 
_pdbx_initial_refinement_model.source_name      PDB 
_pdbx_initial_refinement_model.accession_code   1OHE 
_pdbx_initial_refinement_model.details          ? 
# 
